data_6VQR
#
_entry.id   6VQR
#
_cell.length_a   1.00
_cell.length_b   1.00
_cell.length_c   1.00
_cell.angle_alpha   90.00
_cell.angle_beta   90.00
_cell.angle_gamma   90.00
#
_symmetry.space_group_name_H-M   'P 1'
#
loop_
_entity.id
_entity.type
_entity.pdbx_description
1 polymer 'Formate-nitrite transporter'
2 non-polymer (2R)-2-hydroxy-7-methoxy-2-(pentafluoroethyl)-2,3-dihydro-4H-1-benzopyran-4-one
#
_entity_poly.entity_id   1
_entity_poly.type   'polypeptide(L)'
_entity_poly.pdbx_seq_one_letter_code
;MPPNNSKYVLDPVSIKSVCGGEESYIRCVEYGKKKAHYSNLNLLAKAILAGMFVGLCAHASGIAGGLFYYHKLREIVGAS
MSVFVYGFTFPIAFMCIICTGSDLFTGNTLAVTMALYEKKVKLLDYLRVMTISLFGNYVGAVSFAFFVSYLSGAFTNVHA
VEKNHFFQFLNDIAEKKVHHTFVECVSLAVGCNIFVCLAVYFVLTLKDGAGYVFSVFFAVYAFAIAGYEHIIANIYTLNI
ALMVNTKITVYQAYIKNLLPTLLGNYIAGAIVLGLPLYFIYKEHYYNFERSKRDNNDAQMKSLSIELRN
;
_entity_poly.pdbx_strand_id   A,B,C,D,E
#
# COMPACT_ATOMS: atom_id res chain seq x y z
N PRO A 12 -10.26 -18.08 -17.11
CA PRO A 12 -10.50 -17.21 -15.96
C PRO A 12 -11.98 -17.02 -15.65
N VAL A 13 -12.55 -17.89 -14.82
CA VAL A 13 -13.93 -17.73 -14.41
C VAL A 13 -14.05 -16.48 -13.55
N SER A 14 -15.06 -15.67 -13.83
CA SER A 14 -15.22 -14.40 -13.13
C SER A 14 -15.64 -14.62 -11.70
N ILE A 15 -14.89 -14.04 -10.78
CA ILE A 15 -15.16 -14.13 -9.34
C ILE A 15 -15.49 -12.74 -8.82
N LYS A 16 -16.27 -12.70 -7.75
CA LYS A 16 -16.74 -11.45 -7.17
C LYS A 16 -16.60 -11.53 -5.66
N SER A 17 -15.64 -10.80 -5.10
CA SER A 17 -15.32 -10.88 -3.68
C SER A 17 -15.92 -9.72 -2.90
N VAL A 18 -17.14 -9.30 -3.23
CA VAL A 18 -17.77 -8.18 -2.56
C VAL A 18 -19.27 -8.32 -2.68
N CYS A 19 -19.97 -7.92 -1.62
CA CYS A 19 -21.40 -7.67 -1.66
C CYS A 19 -21.69 -6.55 -0.68
N GLY A 20 -22.70 -5.74 -0.99
CA GLY A 20 -23.00 -4.56 -0.18
C GLY A 20 -24.49 -4.39 0.05
N GLY A 21 -24.81 -3.39 0.86
CA GLY A 21 -26.18 -2.99 1.09
C GLY A 21 -27.00 -4.00 1.85
N GLU A 22 -27.88 -4.71 1.13
CA GLU A 22 -28.74 -5.71 1.75
C GLU A 22 -27.93 -6.84 2.40
N GLU A 23 -27.00 -7.42 1.65
CA GLU A 23 -26.35 -8.63 2.14
C GLU A 23 -25.45 -8.33 3.33
N SER A 24 -24.76 -7.19 3.29
CA SER A 24 -23.95 -6.79 4.44
C SER A 24 -24.82 -6.59 5.67
N TYR A 25 -26.03 -6.08 5.48
CA TYR A 25 -26.96 -5.93 6.60
C TYR A 25 -27.37 -7.27 7.15
N ILE A 26 -27.64 -8.25 6.28
CA ILE A 26 -27.96 -9.59 6.75
C ILE A 26 -26.82 -10.15 7.59
N ARG A 27 -25.60 -10.05 7.07
CA ARG A 27 -24.46 -10.58 7.81
C ARG A 27 -24.28 -9.87 9.15
N CYS A 28 -24.51 -8.56 9.18
CA CYS A 28 -24.35 -7.81 10.42
C CYS A 28 -25.38 -8.25 11.45
N VAL A 29 -26.65 -8.37 11.04
CA VAL A 29 -27.68 -8.75 12.00
C VAL A 29 -27.46 -10.18 12.48
N GLU A 30 -26.94 -11.06 11.64
CA GLU A 30 -26.70 -12.44 12.06
C GLU A 30 -25.53 -12.54 13.03
N TYR A 31 -24.42 -11.86 12.71
CA TYR A 31 -23.32 -11.79 13.66
C TYR A 31 -23.75 -11.13 14.95
N GLY A 32 -24.76 -10.26 14.90
CA GLY A 32 -25.25 -9.62 16.10
C GLY A 32 -26.04 -10.56 16.98
N LYS A 33 -27.04 -11.23 16.40
CA LYS A 33 -27.85 -12.15 17.18
C LYS A 33 -27.11 -13.43 17.53
N LYS A 34 -25.91 -13.63 16.98
CA LYS A 34 -25.12 -14.80 17.36
C LYS A 34 -24.70 -14.75 18.82
N LYS A 35 -24.12 -13.63 19.27
CA LYS A 35 -23.41 -13.58 20.53
C LYS A 35 -24.30 -13.78 21.75
N ALA A 36 -25.61 -13.79 21.60
CA ALA A 36 -26.50 -14.04 22.72
C ALA A 36 -26.55 -15.50 23.11
N HIS A 37 -25.81 -16.36 22.42
CA HIS A 37 -25.80 -17.80 22.68
C HIS A 37 -24.50 -18.28 23.32
N TYR A 38 -23.57 -17.38 23.60
CA TYR A 38 -22.33 -17.77 24.25
C TYR A 38 -22.51 -17.81 25.75
N SER A 39 -21.74 -18.67 26.39
CA SER A 39 -21.80 -18.81 27.84
C SER A 39 -21.15 -17.61 28.50
N ASN A 40 -21.66 -17.26 29.69
CA ASN A 40 -21.19 -16.06 30.37
C ASN A 40 -19.71 -16.10 30.67
N LEU A 41 -19.06 -17.25 30.53
CA LEU A 41 -17.63 -17.33 30.81
C LEU A 41 -16.79 -17.02 29.58
N ASN A 42 -17.04 -17.70 28.46
CA ASN A 42 -16.23 -17.43 27.29
C ASN A 42 -16.52 -16.05 26.71
N LEU A 43 -17.70 -15.50 26.98
CA LEU A 43 -17.98 -14.12 26.59
C LEU A 43 -17.06 -13.14 27.32
N LEU A 44 -16.97 -13.27 28.63
CA LEU A 44 -16.07 -12.41 29.41
C LEU A 44 -14.61 -12.67 29.05
N ALA A 45 -14.30 -13.92 28.74
CA ALA A 45 -12.94 -14.27 28.37
C ALA A 45 -12.58 -13.53 27.10
N LYS A 46 -13.51 -13.52 26.17
CA LYS A 46 -13.31 -12.83 24.91
C LYS A 46 -13.17 -11.32 25.13
N ALA A 47 -14.00 -10.78 26.01
CA ALA A 47 -13.97 -9.36 26.28
C ALA A 47 -12.63 -8.92 26.86
N ILE A 48 -12.09 -9.68 27.80
CA ILE A 48 -10.81 -9.30 28.38
C ILE A 48 -9.68 -9.46 27.37
N LEU A 49 -9.80 -10.40 26.43
CA LEU A 49 -8.76 -10.51 25.40
C LEU A 49 -8.80 -9.31 24.46
N ALA A 50 -9.99 -8.87 24.06
CA ALA A 50 -10.09 -7.66 23.25
C ALA A 50 -9.43 -6.49 23.97
N GLY A 51 -9.67 -6.37 25.27
CA GLY A 51 -9.04 -5.31 26.02
C GLY A 51 -7.52 -5.42 26.01
N MET A 52 -7.01 -6.63 26.18
CA MET A 52 -5.56 -6.78 26.19
C MET A 52 -4.96 -6.42 24.84
N PHE A 53 -5.67 -6.70 23.75
CA PHE A 53 -5.13 -6.38 22.44
C PHE A 53 -5.15 -4.89 22.16
N VAL A 54 -6.25 -4.21 22.50
CA VAL A 54 -6.27 -2.76 22.31
C VAL A 54 -5.21 -2.12 23.20
N GLY A 55 -4.94 -2.70 24.37
CA GLY A 55 -3.86 -2.18 25.19
C GLY A 55 -2.51 -2.36 24.52
N LEU A 56 -2.26 -3.56 23.97
CA LEU A 56 -1.04 -3.83 23.22
C LEU A 56 -0.79 -2.74 22.19
N CYS A 57 -1.78 -2.55 21.30
CA CYS A 57 -1.59 -1.68 20.16
C CYS A 57 -1.53 -0.22 20.58
N ALA A 58 -2.30 0.17 21.59
CA ALA A 58 -2.25 1.54 22.08
C ALA A 58 -0.91 1.85 22.72
N HIS A 59 -0.36 0.92 23.49
CA HIS A 59 0.95 1.15 24.08
C HIS A 59 2.01 1.30 22.99
N ALA A 60 1.99 0.41 22.01
CA ALA A 60 2.99 0.46 20.95
C ALA A 60 2.89 1.76 20.17
N SER A 61 1.67 2.14 19.80
CA SER A 61 1.47 3.37 19.03
C SER A 61 1.82 4.60 19.85
N GLY A 62 1.58 4.54 21.16
CA GLY A 62 1.92 5.68 22.00
C GLY A 62 3.41 5.90 22.08
N ILE A 63 4.17 4.83 22.26
CA ILE A 63 5.62 5.05 22.29
C ILE A 63 6.12 5.44 20.91
N ALA A 64 5.50 4.91 19.84
CA ALA A 64 5.90 5.30 18.49
C ALA A 64 5.67 6.78 18.25
N GLY A 65 4.53 7.30 18.70
CA GLY A 65 4.27 8.72 18.55
C GLY A 65 5.13 9.58 19.44
N GLY A 66 5.46 9.11 20.63
CA GLY A 66 6.37 9.84 21.48
C GLY A 66 7.76 9.91 20.91
N LEU A 67 8.13 8.93 20.10
CA LEU A 67 9.42 8.96 19.42
C LEU A 67 9.57 10.22 18.58
N PHE A 68 8.52 10.60 17.87
CA PHE A 68 8.55 11.76 17.00
C PHE A 68 8.29 13.06 17.74
N TYR A 69 8.16 13.01 19.05
CA TYR A 69 7.87 14.18 19.88
C TYR A 69 9.14 14.77 20.47
N TYR A 70 10.26 14.64 19.79
CA TYR A 70 11.55 15.06 20.30
C TYR A 70 11.52 16.52 20.73
N HIS A 71 12.52 16.91 21.51
CA HIS A 71 12.57 18.29 21.98
C HIS A 71 12.75 19.26 20.83
N LYS A 72 13.61 18.92 19.88
CA LYS A 72 13.93 19.81 18.77
C LYS A 72 13.00 19.63 17.58
N LEU A 73 12.32 18.50 17.49
CA LEU A 73 11.29 18.34 16.46
C LEU A 73 10.02 19.07 16.83
N ARG A 74 9.65 19.04 18.11
CA ARG A 74 8.44 19.73 18.57
C ARG A 74 8.52 21.23 18.31
N GLU A 75 9.71 21.81 18.38
CA GLU A 75 9.86 23.24 18.19
C GLU A 75 9.39 23.69 16.81
N ILE A 76 9.77 22.94 15.77
CA ILE A 76 9.57 23.35 14.40
C ILE A 76 8.54 22.51 13.69
N VAL A 77 7.90 21.57 14.37
CA VAL A 77 6.83 20.80 13.77
C VAL A 77 5.59 20.91 14.64
N GLY A 78 5.79 21.17 15.92
CA GLY A 78 4.67 21.33 16.84
C GLY A 78 3.61 20.23 16.99
N ALA A 79 4.07 19.00 17.19
CA ALA A 79 3.26 17.78 17.41
C ALA A 79 2.51 17.24 16.21
N SER A 80 2.86 17.73 15.03
CA SER A 80 2.26 17.29 13.81
C SER A 80 2.56 15.86 13.41
N MET A 81 3.80 15.42 13.63
CA MET A 81 4.21 14.09 13.18
C MET A 81 3.83 13.02 14.18
N SER A 82 3.86 13.36 15.47
CA SER A 82 3.54 12.41 16.53
C SER A 82 2.15 11.83 16.35
N VAL A 83 1.16 12.69 16.17
CA VAL A 83 -0.22 12.24 16.04
C VAL A 83 -0.39 11.41 14.79
N PHE A 84 0.33 11.74 13.72
CA PHE A 84 0.24 10.97 12.50
C PHE A 84 0.77 9.56 12.71
N VAL A 85 1.92 9.43 13.38
CA VAL A 85 2.47 8.10 13.60
C VAL A 85 1.62 7.32 14.61
N TYR A 86 0.99 8.01 15.55
CA TYR A 86 0.03 7.34 16.42
C TYR A 86 -1.10 6.73 15.60
N GLY A 87 -1.73 7.54 14.76
CA GLY A 87 -2.81 7.04 13.93
C GLY A 87 -2.38 5.94 12.99
N PHE A 88 -1.15 6.01 12.49
CA PHE A 88 -0.68 5.00 11.55
C PHE A 88 -0.31 3.70 12.24
N THR A 89 0.12 3.75 13.50
CA THR A 89 0.55 2.55 14.20
C THR A 89 -0.59 1.86 14.94
N PHE A 90 -1.62 2.58 15.34
CA PHE A 90 -2.72 1.96 16.06
C PHE A 90 -3.50 0.90 15.28
N PRO A 91 -3.87 1.09 14.00
CA PRO A 91 -5.01 0.35 13.45
C PRO A 91 -4.86 -1.16 13.34
N ILE A 92 -3.77 -1.75 13.84
CA ILE A 92 -3.64 -3.19 13.79
C ILE A 92 -4.54 -3.86 14.82
N ALA A 93 -4.94 -3.11 15.86
CA ALA A 93 -5.82 -3.65 16.89
C ALA A 93 -7.09 -4.24 16.30
N PHE A 94 -7.60 -3.64 15.22
CA PHE A 94 -8.80 -4.17 14.59
C PHE A 94 -8.57 -5.59 14.09
N MET A 95 -7.42 -5.80 13.47
CA MET A 95 -7.07 -7.11 12.94
C MET A 95 -6.93 -8.16 14.03
N CYS A 96 -6.33 -7.79 15.15
CA CYS A 96 -6.14 -8.76 16.22
C CYS A 96 -7.48 -9.23 16.73
N ILE A 97 -8.39 -8.30 16.99
CA ILE A 97 -9.68 -8.71 17.52
C ILE A 97 -10.54 -9.51 16.56
N ILE A 98 -10.67 -9.05 15.33
CA ILE A 98 -11.51 -9.75 14.39
C ILE A 98 -10.97 -11.14 14.10
N CYS A 99 -9.67 -11.22 13.91
CA CYS A 99 -9.01 -12.51 13.66
C CYS A 99 -9.11 -13.46 14.84
N THR A 100 -8.96 -12.93 16.05
CA THR A 100 -9.01 -13.76 17.24
C THR A 100 -10.33 -14.45 17.50
N GLY A 101 -11.40 -13.73 17.22
CA GLY A 101 -12.71 -14.19 17.59
C GLY A 101 -13.29 -13.48 18.78
N SER A 102 -12.66 -12.40 19.22
CA SER A 102 -13.11 -11.64 20.39
C SER A 102 -14.05 -10.52 19.95
N ASP A 103 -14.34 -9.59 20.86
CA ASP A 103 -15.26 -8.51 20.56
C ASP A 103 -14.98 -7.32 21.48
N LEU A 104 -15.03 -6.13 20.90
CA LEU A 104 -14.97 -4.89 21.67
C LEU A 104 -16.39 -4.36 21.86
N PHE A 105 -16.60 -3.59 22.92
CA PHE A 105 -17.94 -3.11 23.22
C PHE A 105 -18.46 -2.14 22.19
N THR A 106 -17.54 -1.44 21.53
CA THR A 106 -17.95 -0.49 20.51
C THR A 106 -18.57 -1.16 19.31
N GLY A 107 -17.92 -2.22 18.85
CA GLY A 107 -18.41 -2.99 17.71
C GLY A 107 -19.70 -3.67 18.04
N ASN A 108 -19.78 -4.19 19.25
CA ASN A 108 -20.96 -4.91 19.71
C ASN A 108 -22.16 -4.01 19.72
N THR A 109 -21.97 -2.75 20.10
CA THR A 109 -23.11 -1.84 20.18
C THR A 109 -23.99 -1.97 18.95
N LEU A 110 -23.44 -1.65 17.78
CA LEU A 110 -24.19 -1.73 16.53
C LEU A 110 -24.74 -3.11 16.31
N ALA A 111 -23.90 -4.14 16.48
CA ALA A 111 -24.32 -5.50 16.17
C ALA A 111 -25.53 -5.90 17.01
N VAL A 112 -25.37 -5.93 18.33
CA VAL A 112 -26.42 -6.51 19.14
C VAL A 112 -27.63 -5.58 19.24
N THR A 113 -27.49 -4.27 19.03
CA THR A 113 -28.69 -3.45 18.99
C THR A 113 -29.48 -3.68 17.72
N MET A 114 -28.80 -3.85 16.58
CA MET A 114 -29.52 -4.24 15.38
C MET A 114 -30.25 -5.55 15.59
N ALA A 115 -29.65 -6.53 16.25
CA ALA A 115 -30.39 -7.76 16.49
C ALA A 115 -31.64 -7.50 17.35
N LEU A 116 -31.46 -6.68 18.36
CA LEU A 116 -32.54 -6.38 19.28
C LEU A 116 -33.70 -5.76 18.53
N TYR A 117 -33.37 -4.88 17.60
CA TYR A 117 -34.37 -4.20 16.79
C TYR A 117 -35.14 -5.18 15.93
N GLU A 118 -34.41 -6.13 15.37
CA GLU A 118 -34.94 -7.16 14.50
C GLU A 118 -35.86 -8.18 15.15
N LYS A 119 -35.77 -8.22 16.48
CA LYS A 119 -36.45 -9.09 17.48
C LYS A 119 -35.68 -10.39 17.79
N LYS A 120 -34.50 -10.52 17.21
CA LYS A 120 -33.58 -11.64 17.50
C LYS A 120 -33.02 -11.85 18.93
N VAL A 121 -32.53 -10.80 19.57
CA VAL A 121 -32.01 -10.87 20.93
C VAL A 121 -33.10 -10.39 21.87
N LYS A 122 -33.28 -11.06 23.00
CA LYS A 122 -34.22 -10.57 23.98
C LYS A 122 -33.68 -9.31 24.63
N LEU A 123 -34.45 -8.74 25.56
CA LEU A 123 -34.00 -7.50 26.19
C LEU A 123 -32.99 -7.78 27.28
N LEU A 124 -33.31 -8.72 28.17
CA LEU A 124 -32.39 -9.04 29.27
C LEU A 124 -31.11 -9.67 28.74
N ASP A 125 -31.22 -10.50 27.71
CA ASP A 125 -30.01 -11.03 27.08
C ASP A 125 -29.19 -9.90 26.47
N TYR A 126 -29.85 -8.91 25.88
CA TYR A 126 -29.12 -7.77 25.33
C TYR A 126 -28.35 -7.04 26.41
N LEU A 127 -29.04 -6.67 27.50
CA LEU A 127 -28.39 -6.01 28.63
C LEU A 127 -27.19 -6.80 29.11
N ARG A 128 -27.34 -8.12 29.27
CA ARG A 128 -26.26 -8.88 29.88
C ARG A 128 -25.08 -9.04 28.94
N VAL A 129 -25.33 -9.31 27.66
CA VAL A 129 -24.21 -9.36 26.72
C VAL A 129 -23.44 -8.06 26.72
N MET A 130 -24.16 -6.92 26.65
CA MET A 130 -23.41 -5.68 26.47
C MET A 130 -22.71 -5.27 27.77
N THR A 131 -23.31 -5.55 28.92
CA THR A 131 -22.65 -5.20 30.18
C THR A 131 -21.42 -6.06 30.41
N ILE A 132 -21.52 -7.37 30.17
CA ILE A 132 -20.37 -8.25 30.31
C ILE A 132 -19.27 -7.81 29.36
N SER A 133 -19.63 -7.36 28.16
CA SER A 133 -18.61 -6.89 27.21
C SER A 133 -17.90 -5.65 27.74
N LEU A 134 -18.66 -4.67 28.22
CA LEU A 134 -18.04 -3.45 28.71
C LEU A 134 -17.12 -3.73 29.89
N PHE A 135 -17.60 -4.52 30.85
CA PHE A 135 -16.81 -4.84 32.03
C PHE A 135 -15.53 -5.58 31.66
N GLY A 136 -15.65 -6.62 30.83
CA GLY A 136 -14.47 -7.39 30.45
C GLY A 136 -13.46 -6.54 29.70
N ASN A 137 -13.93 -5.65 28.82
CA ASN A 137 -13.00 -4.80 28.10
C ASN A 137 -12.27 -3.86 29.04
N TYR A 138 -12.98 -3.28 30.01
CA TYR A 138 -12.30 -2.45 31.00
C TYR A 138 -11.25 -3.25 31.74
N VAL A 139 -11.60 -4.47 32.15
CA VAL A 139 -10.66 -5.32 32.88
C VAL A 139 -9.39 -5.52 32.06
N GLY A 140 -9.56 -5.91 30.80
CA GLY A 140 -8.39 -6.19 29.98
C GLY A 140 -7.51 -4.97 29.75
N ALA A 141 -8.14 -3.84 29.44
CA ALA A 141 -7.38 -2.62 29.22
C ALA A 141 -6.60 -2.23 30.46
N VAL A 142 -7.28 -2.14 31.61
CA VAL A 142 -6.61 -1.67 32.82
C VAL A 142 -5.62 -2.69 33.35
N SER A 143 -5.71 -3.95 32.95
CA SER A 143 -4.68 -4.87 33.41
C SER A 143 -3.46 -4.85 32.51
N PHE A 144 -3.67 -4.69 31.20
CA PHE A 144 -2.51 -4.49 30.34
C PHE A 144 -1.81 -3.19 30.67
N ALA A 145 -2.56 -2.18 31.09
CA ALA A 145 -1.94 -0.91 31.44
C ALA A 145 -0.94 -1.08 32.57
N PHE A 146 -1.18 -1.99 33.50
CA PHE A 146 -0.28 -2.15 34.62
C PHE A 146 0.81 -3.17 34.37
N PHE A 147 0.43 -4.36 33.91
CA PHE A 147 1.40 -5.45 33.95
C PHE A 147 2.43 -5.35 32.85
N VAL A 148 2.18 -4.58 31.80
CA VAL A 148 3.09 -4.50 30.66
C VAL A 148 3.69 -3.12 30.50
N SER A 149 2.91 -2.07 30.73
CA SER A 149 3.37 -0.71 30.47
C SER A 149 3.88 -0.01 31.72
N TYR A 150 3.29 -0.24 32.87
CA TYR A 150 3.81 0.42 34.07
C TYR A 150 5.03 -0.28 34.60
N LEU A 151 5.09 -1.60 34.50
CA LEU A 151 6.22 -2.32 35.07
C LEU A 151 7.48 -2.16 34.22
N SER A 152 7.35 -2.06 32.91
CA SER A 152 8.50 -1.86 32.05
C SER A 152 9.02 -0.43 32.10
N GLY A 153 8.28 0.50 32.70
CA GLY A 153 8.79 1.83 32.94
C GLY A 153 9.04 2.67 31.70
N ALA A 154 8.37 2.37 30.59
CA ALA A 154 8.60 3.12 29.37
C ALA A 154 8.14 4.56 29.47
N PHE A 155 7.28 4.88 30.44
CA PHE A 155 6.71 6.21 30.60
C PHE A 155 7.08 6.82 31.94
N THR A 156 8.34 6.70 32.34
CA THR A 156 8.78 7.35 33.55
C THR A 156 9.10 8.82 33.29
N ASN A 157 8.91 9.66 34.30
CA ASN A 157 9.23 11.07 34.19
C ASN A 157 10.74 11.18 34.29
N VAL A 158 11.40 10.86 33.18
CA VAL A 158 12.85 10.98 33.10
C VAL A 158 13.19 12.46 33.17
N HIS A 159 13.69 12.90 34.31
CA HIS A 159 13.76 14.34 34.59
C HIS A 159 14.80 15.03 33.73
N ALA A 160 14.55 15.10 32.43
CA ALA A 160 15.44 15.76 31.50
C ALA A 160 14.59 16.35 30.38
N VAL A 161 15.21 17.22 29.59
CA VAL A 161 14.47 17.82 28.48
C VAL A 161 14.69 17.03 27.20
N GLU A 162 15.87 16.42 27.04
CA GLU A 162 16.22 15.75 25.80
C GLU A 162 16.16 14.23 25.92
N LYS A 163 15.43 13.71 26.92
CA LYS A 163 15.17 12.28 27.01
C LYS A 163 13.76 11.94 27.48
N ASN A 164 12.89 12.92 27.68
CA ASN A 164 11.60 12.75 28.32
C ASN A 164 10.43 12.92 27.35
N HIS A 165 10.57 12.43 26.12
CA HIS A 165 9.50 12.61 25.15
C HIS A 165 8.42 11.55 25.28
N PHE A 166 8.79 10.34 25.72
CA PHE A 166 7.79 9.30 25.88
C PHE A 166 6.87 9.58 27.04
N PHE A 167 7.36 10.34 28.03
CA PHE A 167 6.50 10.78 29.11
C PHE A 167 5.64 11.96 28.68
N GLN A 168 6.25 12.93 28.01
CA GLN A 168 5.56 14.17 27.69
C GLN A 168 4.47 13.94 26.65
N PHE A 169 4.69 13.06 25.69
CA PHE A 169 3.66 12.80 24.69
C PHE A 169 2.40 12.27 25.36
N LEU A 170 2.57 11.27 26.23
CA LEU A 170 1.42 10.70 26.94
C LEU A 170 0.80 11.72 27.87
N ASN A 171 1.63 12.48 28.59
CA ASN A 171 1.12 13.50 29.48
C ASN A 171 0.24 14.50 28.74
N ASP A 172 0.74 14.99 27.61
CA ASP A 172 0.04 16.03 26.88
C ASP A 172 -1.24 15.52 26.24
N ILE A 173 -1.20 14.30 25.67
CA ILE A 173 -2.43 13.80 25.07
C ILE A 173 -3.47 13.50 26.15
N ALA A 174 -3.03 13.00 27.30
CA ALA A 174 -3.98 12.71 28.38
C ALA A 174 -4.56 13.98 28.97
N GLU A 175 -3.79 15.06 28.99
CA GLU A 175 -4.34 16.34 29.44
C GLU A 175 -5.30 16.90 28.41
N LYS A 176 -4.92 16.87 27.13
CA LYS A 176 -5.80 17.36 26.08
C LYS A 176 -7.11 16.60 26.04
N LYS A 177 -7.12 15.36 26.50
CA LYS A 177 -8.35 14.58 26.42
C LYS A 177 -9.32 14.82 27.55
N VAL A 178 -8.99 15.65 28.53
CA VAL A 178 -9.88 15.86 29.67
C VAL A 178 -10.56 17.22 29.66
N HIS A 179 -9.98 18.23 29.01
CA HIS A 179 -10.45 19.60 29.20
C HIS A 179 -11.65 19.95 28.34
N HIS A 180 -12.08 19.08 27.45
CA HIS A 180 -13.32 19.33 26.72
C HIS A 180 -14.48 19.50 27.69
N THR A 181 -15.44 20.34 27.32
CA THR A 181 -16.65 20.39 28.11
C THR A 181 -17.48 19.15 27.81
N PHE A 182 -18.67 19.07 28.41
CA PHE A 182 -19.50 17.87 28.26
C PHE A 182 -19.83 17.63 26.79
N VAL A 183 -20.52 18.59 26.16
CA VAL A 183 -21.04 18.37 24.81
C VAL A 183 -19.89 18.09 23.84
N GLU A 184 -18.72 18.64 24.08
CA GLU A 184 -17.60 18.42 23.16
C GLU A 184 -17.11 16.99 23.23
N CYS A 185 -16.94 16.46 24.44
CA CYS A 185 -16.54 15.06 24.59
C CYS A 185 -17.58 14.14 24.00
N VAL A 186 -18.86 14.43 24.25
CA VAL A 186 -19.94 13.62 23.69
C VAL A 186 -19.87 13.61 22.17
N SER A 187 -19.66 14.76 21.56
CA SER A 187 -19.65 14.85 20.10
C SER A 187 -18.46 14.11 19.51
N LEU A 188 -17.28 14.27 20.12
CA LEU A 188 -16.11 13.58 19.61
C LEU A 188 -16.29 12.07 19.72
N ALA A 189 -16.88 11.60 20.82
CA ALA A 189 -17.14 10.16 20.95
C ALA A 189 -18.14 9.68 19.91
N VAL A 190 -19.15 10.50 19.63
CA VAL A 190 -20.13 10.15 18.60
C VAL A 190 -19.43 9.89 17.28
N GLY A 191 -18.57 10.82 16.87
CA GLY A 191 -17.82 10.64 15.64
C GLY A 191 -16.95 9.38 15.66
N CYS A 192 -16.30 9.14 16.79
CA CYS A 192 -15.44 7.97 16.90
C CYS A 192 -16.22 6.69 16.66
N ASN A 193 -17.37 6.55 17.32
CA ASN A 193 -18.11 5.29 17.17
C ASN A 193 -18.74 5.17 15.80
N ILE A 194 -19.11 6.29 15.18
CA ILE A 194 -19.52 6.23 13.78
C ILE A 194 -18.43 5.58 12.95
N PHE A 195 -17.19 6.07 13.08
CA PHE A 195 -16.09 5.51 12.32
C PHE A 195 -15.93 4.01 12.60
N VAL A 196 -15.90 3.66 13.88
CA VAL A 196 -15.66 2.28 14.31
C VAL A 196 -16.70 1.28 13.84
N CYS A 197 -17.97 1.65 13.92
CA CYS A 197 -19.02 0.75 13.45
C CYS A 197 -19.03 0.68 11.93
N LEU A 198 -18.65 1.78 11.27
CA LEU A 198 -18.48 1.70 9.81
C LEU A 198 -17.40 0.71 9.43
N ALA A 199 -16.31 0.68 10.20
CA ALA A 199 -15.24 -0.28 9.91
C ALA A 199 -15.72 -1.71 10.12
N VAL A 200 -16.42 -1.95 11.23
CA VAL A 200 -16.98 -3.28 11.50
C VAL A 200 -17.95 -3.68 10.40
N TYR A 201 -18.57 -2.70 9.75
CA TYR A 201 -19.43 -2.99 8.60
C TYR A 201 -18.61 -3.35 7.37
N PHE A 202 -17.54 -2.59 7.09
CA PHE A 202 -16.66 -2.91 5.97
C PHE A 202 -16.21 -4.36 6.02
N VAL A 203 -15.81 -4.82 7.21
CA VAL A 203 -15.27 -6.16 7.35
C VAL A 203 -16.27 -7.21 6.88
N LEU A 204 -17.55 -7.00 7.19
CA LEU A 204 -18.58 -7.95 6.76
C LEU A 204 -18.94 -7.76 5.29
N THR A 205 -18.77 -6.53 4.78
CA THR A 205 -19.12 -6.24 3.40
C THR A 205 -18.17 -6.93 2.43
N LEU A 206 -16.86 -6.69 2.58
CA LEU A 206 -15.87 -7.25 1.66
C LEU A 206 -15.07 -8.33 2.37
N LYS A 207 -15.15 -9.54 1.86
CA LYS A 207 -14.50 -10.71 2.45
C LYS A 207 -13.13 -10.97 1.83
N ASP A 208 -12.29 -9.94 1.83
CA ASP A 208 -11.02 -9.97 1.13
C ASP A 208 -9.91 -9.52 2.09
N GLY A 209 -8.87 -10.34 2.21
CA GLY A 209 -7.81 -10.03 3.16
C GLY A 209 -7.18 -8.68 2.93
N ALA A 210 -6.85 -8.37 1.67
CA ALA A 210 -6.33 -7.05 1.35
C ALA A 210 -7.33 -5.97 1.74
N GLY A 211 -8.55 -6.10 1.25
CA GLY A 211 -9.59 -5.17 1.64
C GLY A 211 -9.78 -5.14 3.14
N TYR A 212 -9.71 -6.31 3.79
CA TYR A 212 -9.80 -6.36 5.25
C TYR A 212 -8.82 -5.39 5.89
N VAL A 213 -7.53 -5.66 5.70
CA VAL A 213 -6.53 -4.90 6.42
C VAL A 213 -6.59 -3.43 6.04
N PHE A 214 -6.79 -3.14 4.76
CA PHE A 214 -6.66 -1.75 4.34
C PHE A 214 -7.90 -0.93 4.69
N SER A 215 -9.10 -1.50 4.56
CA SER A 215 -10.30 -0.78 4.97
C SER A 215 -10.27 -0.49 6.46
N VAL A 216 -9.93 -1.50 7.27
CA VAL A 216 -9.90 -1.23 8.70
C VAL A 216 -8.78 -0.26 9.04
N PHE A 217 -7.65 -0.31 8.32
CA PHE A 217 -6.55 0.61 8.61
C PHE A 217 -6.95 2.05 8.31
N PHE A 218 -7.56 2.28 7.17
CA PHE A 218 -7.96 3.65 6.82
C PHE A 218 -9.01 4.17 7.78
N ALA A 219 -10.01 3.34 8.12
CA ALA A 219 -11.04 3.79 9.05
C ALA A 219 -10.43 4.15 10.41
N VAL A 220 -9.58 3.27 10.95
CA VAL A 220 -9.04 3.53 12.28
C VAL A 220 -8.07 4.69 12.26
N TYR A 221 -7.31 4.86 11.19
CA TYR A 221 -6.39 6.01 11.12
C TYR A 221 -7.17 7.31 11.10
N ALA A 222 -8.22 7.38 10.27
CA ALA A 222 -9.05 8.57 10.26
C ALA A 222 -9.71 8.80 11.60
N PHE A 223 -9.98 7.73 12.35
CA PHE A 223 -10.57 7.89 13.67
C PHE A 223 -9.55 8.41 14.67
N ALA A 224 -8.30 7.99 14.56
CA ALA A 224 -7.30 8.40 15.52
C ALA A 224 -6.87 9.83 15.29
N ILE A 225 -6.47 10.17 14.05
CA ILE A 225 -5.91 11.50 13.80
C ILE A 225 -6.94 12.60 14.00
N ALA A 226 -8.23 12.27 14.00
CA ALA A 226 -9.26 13.29 14.02
C ALA A 226 -9.58 13.82 15.40
N GLY A 227 -8.91 13.32 16.44
CA GLY A 227 -9.18 13.80 17.78
C GLY A 227 -10.44 13.26 18.40
N TYR A 228 -10.96 12.15 17.89
CA TYR A 228 -12.17 11.57 18.45
C TYR A 228 -11.83 10.74 19.69
N GLU A 229 -12.85 10.45 20.49
CA GLU A 229 -12.69 9.77 21.77
C GLU A 229 -13.23 8.35 21.67
N HIS A 230 -12.38 7.37 21.93
CA HIS A 230 -12.76 5.97 21.96
C HIS A 230 -12.75 5.47 23.39
N ILE A 231 -13.80 4.74 23.78
CA ILE A 231 -14.00 4.44 25.19
C ILE A 231 -12.90 3.53 25.72
N ILE A 232 -12.55 2.48 24.99
CA ILE A 232 -11.55 1.54 25.50
C ILE A 232 -10.16 2.14 25.44
N ALA A 233 -9.84 2.84 24.35
CA ALA A 233 -8.56 3.52 24.27
C ALA A 233 -8.43 4.58 25.34
N ASN A 234 -9.51 5.30 25.61
CA ASN A 234 -9.51 6.25 26.71
C ASN A 234 -9.25 5.55 28.03
N ILE A 235 -9.93 4.44 28.28
CA ILE A 235 -9.73 3.70 29.52
C ILE A 235 -8.25 3.39 29.69
N TYR A 236 -7.65 2.75 28.69
CA TYR A 236 -6.25 2.36 28.80
C TYR A 236 -5.35 3.57 29.02
N THR A 237 -5.46 4.56 28.14
CA THR A 237 -4.53 5.68 28.16
C THR A 237 -4.65 6.46 29.47
N LEU A 238 -5.88 6.77 29.87
CA LEU A 238 -6.07 7.56 31.07
C LEU A 238 -5.64 6.79 32.32
N ASN A 239 -5.84 5.47 32.34
CA ASN A 239 -5.34 4.70 33.47
C ASN A 239 -3.82 4.75 33.53
N ILE A 240 -3.15 4.54 32.39
CA ILE A 240 -1.70 4.54 32.43
C ILE A 240 -1.14 5.93 32.60
N ALA A 241 -1.94 6.97 32.41
CA ALA A 241 -1.51 8.31 32.77
C ALA A 241 -1.78 8.63 34.22
N LEU A 242 -2.70 7.90 34.85
CA LEU A 242 -2.83 8.02 36.29
C LEU A 242 -1.72 7.28 37.01
N MET A 243 -1.31 6.13 36.47
CA MET A 243 -0.24 5.36 37.09
C MET A 243 1.09 6.10 37.02
N VAL A 244 1.42 6.67 35.87
CA VAL A 244 2.75 7.23 35.65
C VAL A 244 2.81 8.66 36.17
N ASN A 245 1.75 9.09 36.86
CA ASN A 245 1.74 10.34 37.60
C ASN A 245 1.94 11.55 36.68
N THR A 246 0.98 11.76 35.79
CA THR A 246 0.88 12.99 35.03
C THR A 246 0.00 13.98 35.78
N LYS A 247 -0.47 15.01 35.09
CA LYS A 247 -1.15 16.14 35.72
C LYS A 247 -2.63 15.91 36.01
N ILE A 248 -3.19 14.74 35.72
CA ILE A 248 -4.63 14.56 35.71
C ILE A 248 -5.12 13.99 37.03
N THR A 249 -6.24 14.51 37.51
CA THR A 249 -6.94 13.97 38.67
C THR A 249 -7.80 12.78 38.26
N VAL A 250 -7.96 11.82 39.17
CA VAL A 250 -8.81 10.67 38.90
C VAL A 250 -10.18 11.13 38.48
N TYR A 251 -10.70 12.18 39.11
CA TYR A 251 -11.98 12.75 38.74
C TYR A 251 -11.95 13.30 37.33
N GLN A 252 -10.85 13.97 36.96
CA GLN A 252 -10.72 14.50 35.61
C GLN A 252 -10.76 13.41 34.57
N ALA A 253 -10.31 12.20 34.91
CA ALA A 253 -10.28 11.12 33.94
C ALA A 253 -11.57 10.32 33.90
N TYR A 254 -12.22 10.15 35.04
CA TYR A 254 -13.30 9.18 35.12
C TYR A 254 -14.68 9.78 34.97
N ILE A 255 -14.88 11.04 35.33
CA ILE A 255 -16.19 11.68 35.21
C ILE A 255 -16.21 12.76 34.14
N LYS A 256 -15.10 13.49 33.98
CA LYS A 256 -15.05 14.49 32.91
C LYS A 256 -14.91 13.82 31.55
N ASN A 257 -14.16 12.73 31.46
CA ASN A 257 -13.84 12.14 30.17
C ASN A 257 -14.60 10.85 29.91
N LEU A 258 -14.50 9.85 30.79
CA LEU A 258 -14.99 8.52 30.47
C LEU A 258 -16.51 8.49 30.33
N LEU A 259 -17.22 9.14 31.25
CA LEU A 259 -18.68 9.12 31.16
C LEU A 259 -19.20 9.80 29.90
N PRO A 260 -18.76 11.01 29.53
CA PRO A 260 -19.23 11.58 28.26
C PRO A 260 -18.89 10.73 27.05
N THR A 261 -17.71 10.14 27.00
CA THR A 261 -17.37 9.34 25.82
C THR A 261 -18.16 8.04 25.76
N LEU A 262 -18.52 7.47 26.91
CA LEU A 262 -19.38 6.29 26.85
C LEU A 262 -20.78 6.66 26.37
N LEU A 263 -21.33 7.73 26.92
CA LEU A 263 -22.57 8.29 26.39
C LEU A 263 -22.49 8.42 24.87
N GLY A 264 -21.40 9.01 24.39
CA GLY A 264 -21.29 9.27 22.97
C GLY A 264 -21.18 8.01 22.13
N ASN A 265 -20.34 7.07 22.55
CA ASN A 265 -20.17 5.85 21.77
C ASN A 265 -21.43 5.01 21.63
N TYR A 266 -22.17 4.85 22.73
CA TYR A 266 -23.39 4.08 22.69
C TYR A 266 -24.44 4.74 21.82
N ILE A 267 -24.59 6.04 21.96
CA ILE A 267 -25.57 6.77 21.17
C ILE A 267 -25.22 6.73 19.70
N ALA A 268 -23.94 6.89 19.40
CA ALA A 268 -23.51 6.88 18.00
C ALA A 268 -23.74 5.52 17.37
N GLY A 269 -23.54 4.45 18.10
CA GLY A 269 -23.73 3.14 17.51
C GLY A 269 -25.19 2.73 17.43
N ALA A 270 -25.99 3.09 18.43
CA ALA A 270 -27.31 2.51 18.57
C ALA A 270 -28.40 3.30 17.87
N ILE A 271 -28.31 4.62 17.80
CA ILE A 271 -29.44 5.38 17.27
C ILE A 271 -29.01 6.30 16.12
N VAL A 272 -27.74 6.69 16.10
CA VAL A 272 -27.31 7.54 14.98
C VAL A 272 -27.11 6.72 13.73
N LEU A 273 -26.72 5.46 13.86
CA LEU A 273 -26.50 4.58 12.72
C LEU A 273 -27.26 3.27 12.83
N GLY A 274 -28.15 3.12 13.79
CA GLY A 274 -28.89 1.89 13.93
C GLY A 274 -30.31 2.01 13.44
N LEU A 275 -30.97 3.10 13.78
CA LEU A 275 -32.32 3.32 13.26
C LEU A 275 -32.33 3.70 11.79
N PRO A 276 -31.37 4.47 11.27
CA PRO A 276 -31.32 4.63 9.82
C PRO A 276 -31.19 3.30 9.10
N LEU A 277 -30.15 2.55 9.43
CA LEU A 277 -29.89 1.28 8.77
C LEU A 277 -30.98 0.26 9.03
N TYR A 278 -31.77 0.41 10.09
CA TYR A 278 -32.88 -0.49 10.32
C TYR A 278 -34.15 -0.04 9.63
N PHE A 279 -34.27 1.24 9.32
CA PHE A 279 -35.44 1.68 8.57
C PHE A 279 -35.24 1.48 7.07
N ILE A 280 -34.02 1.62 6.57
CA ILE A 280 -33.76 1.35 5.16
C ILE A 280 -34.05 -0.11 4.84
N TYR A 281 -33.37 -1.02 5.54
CA TYR A 281 -33.41 -2.44 5.23
C TYR A 281 -34.31 -3.21 6.19
N LYS A 282 -35.46 -2.66 6.55
CA LYS A 282 -36.33 -3.36 7.48
C LYS A 282 -36.83 -4.68 6.91
N GLU A 283 -37.25 -4.69 5.64
CA GLU A 283 -37.97 -5.81 5.07
C GLU A 283 -37.14 -6.73 4.19
N HIS A 284 -35.94 -6.32 3.79
CA HIS A 284 -35.04 -7.27 3.15
C HIS A 284 -34.75 -8.44 4.08
N TYR A 285 -34.57 -8.16 5.36
CA TYR A 285 -34.34 -9.24 6.33
C TYR A 285 -35.57 -10.12 6.46
N TYR A 286 -36.75 -9.51 6.47
CA TYR A 286 -38.00 -10.28 6.48
C TYR A 286 -38.04 -11.26 5.33
N ASN A 287 -37.83 -10.77 4.11
CA ASN A 287 -37.87 -11.64 2.94
C ASN A 287 -36.78 -12.70 2.99
N PHE A 288 -35.58 -12.32 3.44
CA PHE A 288 -34.48 -13.27 3.52
C PHE A 288 -34.81 -14.42 4.46
N GLU A 289 -35.48 -14.13 5.58
CA GLU A 289 -35.87 -15.20 6.48
C GLU A 289 -37.11 -15.94 6.01
N ARG A 290 -37.91 -15.32 5.15
CA ARG A 290 -39.11 -15.98 4.64
C ARG A 290 -38.74 -17.20 3.80
N SER A 291 -38.03 -16.98 2.69
CA SER A 291 -37.68 -18.07 1.79
C SER A 291 -36.33 -18.65 2.19
N LYS A 292 -36.34 -19.34 3.32
CA LYS A 292 -35.14 -19.97 3.85
C LYS A 292 -35.50 -20.91 4.99
N PRO B 12 -4.17 -26.32 -9.99
CA PRO B 12 -4.87 -25.13 -9.52
C PRO B 12 -5.94 -24.69 -10.50
N VAL B 13 -6.53 -23.53 -10.27
CA VAL B 13 -7.57 -22.99 -11.15
C VAL B 13 -7.38 -21.49 -11.27
N SER B 14 -7.33 -20.99 -12.49
CA SER B 14 -7.17 -19.57 -12.73
C SER B 14 -8.50 -18.84 -12.63
N ILE B 15 -8.47 -17.65 -12.07
CA ILE B 15 -9.65 -16.83 -11.87
C ILE B 15 -9.37 -15.45 -12.43
N LYS B 16 -10.33 -14.55 -12.25
CA LYS B 16 -10.18 -13.17 -12.66
C LYS B 16 -11.23 -12.34 -11.95
N SER B 17 -10.91 -11.09 -11.69
CA SER B 17 -11.85 -10.18 -11.04
C SER B 17 -12.31 -9.08 -12.00
N VAL B 18 -11.37 -8.35 -12.58
CA VAL B 18 -11.69 -7.17 -13.37
C VAL B 18 -12.27 -7.62 -14.71
N CYS B 19 -13.57 -7.40 -14.88
CA CYS B 19 -14.27 -7.66 -16.14
C CYS B 19 -14.73 -6.29 -16.64
N GLY B 20 -13.95 -5.66 -17.50
CA GLY B 20 -14.12 -4.27 -17.84
C GLY B 20 -14.52 -4.03 -19.30
N GLY B 21 -14.89 -2.78 -19.57
CA GLY B 21 -15.26 -2.36 -20.90
C GLY B 21 -16.76 -2.34 -21.12
N GLU B 22 -17.27 -3.34 -21.84
CA GLU B 22 -18.70 -3.43 -22.07
C GLU B 22 -19.42 -3.80 -20.78
N GLU B 23 -18.87 -4.77 -20.05
CA GLU B 23 -19.49 -5.22 -18.81
C GLU B 23 -19.64 -4.07 -17.82
N SER B 24 -18.62 -3.21 -17.74
CA SER B 24 -18.68 -2.05 -16.88
C SER B 24 -19.82 -1.12 -17.27
N TYR B 25 -20.03 -0.90 -18.57
CA TYR B 25 -21.09 -0.02 -18.98
C TYR B 25 -22.46 -0.62 -18.68
N ILE B 26 -22.61 -1.92 -18.87
CA ILE B 26 -23.89 -2.54 -18.56
C ILE B 26 -24.17 -2.46 -17.07
N ARG B 27 -23.17 -2.72 -16.24
CA ARG B 27 -23.35 -2.62 -14.81
C ARG B 27 -23.71 -1.20 -14.41
N CYS B 28 -23.06 -0.21 -15.03
CA CYS B 28 -23.36 1.18 -14.70
C CYS B 28 -24.81 1.53 -15.03
N VAL B 29 -25.24 1.19 -16.24
CA VAL B 29 -26.58 1.59 -16.65
C VAL B 29 -27.64 0.86 -15.84
N GLU B 30 -27.37 -0.39 -15.42
CA GLU B 30 -28.42 -1.05 -14.65
C GLU B 30 -28.40 -0.65 -13.17
N TYR B 31 -27.22 -0.37 -12.61
CA TYR B 31 -27.19 0.16 -11.25
C TYR B 31 -27.82 1.53 -11.19
N GLY B 32 -27.76 2.30 -12.28
CA GLY B 32 -28.53 3.52 -12.34
C GLY B 32 -30.01 3.24 -12.46
N LYS B 33 -30.39 2.30 -13.32
CA LYS B 33 -31.79 1.93 -13.48
C LYS B 33 -32.42 1.62 -12.15
N LYS B 34 -31.76 0.82 -11.32
CA LYS B 34 -32.41 0.32 -10.12
C LYS B 34 -32.93 1.41 -9.22
N LYS B 35 -32.18 2.47 -9.11
CA LYS B 35 -32.59 3.52 -8.19
C LYS B 35 -33.98 4.06 -8.48
N ALA B 36 -34.59 3.70 -9.60
CA ALA B 36 -35.85 4.31 -9.98
C ALA B 36 -36.98 3.90 -9.07
N HIS B 37 -36.94 2.63 -8.68
CA HIS B 37 -37.94 1.99 -7.86
C HIS B 37 -37.77 2.08 -6.35
N TYR B 38 -36.63 2.58 -5.86
CA TYR B 38 -36.52 2.68 -4.42
C TYR B 38 -37.50 3.76 -4.09
N SER B 39 -38.36 3.55 -3.10
CA SER B 39 -39.40 4.51 -2.78
C SER B 39 -38.84 5.84 -2.35
N ASN B 40 -39.68 6.88 -2.37
CA ASN B 40 -39.25 8.25 -2.07
C ASN B 40 -38.61 8.38 -0.70
N LEU B 41 -39.19 7.71 0.30
CA LEU B 41 -38.59 7.71 1.63
C LEU B 41 -37.25 7.00 1.63
N ASN B 42 -37.15 5.93 0.85
CA ASN B 42 -35.91 5.14 0.77
C ASN B 42 -34.67 5.88 0.23
N LEU B 43 -34.83 6.64 -0.84
CA LEU B 43 -33.76 7.48 -1.37
C LEU B 43 -33.42 8.62 -0.43
N LEU B 44 -34.44 9.18 0.23
CA LEU B 44 -34.20 10.30 1.15
C LEU B 44 -33.33 9.87 2.32
N ALA B 45 -33.67 8.73 2.92
CA ALA B 45 -32.85 8.20 4.01
C ALA B 45 -31.41 7.98 3.56
N LYS B 46 -31.23 7.25 2.46
CA LYS B 46 -29.87 6.97 2.00
C LYS B 46 -29.13 8.26 1.67
N ALA B 47 -29.85 9.28 1.20
CA ALA B 47 -29.21 10.54 0.87
C ALA B 47 -28.63 11.21 2.11
N ILE B 48 -29.47 11.38 3.13
CA ILE B 48 -28.99 12.03 4.35
C ILE B 48 -27.83 11.24 4.93
N LEU B 49 -27.88 9.91 4.84
CA LEU B 49 -26.82 9.09 5.40
C LEU B 49 -25.48 9.34 4.68
N ALA B 50 -25.49 9.30 3.35
CA ALA B 50 -24.27 9.57 2.60
C ALA B 50 -23.75 10.98 2.90
N GLY B 51 -24.67 11.93 3.06
CA GLY B 51 -24.24 13.28 3.40
C GLY B 51 -23.46 13.33 4.69
N MET B 52 -24.00 12.74 5.75
CA MET B 52 -23.27 12.83 7.01
C MET B 52 -22.00 11.99 6.98
N PHE B 53 -21.93 10.96 6.13
CA PHE B 53 -20.67 10.23 5.96
C PHE B 53 -19.59 11.15 5.38
N VAL B 54 -19.93 11.87 4.31
CA VAL B 54 -18.94 12.75 3.72
C VAL B 54 -18.58 13.86 4.69
N GLY B 55 -19.53 14.29 5.52
CA GLY B 55 -19.21 15.30 6.53
C GLY B 55 -18.22 14.79 7.56
N LEU B 56 -18.43 13.56 8.05
CA LEU B 56 -17.52 12.98 9.04
C LEU B 56 -16.11 12.87 8.47
N CYS B 57 -15.98 12.33 7.26
CA CYS B 57 -14.66 12.16 6.68
C CYS B 57 -14.00 13.51 6.41
N ALA B 58 -14.77 14.52 6.01
CA ALA B 58 -14.18 15.83 5.76
C ALA B 58 -13.74 16.49 7.06
N HIS B 59 -14.49 16.29 8.13
CA HIS B 59 -14.06 16.78 9.44
C HIS B 59 -12.73 16.19 9.83
N ALA B 60 -12.61 14.87 9.72
CA ALA B 60 -11.34 14.21 10.04
C ALA B 60 -10.22 14.76 9.18
N SER B 61 -10.48 14.96 7.89
CA SER B 61 -9.47 15.44 6.96
C SER B 61 -8.99 16.83 7.35
N GLY B 62 -9.93 17.74 7.63
CA GLY B 62 -9.55 19.08 8.00
C GLY B 62 -8.79 19.14 9.30
N ILE B 63 -9.13 18.27 10.25
CA ILE B 63 -8.39 18.23 11.50
C ILE B 63 -6.95 17.78 11.26
N ALA B 64 -6.76 16.74 10.46
CA ALA B 64 -5.39 16.31 10.14
C ALA B 64 -4.61 17.41 9.44
N GLY B 65 -5.23 18.04 8.44
CA GLY B 65 -4.55 19.11 7.73
C GLY B 65 -4.14 20.25 8.63
N GLY B 66 -5.07 20.72 9.46
CA GLY B 66 -4.72 21.76 10.41
C GLY B 66 -3.62 21.34 11.35
N LEU B 67 -3.63 20.08 11.75
CA LEU B 67 -2.51 19.55 12.53
C LEU B 67 -1.19 19.76 11.81
N PHE B 68 -1.19 19.64 10.47
CA PHE B 68 0.02 19.89 9.69
C PHE B 68 0.10 21.32 9.18
N TYR B 69 -0.41 22.29 9.93
CA TYR B 69 -0.43 23.69 9.53
C TYR B 69 0.13 24.58 10.63
N TYR B 70 1.12 24.09 11.36
CA TYR B 70 1.63 24.75 12.56
C TYR B 70 2.20 26.13 12.21
N HIS B 71 2.50 26.89 13.26
CA HIS B 71 3.09 28.21 13.07
C HIS B 71 4.38 28.12 12.27
N LYS B 72 5.39 27.46 12.81
CA LYS B 72 6.72 27.40 12.24
C LYS B 72 6.83 26.41 11.10
N LEU B 73 5.73 25.81 10.67
CA LEU B 73 5.75 24.91 9.53
C LEU B 73 5.49 25.64 8.22
N ARG B 74 4.42 26.43 8.16
CA ARG B 74 4.11 27.19 6.96
C ARG B 74 5.19 28.21 6.65
N GLU B 75 5.89 28.71 7.66
CA GLU B 75 7.00 29.62 7.41
C GLU B 75 8.08 29.00 6.55
N ILE B 76 8.03 27.69 6.33
CA ILE B 76 9.02 27.01 5.51
C ILE B 76 8.34 26.33 4.34
N VAL B 77 7.46 25.37 4.62
CA VAL B 77 6.90 24.55 3.55
C VAL B 77 5.58 25.08 3.01
N GLY B 78 5.13 26.23 3.48
CA GLY B 78 3.87 26.75 2.98
C GLY B 78 2.75 25.78 3.29
N ALA B 79 1.95 25.41 2.31
CA ALA B 79 0.82 24.52 2.52
C ALA B 79 0.97 23.10 1.97
N SER B 80 2.18 22.67 1.68
CA SER B 80 2.40 21.36 1.05
C SER B 80 1.93 20.12 1.83
N MET B 81 2.25 20.05 3.11
CA MET B 81 1.83 18.95 3.97
C MET B 81 0.36 19.06 4.32
N SER B 82 -0.13 20.28 4.48
CA SER B 82 -1.55 20.48 4.81
C SER B 82 -2.45 19.81 3.79
N VAL B 83 -2.37 20.25 2.54
CA VAL B 83 -3.23 19.72 1.49
C VAL B 83 -2.94 18.24 1.26
N PHE B 84 -1.69 17.83 1.38
CA PHE B 84 -1.37 16.43 1.13
C PHE B 84 -2.07 15.53 2.13
N VAL B 85 -1.95 15.84 3.42
CA VAL B 85 -2.61 15.01 4.43
C VAL B 85 -4.13 15.14 4.33
N TYR B 86 -4.65 16.31 3.94
CA TYR B 86 -6.09 16.42 3.71
C TYR B 86 -6.54 15.39 2.67
N GLY B 87 -5.90 15.39 1.52
CA GLY B 87 -6.28 14.49 0.46
C GLY B 87 -6.03 13.03 0.80
N PHE B 88 -5.05 12.78 1.66
CA PHE B 88 -4.79 11.40 2.06
C PHE B 88 -5.80 10.91 3.10
N THR B 89 -6.39 11.82 3.86
CA THR B 89 -7.35 11.40 4.87
C THR B 89 -8.77 11.33 4.33
N PHE B 90 -9.09 12.10 3.30
CA PHE B 90 -10.47 12.10 2.79
C PHE B 90 -10.99 10.81 2.17
N PRO B 91 -10.22 10.05 1.39
CA PRO B 91 -10.83 9.06 0.49
C PRO B 91 -11.66 7.95 1.12
N ILE B 92 -11.81 7.92 2.44
CA ILE B 92 -12.58 6.84 3.06
C ILE B 92 -14.08 7.05 2.91
N ALA B 93 -14.53 8.27 2.57
CA ALA B 93 -15.95 8.53 2.43
C ALA B 93 -16.56 7.69 1.33
N PHE B 94 -15.82 7.48 0.22
CA PHE B 94 -16.34 6.65 -0.85
C PHE B 94 -16.54 5.22 -0.37
N MET B 95 -15.56 4.68 0.36
CA MET B 95 -15.72 3.32 0.86
C MET B 95 -16.91 3.22 1.79
N CYS B 96 -17.10 4.23 2.64
CA CYS B 96 -18.27 4.26 3.51
C CYS B 96 -19.56 4.18 2.69
N ILE B 97 -19.68 5.06 1.70
CA ILE B 97 -20.94 5.16 0.95
C ILE B 97 -21.18 3.90 0.13
N ILE B 98 -20.14 3.33 -0.46
CA ILE B 98 -20.35 2.16 -1.30
C ILE B 98 -20.61 0.93 -0.43
N CYS B 99 -20.04 0.88 0.78
CA CYS B 99 -20.29 -0.27 1.62
C CYS B 99 -21.69 -0.24 2.19
N THR B 100 -22.11 0.89 2.76
CA THR B 100 -23.44 0.92 3.33
C THR B 100 -24.53 0.96 2.27
N GLY B 101 -24.21 1.42 1.06
CA GLY B 101 -25.18 1.45 -0.01
C GLY B 101 -25.97 2.73 -0.13
N SER B 102 -25.38 3.87 0.18
CA SER B 102 -26.04 5.16 0.06
C SER B 102 -25.63 5.80 -1.26
N ASP B 103 -26.04 7.06 -1.47
CA ASP B 103 -25.79 7.73 -2.73
C ASP B 103 -25.42 9.18 -2.52
N LEU B 104 -24.48 9.67 -3.31
CA LEU B 104 -24.23 11.10 -3.45
C LEU B 104 -24.70 11.56 -4.81
N PHE B 105 -24.93 12.86 -4.93
CA PHE B 105 -25.34 13.46 -6.18
C PHE B 105 -24.23 13.28 -7.20
N THR B 106 -23.00 13.40 -6.74
CA THR B 106 -21.84 13.27 -7.62
C THR B 106 -21.79 11.90 -8.27
N GLY B 107 -22.07 10.86 -7.50
CA GLY B 107 -22.07 9.52 -8.04
C GLY B 107 -23.25 9.35 -8.99
N ASN B 108 -24.40 9.90 -8.61
CA ASN B 108 -25.66 9.78 -9.37
C ASN B 108 -25.72 10.41 -10.76
N THR B 109 -25.22 11.64 -10.89
CA THR B 109 -25.17 12.29 -12.19
C THR B 109 -24.86 11.28 -13.30
N LEU B 110 -23.67 10.70 -13.28
CA LEU B 110 -23.29 9.79 -14.35
C LEU B 110 -24.22 8.60 -14.40
N ALA B 111 -24.47 7.94 -13.26
CA ALA B 111 -25.22 6.69 -13.28
C ALA B 111 -26.61 6.89 -13.86
N VAL B 112 -27.36 7.88 -13.33
CA VAL B 112 -28.75 7.99 -13.74
C VAL B 112 -28.90 8.76 -15.06
N THR B 113 -27.94 9.59 -15.48
CA THR B 113 -28.02 10.07 -16.85
C THR B 113 -27.81 8.94 -17.84
N MET B 114 -26.80 8.10 -17.61
CA MET B 114 -26.59 6.96 -18.48
C MET B 114 -27.79 6.03 -18.45
N ALA B 115 -28.49 5.97 -17.33
CA ALA B 115 -29.69 5.14 -17.27
C ALA B 115 -30.84 5.78 -18.02
N LEU B 116 -30.95 7.11 -17.99
CA LEU B 116 -32.01 7.77 -18.73
C LEU B 116 -31.79 7.62 -20.23
N TYR B 117 -30.53 7.70 -20.66
CA TYR B 117 -30.22 7.65 -22.08
C TYR B 117 -30.73 6.37 -22.72
N GLU B 118 -30.63 5.25 -22.01
CA GLU B 118 -31.12 4.03 -22.63
C GLU B 118 -32.58 3.91 -22.57
N LYS B 119 -33.26 4.98 -22.15
CA LYS B 119 -34.70 4.95 -21.89
C LYS B 119 -35.07 3.78 -20.99
N LYS B 120 -34.15 3.43 -20.08
CA LYS B 120 -34.46 2.55 -18.97
C LYS B 120 -35.18 3.28 -17.85
N VAL B 121 -35.16 4.61 -17.87
CA VAL B 121 -35.81 5.41 -16.85
C VAL B 121 -36.87 6.26 -17.53
N LYS B 122 -37.68 6.93 -16.70
CA LYS B 122 -38.55 8.00 -17.13
C LYS B 122 -37.87 9.33 -16.81
N LEU B 123 -38.36 10.39 -17.44
CA LEU B 123 -37.79 11.71 -17.16
C LEU B 123 -38.31 12.27 -15.85
N LEU B 124 -39.59 12.06 -15.56
CA LEU B 124 -40.15 12.54 -14.31
C LEU B 124 -39.45 11.88 -13.12
N ASP B 125 -39.28 10.56 -13.17
CA ASP B 125 -38.60 9.88 -12.09
C ASP B 125 -37.13 10.25 -12.03
N TYR B 126 -36.54 10.67 -13.15
CA TYR B 126 -35.16 11.14 -13.13
C TYR B 126 -35.06 12.46 -12.38
N LEU B 127 -35.95 13.39 -12.68
CA LEU B 127 -36.05 14.63 -11.91
C LEU B 127 -36.26 14.34 -10.44
N ARG B 128 -37.15 13.39 -10.13
CA ARG B 128 -37.48 13.07 -8.75
C ARG B 128 -36.27 12.55 -7.99
N VAL B 129 -35.59 11.55 -8.55
CA VAL B 129 -34.45 10.96 -7.86
C VAL B 129 -33.32 11.99 -7.70
N MET B 130 -33.12 12.85 -8.71
CA MET B 130 -32.07 13.86 -8.60
C MET B 130 -32.38 14.86 -7.48
N THR B 131 -33.59 15.40 -7.48
CA THR B 131 -33.94 16.38 -6.46
C THR B 131 -33.85 15.78 -5.07
N ILE B 132 -34.36 14.55 -4.90
CA ILE B 132 -34.32 13.92 -3.60
C ILE B 132 -32.88 13.72 -3.15
N SER B 133 -32.01 13.25 -4.04
CA SER B 133 -30.63 13.04 -3.65
C SER B 133 -29.95 14.32 -3.22
N LEU B 134 -30.14 15.40 -3.99
CA LEU B 134 -29.47 16.66 -3.64
C LEU B 134 -29.96 17.20 -2.31
N PHE B 135 -31.29 17.21 -2.11
CA PHE B 135 -31.83 17.72 -0.86
C PHE B 135 -31.31 16.91 0.31
N GLY B 136 -31.31 15.59 0.18
CA GLY B 136 -30.84 14.77 1.27
C GLY B 136 -29.37 15.00 1.57
N ASN B 137 -28.54 15.09 0.55
CA ASN B 137 -27.12 15.27 0.79
C ASN B 137 -26.86 16.61 1.48
N TYR B 138 -27.58 17.65 1.09
CA TYR B 138 -27.45 18.93 1.77
C TYR B 138 -27.84 18.81 3.23
N VAL B 139 -28.99 18.18 3.50
CA VAL B 139 -29.46 18.05 4.88
C VAL B 139 -28.43 17.30 5.72
N GLY B 140 -27.90 16.21 5.17
CA GLY B 140 -26.93 15.43 5.93
C GLY B 140 -25.66 16.20 6.20
N ALA B 141 -25.13 16.89 5.19
CA ALA B 141 -23.89 17.63 5.37
C ALA B 141 -24.04 18.75 6.39
N VAL B 142 -25.13 19.51 6.33
CA VAL B 142 -25.27 20.60 7.29
C VAL B 142 -25.64 20.09 8.68
N SER B 143 -26.37 18.97 8.78
CA SER B 143 -26.64 18.43 10.10
C SER B 143 -25.37 17.94 10.77
N PHE B 144 -24.51 17.24 10.03
CA PHE B 144 -23.24 16.85 10.63
C PHE B 144 -22.34 18.05 10.87
N ALA B 145 -22.45 19.10 10.05
CA ALA B 145 -21.61 20.27 10.27
C ALA B 145 -22.04 21.03 11.51
N PHE B 146 -23.29 20.91 11.92
CA PHE B 146 -23.71 21.58 13.15
C PHE B 146 -23.56 20.72 14.39
N PHE B 147 -23.76 19.41 14.27
CA PHE B 147 -23.90 18.60 15.47
C PHE B 147 -22.61 17.95 15.93
N VAL B 148 -21.66 17.73 15.03
CA VAL B 148 -20.39 17.09 15.39
C VAL B 148 -19.19 17.97 15.12
N SER B 149 -19.35 19.11 14.44
CA SER B 149 -18.22 19.97 14.15
C SER B 149 -18.24 21.29 14.91
N TYR B 150 -19.43 21.83 15.19
CA TYR B 150 -19.56 23.11 15.87
C TYR B 150 -19.92 22.98 17.33
N LEU B 151 -20.68 21.95 17.70
CA LEU B 151 -20.87 21.67 19.11
C LEU B 151 -19.60 21.08 19.70
N SER B 152 -18.83 20.35 18.90
CA SER B 152 -17.52 19.85 19.30
C SER B 152 -16.44 20.92 19.35
N GLY B 153 -16.77 22.17 19.05
CA GLY B 153 -15.89 23.31 19.18
C GLY B 153 -14.44 23.08 18.78
N ALA B 154 -14.22 22.31 17.71
CA ALA B 154 -12.87 21.92 17.32
C ALA B 154 -12.20 22.93 16.42
N PHE B 155 -12.98 23.70 15.65
CA PHE B 155 -12.43 24.63 14.68
C PHE B 155 -12.47 26.06 15.16
N THR B 156 -12.89 26.32 16.38
CA THR B 156 -13.06 27.69 16.83
C THR B 156 -11.72 28.40 16.90
N ASN B 157 -11.76 29.72 17.03
CA ASN B 157 -10.58 30.56 16.95
C ASN B 157 -10.05 30.82 18.34
N VAL B 158 -9.18 29.93 18.82
CA VAL B 158 -8.38 30.23 20.00
C VAL B 158 -7.37 31.29 19.60
N HIS B 159 -7.61 32.54 20.01
CA HIS B 159 -7.04 33.70 19.34
C HIS B 159 -5.52 33.76 19.38
N ALA B 160 -4.88 32.73 19.90
CA ALA B 160 -3.42 32.67 19.92
C ALA B 160 -2.88 32.52 18.50
N VAL B 161 -1.56 32.47 18.40
CA VAL B 161 -0.89 32.29 17.12
C VAL B 161 -0.31 30.89 16.99
N GLU B 162 0.19 30.34 18.09
CA GLU B 162 0.89 29.07 18.07
C GLU B 162 -0.03 27.88 18.29
N LYS B 163 -1.32 28.10 18.49
CA LYS B 163 -2.25 26.99 18.65
C LYS B 163 -3.57 27.23 17.92
N ASN B 164 -3.57 28.05 16.88
CA ASN B 164 -4.76 28.38 16.11
C ASN B 164 -4.73 27.72 14.74
N HIS B 165 -4.18 26.52 14.65
CA HIS B 165 -3.99 25.92 13.33
C HIS B 165 -5.33 25.55 12.70
N PHE B 166 -6.23 24.98 13.49
CA PHE B 166 -7.44 24.41 12.94
C PHE B 166 -8.48 25.45 12.57
N PHE B 167 -8.30 26.69 13.01
CA PHE B 167 -9.14 27.76 12.49
C PHE B 167 -8.48 28.45 11.31
N GLN B 168 -7.17 28.63 11.36
CA GLN B 168 -6.48 29.29 10.27
C GLN B 168 -6.56 28.49 8.99
N PHE B 169 -6.41 27.17 9.09
CA PHE B 169 -6.50 26.32 7.90
C PHE B 169 -7.88 26.44 7.25
N LEU B 170 -8.94 26.32 8.06
CA LEU B 170 -10.29 26.40 7.53
C LEU B 170 -10.58 27.78 6.95
N ASN B 171 -10.20 28.82 7.67
CA ASN B 171 -10.36 30.18 7.15
C ASN B 171 -9.70 30.33 5.80
N ASP B 172 -8.47 29.82 5.66
CA ASP B 172 -7.73 30.03 4.43
C ASP B 172 -8.31 29.25 3.27
N ILE B 173 -8.73 28.00 3.49
CA ILE B 173 -9.27 27.25 2.38
C ILE B 173 -10.62 27.82 1.94
N ALA B 174 -11.44 28.28 2.89
CA ALA B 174 -12.69 28.92 2.51
C ALA B 174 -12.42 30.21 1.73
N GLU B 175 -11.48 31.02 2.20
CA GLU B 175 -11.16 32.25 1.49
C GLU B 175 -10.67 31.97 0.09
N LYS B 176 -9.88 30.92 -0.09
CA LYS B 176 -9.34 30.63 -1.42
C LYS B 176 -10.41 30.04 -2.33
N LYS B 177 -11.43 29.37 -1.77
CA LYS B 177 -12.47 28.82 -2.62
C LYS B 177 -13.49 29.85 -3.03
N VAL B 178 -13.77 30.85 -2.19
CA VAL B 178 -14.80 31.82 -2.56
C VAL B 178 -14.36 32.83 -3.61
N HIS B 179 -13.07 32.85 -3.97
CA HIS B 179 -12.46 33.94 -4.72
C HIS B 179 -12.20 33.58 -6.18
N HIS B 180 -13.14 32.90 -6.83
CA HIS B 180 -13.01 32.55 -8.22
C HIS B 180 -14.03 33.32 -9.05
N THR B 181 -13.70 33.53 -10.32
CA THR B 181 -14.70 33.98 -11.27
C THR B 181 -15.52 32.80 -11.75
N PHE B 182 -16.73 33.10 -12.23
CA PHE B 182 -17.70 32.07 -12.56
C PHE B 182 -17.07 30.91 -13.31
N VAL B 183 -16.41 31.21 -14.43
CA VAL B 183 -15.85 30.18 -15.29
C VAL B 183 -14.80 29.35 -14.56
N GLU B 184 -14.08 29.96 -13.62
CA GLU B 184 -13.03 29.22 -12.92
C GLU B 184 -13.64 28.16 -12.00
N CYS B 185 -14.64 28.54 -11.21
CA CYS B 185 -15.28 27.56 -10.34
C CYS B 185 -15.97 26.48 -11.15
N VAL B 186 -16.61 26.87 -12.26
CA VAL B 186 -17.24 25.87 -13.13
C VAL B 186 -16.21 24.88 -13.66
N SER B 187 -15.04 25.38 -14.07
CA SER B 187 -14.01 24.50 -14.60
C SER B 187 -13.52 23.52 -13.54
N LEU B 188 -13.19 24.04 -12.37
CA LEU B 188 -12.74 23.17 -11.29
C LEU B 188 -13.80 22.13 -10.94
N ALA B 189 -15.08 22.53 -11.00
CA ALA B 189 -16.16 21.61 -10.67
C ALA B 189 -16.25 20.47 -11.66
N VAL B 190 -16.12 20.76 -12.96
CA VAL B 190 -16.18 19.69 -13.94
C VAL B 190 -15.00 18.75 -13.76
N GLY B 191 -13.82 19.29 -13.43
CA GLY B 191 -12.70 18.40 -13.12
C GLY B 191 -13.00 17.45 -11.98
N CYS B 192 -13.55 17.99 -10.90
CA CYS B 192 -13.88 17.17 -9.73
C CYS B 192 -14.84 16.05 -10.10
N ASN B 193 -15.98 16.40 -10.69
CA ASN B 193 -16.95 15.35 -10.93
C ASN B 193 -16.44 14.34 -11.93
N ILE B 194 -15.60 14.76 -12.89
CA ILE B 194 -15.00 13.78 -13.79
C ILE B 194 -14.24 12.73 -12.99
N PHE B 195 -13.38 13.18 -12.08
CA PHE B 195 -12.63 12.23 -11.26
C PHE B 195 -13.56 11.33 -10.44
N VAL B 196 -14.62 11.91 -9.89
CA VAL B 196 -15.52 11.16 -9.02
C VAL B 196 -16.23 10.05 -9.80
N CYS B 197 -16.81 10.39 -10.94
CA CYS B 197 -17.55 9.35 -11.65
C CYS B 197 -16.62 8.33 -12.29
N LEU B 198 -15.38 8.72 -12.60
CA LEU B 198 -14.43 7.67 -12.97
C LEU B 198 -14.17 6.72 -11.81
N ALA B 199 -14.13 7.23 -10.58
CA ALA B 199 -13.96 6.32 -9.44
C ALA B 199 -15.16 5.39 -9.29
N VAL B 200 -16.36 5.91 -9.54
CA VAL B 200 -17.56 5.08 -9.49
C VAL B 200 -17.48 3.98 -10.53
N TYR B 201 -17.10 4.34 -11.75
CA TYR B 201 -16.85 3.33 -12.79
C TYR B 201 -15.83 2.31 -12.33
N PHE B 202 -14.78 2.75 -11.63
CA PHE B 202 -13.78 1.84 -11.12
C PHE B 202 -14.39 0.76 -10.24
N VAL B 203 -15.15 1.17 -9.22
CA VAL B 203 -15.72 0.17 -8.34
C VAL B 203 -16.74 -0.69 -9.07
N LEU B 204 -17.38 -0.14 -10.11
CA LEU B 204 -18.31 -0.98 -10.86
C LEU B 204 -17.58 -2.05 -11.66
N THR B 205 -16.34 -1.79 -12.08
CA THR B 205 -15.64 -2.76 -12.90
C THR B 205 -14.69 -3.67 -12.13
N LEU B 206 -14.30 -3.32 -10.90
CA LEU B 206 -13.26 -4.09 -10.21
C LEU B 206 -13.77 -5.40 -9.65
N LYS B 207 -14.79 -5.33 -8.78
CA LYS B 207 -15.38 -6.52 -8.15
C LYS B 207 -14.38 -7.21 -7.23
N ASP B 208 -13.59 -6.43 -6.50
CA ASP B 208 -12.57 -6.98 -5.62
C ASP B 208 -12.31 -5.99 -4.48
N GLY B 209 -11.67 -6.49 -3.44
CA GLY B 209 -11.45 -5.68 -2.25
C GLY B 209 -10.38 -4.62 -2.39
N ALA B 210 -9.14 -5.05 -2.61
CA ALA B 210 -8.04 -4.10 -2.75
C ALA B 210 -8.26 -3.19 -3.95
N GLY B 211 -8.83 -3.72 -5.01
CA GLY B 211 -9.18 -2.91 -6.16
C GLY B 211 -10.05 -1.76 -5.74
N TYR B 212 -11.20 -2.08 -5.15
CA TYR B 212 -12.09 -1.08 -4.56
C TYR B 212 -11.30 -0.03 -3.80
N VAL B 213 -10.64 -0.48 -2.73
CA VAL B 213 -10.05 0.44 -1.76
C VAL B 213 -9.05 1.37 -2.45
N PHE B 214 -8.02 0.80 -3.06
CA PHE B 214 -6.92 1.63 -3.52
C PHE B 214 -7.26 2.40 -4.80
N SER B 215 -8.01 1.79 -5.72
CA SER B 215 -8.52 2.53 -6.86
C SER B 215 -9.20 3.82 -6.43
N VAL B 216 -10.17 3.71 -5.52
CA VAL B 216 -10.86 4.94 -5.16
C VAL B 216 -9.97 5.84 -4.34
N PHE B 217 -9.04 5.27 -3.55
CA PHE B 217 -8.13 6.12 -2.80
C PHE B 217 -7.36 7.04 -3.73
N PHE B 218 -6.78 6.47 -4.78
CA PHE B 218 -6.01 7.29 -5.71
C PHE B 218 -6.90 8.30 -6.43
N ALA B 219 -8.10 7.89 -6.87
CA ALA B 219 -8.98 8.83 -7.57
C ALA B 219 -9.34 10.02 -6.68
N VAL B 220 -9.79 9.73 -5.46
CA VAL B 220 -10.23 10.79 -4.56
C VAL B 220 -9.05 11.65 -4.10
N TYR B 221 -7.90 11.04 -3.85
CA TYR B 221 -6.73 11.81 -3.48
C TYR B 221 -6.34 12.77 -4.60
N ALA B 222 -6.42 12.31 -5.84
CA ALA B 222 -6.06 13.16 -6.96
C ALA B 222 -7.04 14.29 -7.15
N PHE B 223 -8.34 14.05 -6.92
CA PHE B 223 -9.27 15.17 -7.07
C PHE B 223 -9.24 16.09 -5.86
N ALA B 224 -8.72 15.63 -4.73
CA ALA B 224 -8.59 16.52 -3.58
C ALA B 224 -7.35 17.39 -3.67
N ILE B 225 -6.18 16.78 -3.88
CA ILE B 225 -4.93 17.52 -3.96
C ILE B 225 -4.96 18.53 -5.10
N ALA B 226 -5.78 18.31 -6.11
CA ALA B 226 -5.80 19.19 -7.27
C ALA B 226 -6.49 20.51 -6.97
N GLY B 227 -7.43 20.52 -6.03
CA GLY B 227 -8.17 21.73 -5.74
C GLY B 227 -9.42 21.90 -6.59
N TYR B 228 -10.07 20.81 -6.99
CA TYR B 228 -11.29 20.89 -7.75
C TYR B 228 -12.44 21.24 -6.80
N GLU B 229 -13.69 21.08 -7.24
CA GLU B 229 -14.84 21.50 -6.44
C GLU B 229 -15.90 20.40 -6.40
N HIS B 230 -16.05 19.77 -5.24
CA HIS B 230 -17.14 18.85 -4.96
C HIS B 230 -18.29 19.61 -4.33
N ILE B 231 -19.52 19.30 -4.73
CA ILE B 231 -20.63 20.16 -4.32
C ILE B 231 -21.01 19.90 -2.87
N ILE B 232 -21.04 18.64 -2.44
CA ILE B 232 -21.42 18.36 -1.06
C ILE B 232 -20.26 18.63 -0.11
N ALA B 233 -19.04 18.30 -0.52
CA ALA B 233 -17.88 18.70 0.28
C ALA B 233 -17.87 20.21 0.48
N ASN B 234 -18.21 20.96 -0.56
CA ASN B 234 -18.25 22.41 -0.43
C ASN B 234 -19.41 22.85 0.45
N ILE B 235 -20.55 22.16 0.37
CA ILE B 235 -21.67 22.46 1.28
C ILE B 235 -21.19 22.38 2.71
N TYR B 236 -20.61 21.23 3.08
CA TYR B 236 -20.15 21.02 4.45
C TYR B 236 -19.11 22.06 4.86
N THR B 237 -18.07 22.22 4.05
CA THR B 237 -16.96 23.06 4.46
C THR B 237 -17.36 24.52 4.57
N LEU B 238 -18.12 25.02 3.60
CA LEU B 238 -18.51 26.42 3.67
C LEU B 238 -19.53 26.65 4.77
N ASN B 239 -20.39 25.67 5.07
CA ASN B 239 -21.36 25.87 6.14
C ASN B 239 -20.70 25.83 7.52
N ILE B 240 -19.70 24.97 7.71
CA ILE B 240 -18.97 25.00 8.98
C ILE B 240 -18.10 26.25 9.08
N ALA B 241 -17.58 26.75 7.97
CA ALA B 241 -16.85 28.01 8.03
C ALA B 241 -17.77 29.16 8.37
N LEU B 242 -19.01 29.12 7.90
CA LEU B 242 -19.96 30.16 8.29
C LEU B 242 -20.33 30.04 9.77
N MET B 243 -20.44 28.82 10.28
CA MET B 243 -20.75 28.62 11.70
C MET B 243 -19.62 29.14 12.58
N VAL B 244 -18.40 28.61 12.37
CA VAL B 244 -17.23 29.00 13.15
C VAL B 244 -16.85 30.46 12.96
N ASN B 245 -17.48 31.16 12.03
CA ASN B 245 -17.25 32.58 11.79
C ASN B 245 -15.80 32.85 11.38
N THR B 246 -15.45 32.35 10.21
CA THR B 246 -14.26 32.81 9.51
C THR B 246 -14.63 34.08 8.76
N LYS B 247 -13.77 34.54 7.85
CA LYS B 247 -14.02 35.78 7.14
C LYS B 247 -14.58 35.47 5.74
N ILE B 248 -15.87 35.16 5.71
CA ILE B 248 -16.65 35.02 4.50
C ILE B 248 -18.06 35.52 4.78
N THR B 249 -18.92 35.49 3.76
CA THR B 249 -20.32 35.81 3.93
C THR B 249 -21.16 34.72 3.30
N VAL B 250 -22.48 34.84 3.43
CA VAL B 250 -23.38 33.85 2.87
C VAL B 250 -23.31 33.86 1.34
N TYR B 251 -23.17 35.05 0.75
CA TYR B 251 -23.01 35.14 -0.69
C TYR B 251 -21.87 34.28 -1.17
N GLN B 252 -20.65 34.63 -0.76
CA GLN B 252 -19.44 33.98 -1.27
C GLN B 252 -19.46 32.47 -1.11
N ALA B 253 -20.44 31.92 -0.37
CA ALA B 253 -20.60 30.48 -0.28
C ALA B 253 -21.69 29.98 -1.23
N TYR B 254 -22.91 30.50 -1.07
CA TYR B 254 -24.03 29.98 -1.83
C TYR B 254 -24.00 30.44 -3.28
N ILE B 255 -23.78 31.72 -3.51
CA ILE B 255 -23.89 32.27 -4.85
C ILE B 255 -22.56 32.28 -5.57
N LYS B 256 -21.52 32.79 -4.93
CA LYS B 256 -20.24 32.90 -5.62
C LYS B 256 -19.46 31.60 -5.69
N ASN B 257 -19.89 30.55 -4.99
CA ASN B 257 -19.14 29.31 -5.06
C ASN B 257 -19.98 28.07 -5.26
N LEU B 258 -21.23 28.07 -4.81
CA LEU B 258 -21.98 26.83 -4.82
C LEU B 258 -22.78 26.59 -6.10
N LEU B 259 -23.45 27.62 -6.62
CA LEU B 259 -24.12 27.45 -7.92
C LEU B 259 -23.15 27.05 -9.01
N PRO B 260 -21.99 27.71 -9.19
CA PRO B 260 -21.05 27.23 -10.20
C PRO B 260 -20.65 25.78 -10.01
N THR B 261 -20.35 25.35 -8.80
CA THR B 261 -19.88 23.98 -8.65
C THR B 261 -21.00 22.97 -8.85
N LEU B 262 -22.23 23.34 -8.48
CA LEU B 262 -23.37 22.47 -8.77
C LEU B 262 -23.52 22.26 -10.27
N LEU B 263 -23.52 23.36 -11.03
CA LEU B 263 -23.68 23.24 -12.48
C LEU B 263 -22.50 22.51 -13.11
N GLY B 264 -21.29 22.81 -12.65
CA GLY B 264 -20.13 22.12 -13.18
C GLY B 264 -20.19 20.63 -12.95
N ASN B 265 -20.56 20.21 -11.74
CA ASN B 265 -20.62 18.79 -11.45
C ASN B 265 -21.70 18.11 -12.28
N TYR B 266 -22.87 18.76 -12.42
CA TYR B 266 -23.94 18.16 -13.19
C TYR B 266 -23.53 17.96 -14.63
N ILE B 267 -22.92 18.97 -15.26
CA ILE B 267 -22.57 18.83 -16.66
C ILE B 267 -21.38 17.90 -16.83
N ALA B 268 -20.50 17.82 -15.83
CA ALA B 268 -19.39 16.89 -15.92
C ALA B 268 -19.89 15.46 -15.90
N GLY B 269 -20.92 15.17 -15.10
CA GLY B 269 -21.48 13.85 -15.09
C GLY B 269 -22.37 13.54 -16.27
N ALA B 270 -23.21 14.52 -16.61
CA ALA B 270 -24.15 14.43 -17.72
C ALA B 270 -23.59 14.46 -19.14
N ILE B 271 -22.65 15.36 -19.42
CA ILE B 271 -22.12 15.47 -20.78
C ILE B 271 -20.61 15.27 -21.02
N VAL B 272 -19.76 15.65 -20.08
CA VAL B 272 -18.32 15.43 -20.32
C VAL B 272 -17.98 13.95 -20.53
N LEU B 273 -18.52 13.11 -19.67
CA LEU B 273 -18.43 11.66 -19.78
C LEU B 273 -19.79 11.11 -19.47
N GLY B 274 -20.42 10.51 -20.47
CA GLY B 274 -21.80 10.07 -20.37
C GLY B 274 -22.54 10.30 -21.65
N LEU B 275 -22.19 11.36 -22.36
CA LEU B 275 -22.65 11.48 -23.73
C LEU B 275 -21.74 10.70 -24.67
N PRO B 276 -20.40 10.76 -24.52
CA PRO B 276 -19.54 9.91 -25.36
C PRO B 276 -19.70 8.42 -25.09
N LEU B 277 -19.63 8.00 -23.83
CA LEU B 277 -19.64 6.56 -23.55
C LEU B 277 -20.97 5.92 -23.90
N TYR B 278 -22.07 6.69 -23.79
CA TYR B 278 -23.34 6.23 -24.35
C TYR B 278 -23.20 5.97 -25.84
N PHE B 279 -22.65 6.94 -26.57
CA PHE B 279 -22.47 6.78 -28.01
C PHE B 279 -21.59 5.59 -28.34
N ILE B 280 -20.69 5.22 -27.43
CA ILE B 280 -19.77 4.13 -27.69
C ILE B 280 -20.46 2.78 -27.49
N TYR B 281 -21.16 2.60 -26.38
CA TYR B 281 -21.68 1.28 -26.02
C TYR B 281 -23.20 1.17 -26.13
N LYS B 282 -23.85 2.08 -26.86
CA LYS B 282 -25.28 1.96 -27.07
C LYS B 282 -25.64 0.65 -27.75
N GLU B 283 -24.94 0.30 -28.82
CA GLU B 283 -25.24 -0.93 -29.52
C GLU B 283 -25.01 -2.14 -28.63
N HIS B 284 -24.01 -2.07 -27.75
CA HIS B 284 -23.71 -3.23 -26.92
C HIS B 284 -24.75 -3.41 -25.84
N TYR B 285 -25.27 -2.31 -25.26
CA TYR B 285 -26.34 -2.50 -24.30
C TYR B 285 -27.64 -2.93 -24.98
N TYR B 286 -27.88 -2.45 -26.21
CA TYR B 286 -29.01 -2.97 -26.97
C TYR B 286 -28.87 -4.48 -27.18
N ASN B 287 -27.66 -4.94 -27.52
CA ASN B 287 -27.41 -6.36 -27.68
C ASN B 287 -27.68 -7.10 -26.37
N PHE B 288 -27.21 -6.55 -25.25
CA PHE B 288 -27.40 -7.22 -23.98
C PHE B 288 -28.88 -7.34 -23.64
N GLU B 289 -29.64 -6.28 -23.86
CA GLU B 289 -31.06 -6.34 -23.57
C GLU B 289 -31.76 -7.36 -24.47
N ARG B 290 -31.41 -7.37 -25.75
CA ARG B 290 -32.03 -8.34 -26.65
C ARG B 290 -31.65 -9.76 -26.29
N SER B 291 -30.45 -9.95 -25.72
CA SER B 291 -30.02 -11.29 -25.34
C SER B 291 -30.72 -11.77 -24.07
N LYS B 292 -30.84 -10.89 -23.09
CA LYS B 292 -31.62 -11.20 -21.89
C LYS B 292 -33.09 -11.46 -22.23
N ARG B 293 -33.59 -10.84 -23.30
CA ARG B 293 -34.93 -11.16 -23.77
C ARG B 293 -34.96 -12.44 -24.61
N ASP B 294 -33.83 -12.79 -25.21
CA ASP B 294 -33.74 -14.02 -25.99
C ASP B 294 -33.77 -15.24 -25.07
N ASN B 295 -33.02 -15.19 -23.97
CA ASN B 295 -33.01 -16.32 -23.05
C ASN B 295 -34.36 -16.46 -22.35
N ASN B 296 -34.75 -15.42 -21.60
CA ASN B 296 -36.01 -15.44 -20.87
C ASN B 296 -36.58 -14.02 -20.76
N VAL C 9 -29.61 -17.72 -0.75
CA VAL C 9 -29.00 -17.40 0.54
C VAL C 9 -27.49 -17.29 0.39
N LEU C 10 -26.85 -16.64 1.35
CA LEU C 10 -25.42 -16.38 1.26
C LEU C 10 -24.64 -17.68 1.39
N ASP C 11 -23.73 -17.92 0.45
CA ASP C 11 -22.85 -19.07 0.52
C ASP C 11 -21.63 -18.89 -0.39
N PRO C 12 -20.71 -17.99 -0.06
CA PRO C 12 -19.51 -17.82 -0.88
C PRO C 12 -18.65 -19.07 -0.85
N VAL C 13 -17.64 -19.08 -1.72
CA VAL C 13 -16.74 -20.22 -1.86
C VAL C 13 -15.46 -19.92 -1.09
N SER C 14 -15.04 -20.88 -0.27
CA SER C 14 -13.83 -20.70 0.53
C SER C 14 -12.61 -20.78 -0.37
N ILE C 15 -12.01 -19.64 -0.64
CA ILE C 15 -10.88 -19.55 -1.55
C ILE C 15 -9.59 -19.63 -0.75
N LYS C 16 -8.50 -19.99 -1.42
CA LYS C 16 -7.19 -20.02 -0.80
C LYS C 16 -6.18 -19.64 -1.88
N SER C 17 -5.76 -18.38 -1.89
CA SER C 17 -4.88 -17.87 -2.93
C SER C 17 -3.44 -18.32 -2.77
N VAL C 18 -3.07 -18.88 -1.63
CA VAL C 18 -1.70 -19.23 -1.33
C VAL C 18 -1.63 -20.67 -0.84
N CYS C 19 -0.75 -21.46 -1.44
CA CYS C 19 -0.56 -22.86 -1.08
C CYS C 19 0.95 -23.13 -1.17
N GLY C 20 1.63 -23.00 -0.04
CA GLY C 20 3.08 -23.09 -0.04
C GLY C 20 3.65 -24.22 0.79
N GLY C 21 4.95 -24.17 1.01
CA GLY C 21 5.62 -25.20 1.78
C GLY C 21 6.37 -26.16 0.89
N GLU C 22 5.78 -27.33 0.68
CA GLU C 22 6.34 -28.34 -0.22
C GLU C 22 6.05 -27.99 -1.67
N GLU C 23 4.87 -27.43 -1.93
CA GLU C 23 4.52 -27.04 -3.29
C GLU C 23 5.50 -26.03 -3.85
N SER C 24 6.00 -25.13 -3.01
CA SER C 24 6.99 -24.15 -3.45
C SER C 24 8.22 -24.83 -4.02
N TYR C 25 8.77 -25.80 -3.29
CA TYR C 25 9.94 -26.52 -3.77
C TYR C 25 9.62 -27.27 -5.06
N ILE C 26 8.45 -27.89 -5.12
CA ILE C 26 8.06 -28.62 -6.32
C ILE C 26 8.09 -27.69 -7.54
N ARG C 27 7.42 -26.55 -7.43
CA ARG C 27 7.37 -25.61 -8.54
C ARG C 27 8.75 -25.11 -8.92
N CYS C 28 9.57 -24.76 -7.92
CA CYS C 28 10.85 -24.17 -8.25
C CYS C 28 11.74 -25.16 -8.98
N VAL C 29 11.71 -26.43 -8.59
CA VAL C 29 12.58 -27.38 -9.28
C VAL C 29 12.01 -27.74 -10.64
N GLU C 30 10.69 -27.78 -10.80
CA GLU C 30 10.17 -28.08 -12.13
C GLU C 30 10.43 -26.95 -13.10
N TYR C 31 10.39 -25.70 -12.61
CA TYR C 31 10.73 -24.56 -13.46
C TYR C 31 12.22 -24.55 -13.81
N GLY C 32 13.09 -24.78 -12.82
CA GLY C 32 14.50 -24.87 -13.10
C GLY C 32 14.84 -25.97 -14.09
N LYS C 33 14.08 -27.07 -14.06
CA LYS C 33 14.28 -28.10 -15.07
C LYS C 33 13.79 -27.65 -16.43
N LYS C 34 12.65 -26.98 -16.49
CA LYS C 34 12.07 -26.62 -17.78
C LYS C 34 12.89 -25.55 -18.48
N LYS C 35 13.59 -24.72 -17.74
CA LYS C 35 14.36 -23.67 -18.44
C LYS C 35 15.57 -24.21 -19.23
N ALA C 36 15.77 -25.51 -19.42
CA ALA C 36 16.96 -26.02 -20.08
C ALA C 36 16.66 -26.68 -21.41
N HIS C 37 15.50 -26.39 -22.00
CA HIS C 37 15.11 -26.91 -23.31
C HIS C 37 14.76 -25.77 -24.25
N TYR C 38 15.48 -24.65 -24.12
CA TYR C 38 15.10 -23.40 -24.75
C TYR C 38 15.94 -23.10 -25.98
N SER C 39 16.21 -24.11 -26.80
CA SER C 39 16.63 -23.94 -28.19
C SER C 39 18.00 -23.33 -28.35
N ASN C 40 18.74 -23.10 -27.26
CA ASN C 40 20.08 -22.55 -27.27
C ASN C 40 20.11 -21.09 -27.73
N LEU C 41 18.98 -20.52 -28.15
CA LEU C 41 18.93 -19.15 -28.62
C LEU C 41 17.78 -18.34 -28.08
N ASN C 42 16.69 -18.96 -27.61
CA ASN C 42 15.70 -18.21 -26.86
C ASN C 42 16.27 -17.75 -25.53
N LEU C 43 17.12 -18.57 -24.93
CA LEU C 43 17.76 -18.19 -23.68
C LEU C 43 18.52 -16.89 -23.83
N LEU C 44 19.25 -16.73 -24.93
CA LEU C 44 20.06 -15.53 -25.13
C LEU C 44 19.17 -14.31 -25.30
N ALA C 45 18.11 -14.43 -26.09
CA ALA C 45 17.22 -13.29 -26.28
C ALA C 45 16.59 -12.88 -24.95
N LYS C 46 16.10 -13.85 -24.20
CA LYS C 46 15.48 -13.55 -22.91
C LYS C 46 16.48 -12.93 -21.95
N ALA C 47 17.72 -13.40 -21.99
CA ALA C 47 18.73 -12.87 -21.08
C ALA C 47 19.06 -11.43 -21.41
N ILE C 48 19.17 -11.10 -22.70
CA ILE C 48 19.45 -9.72 -23.08
C ILE C 48 18.28 -8.82 -22.72
N LEU C 49 17.05 -9.34 -22.85
CA LEU C 49 15.90 -8.55 -22.41
C LEU C 49 15.95 -8.27 -20.92
N ALA C 50 16.35 -9.27 -20.12
CA ALA C 50 16.50 -9.06 -18.69
C ALA C 50 17.57 -8.02 -18.40
N GLY C 51 18.66 -8.05 -19.16
CA GLY C 51 19.70 -7.04 -18.99
C GLY C 51 19.19 -5.64 -19.23
N MET C 52 18.49 -5.43 -20.35
CA MET C 52 17.96 -4.10 -20.60
C MET C 52 16.90 -3.69 -19.58
N PHE C 53 16.14 -4.65 -19.03
CA PHE C 53 15.17 -4.31 -18.01
C PHE C 53 15.85 -3.81 -16.74
N VAL C 54 16.91 -4.51 -16.32
CA VAL C 54 17.68 -4.06 -15.15
C VAL C 54 18.28 -2.69 -15.43
N GLY C 55 18.78 -2.48 -16.64
CA GLY C 55 19.30 -1.17 -16.99
C GLY C 55 18.24 -0.08 -16.88
N LEU C 56 17.04 -0.35 -17.38
CA LEU C 56 15.91 0.57 -17.25
C LEU C 56 15.68 0.98 -15.81
N CYS C 57 15.44 -0.01 -14.96
CA CYS C 57 15.07 0.30 -13.58
C CYS C 57 16.22 0.95 -12.84
N ALA C 58 17.46 0.59 -13.14
CA ALA C 58 18.59 1.17 -12.43
C ALA C 58 18.84 2.60 -12.87
N HIS C 59 18.66 2.89 -14.16
CA HIS C 59 18.76 4.28 -14.62
C HIS C 59 17.71 5.14 -13.94
N ALA C 60 16.45 4.66 -13.93
CA ALA C 60 15.39 5.42 -13.29
C ALA C 60 15.68 5.64 -11.82
N SER C 61 16.19 4.61 -11.15
CA SER C 61 16.48 4.73 -9.72
C SER C 61 17.63 5.70 -9.48
N GLY C 62 18.63 5.69 -10.35
CA GLY C 62 19.72 6.63 -10.22
C GLY C 62 19.24 8.06 -10.33
N ILE C 63 18.38 8.34 -11.31
CA ILE C 63 17.84 9.69 -11.44
C ILE C 63 17.05 10.07 -10.19
N ALA C 64 16.19 9.17 -9.73
CA ALA C 64 15.37 9.45 -8.56
C ALA C 64 16.23 9.75 -7.34
N GLY C 65 17.19 8.88 -7.05
CA GLY C 65 18.03 9.08 -5.89
C GLY C 65 18.88 10.33 -6.00
N GLY C 66 19.38 10.64 -7.20
CA GLY C 66 20.15 11.84 -7.38
C GLY C 66 19.33 13.09 -7.14
N LEU C 67 18.04 13.05 -7.48
CA LEU C 67 17.21 14.22 -7.24
C LEU C 67 17.22 14.63 -5.78
N PHE C 68 17.32 13.67 -4.87
CA PHE C 68 17.38 13.96 -3.44
C PHE C 68 18.79 14.19 -2.94
N TYR C 69 19.78 14.10 -3.81
CA TYR C 69 21.17 14.34 -3.45
C TYR C 69 21.55 15.79 -3.69
N TYR C 70 20.72 16.72 -3.23
CA TYR C 70 20.94 18.12 -3.55
C TYR C 70 22.19 18.63 -2.85
N HIS C 71 22.67 19.82 -3.14
CA HIS C 71 23.82 20.20 -2.34
C HIS C 71 23.42 20.47 -0.87
N LYS C 72 22.40 21.32 -0.74
CA LYS C 72 21.87 21.71 0.56
C LYS C 72 21.16 20.60 1.31
N LEU C 73 20.39 19.79 0.58
CA LEU C 73 19.69 18.67 1.17
C LEU C 73 20.68 17.66 1.72
N ARG C 74 21.77 17.44 0.98
CA ARG C 74 22.86 16.54 1.35
C ARG C 74 23.53 16.99 2.63
N GLU C 75 23.65 18.29 2.86
CA GLU C 75 24.30 18.70 4.13
C GLU C 75 23.64 18.27 5.49
N ILE C 76 22.36 17.93 5.50
CA ILE C 76 21.56 17.57 6.67
C ILE C 76 21.34 16.07 6.68
N VAL C 77 20.62 15.59 5.68
CA VAL C 77 20.32 14.17 5.51
C VAL C 77 21.54 13.30 5.25
N GLY C 78 22.51 13.83 4.51
CA GLY C 78 23.72 13.09 4.23
C GLY C 78 23.51 11.73 3.59
N ALA C 79 22.75 11.68 2.51
CA ALA C 79 22.51 10.42 1.80
C ALA C 79 21.42 9.49 2.35
N SER C 80 20.62 9.94 3.30
CA SER C 80 19.60 9.08 3.85
C SER C 80 18.43 8.93 2.89
N MET C 81 18.03 10.05 2.27
CA MET C 81 16.91 10.09 1.35
C MET C 81 17.31 9.57 -0.02
N SER C 82 18.56 9.77 -0.43
CA SER C 82 19.00 9.29 -1.73
C SER C 82 18.88 7.77 -1.82
N VAL C 83 19.52 7.07 -0.90
CA VAL C 83 19.46 5.61 -0.91
C VAL C 83 18.04 5.12 -0.68
N PHE C 84 17.26 5.82 0.13
CA PHE C 84 15.89 5.38 0.36
C PHE C 84 15.07 5.43 -0.92
N VAL C 85 15.13 6.55 -1.65
CA VAL C 85 14.36 6.66 -2.88
C VAL C 85 14.90 5.69 -3.93
N TYR C 86 16.23 5.50 -3.98
CA TYR C 86 16.78 4.53 -4.91
C TYR C 86 16.19 3.15 -4.67
N GLY C 87 16.23 2.69 -3.42
CA GLY C 87 15.64 1.40 -3.10
C GLY C 87 14.14 1.36 -3.26
N PHE C 88 13.48 2.51 -3.17
CA PHE C 88 12.04 2.53 -3.32
C PHE C 88 11.62 2.40 -4.78
N THR C 89 12.43 2.88 -5.71
CA THR C 89 12.05 2.80 -7.11
C THR C 89 12.76 1.70 -7.89
N PHE C 90 13.76 1.04 -7.31
CA PHE C 90 14.38 -0.09 -8.01
C PHE C 90 13.44 -1.28 -8.19
N PRO C 91 12.72 -1.77 -7.16
CA PRO C 91 12.25 -3.17 -7.19
C PRO C 91 11.26 -3.54 -8.29
N ILE C 92 10.94 -2.64 -9.22
CA ILE C 92 10.00 -3.01 -10.28
C ILE C 92 10.67 -3.83 -11.36
N ALA C 93 11.99 -3.92 -11.35
CA ALA C 93 12.68 -4.78 -12.30
C ALA C 93 12.25 -6.23 -12.15
N PHE C 94 12.03 -6.68 -10.91
CA PHE C 94 11.58 -8.04 -10.68
C PHE C 94 10.28 -8.33 -11.42
N MET C 95 9.29 -7.46 -11.22
CA MET C 95 7.99 -7.67 -11.86
C MET C 95 8.13 -7.61 -13.37
N CYS C 96 8.87 -6.62 -13.87
CA CYS C 96 8.98 -6.46 -15.31
C CYS C 96 9.69 -7.64 -15.95
N ILE C 97 10.59 -8.29 -15.23
CA ILE C 97 11.26 -9.46 -15.78
C ILE C 97 10.35 -10.68 -15.73
N ILE C 98 9.66 -10.91 -14.61
CA ILE C 98 8.88 -12.13 -14.50
C ILE C 98 7.68 -12.10 -15.44
N CYS C 99 7.06 -10.93 -15.61
CA CYS C 99 5.83 -10.88 -16.40
C CYS C 99 6.05 -11.15 -17.88
N THR C 100 7.30 -11.20 -18.35
CA THR C 100 7.59 -11.51 -19.73
C THR C 100 8.30 -12.83 -19.92
N GLY C 101 8.99 -13.34 -18.91
CA GLY C 101 9.60 -14.64 -18.98
C GLY C 101 11.05 -14.59 -19.37
N SER C 102 11.77 -13.59 -18.89
CA SER C 102 13.18 -13.44 -19.25
C SER C 102 14.01 -14.44 -18.46
N ASP C 103 15.33 -14.22 -18.44
CA ASP C 103 16.27 -15.17 -17.86
C ASP C 103 17.31 -14.38 -17.09
N LEU C 104 17.28 -14.45 -15.76
CA LEU C 104 18.20 -13.71 -14.92
C LEU C 104 19.15 -14.68 -14.24
N PHE C 105 20.45 -14.49 -14.45
CA PHE C 105 21.45 -15.43 -13.95
C PHE C 105 21.43 -15.50 -12.42
N THR C 106 21.46 -14.35 -11.77
CA THR C 106 21.58 -14.32 -10.32
C THR C 106 20.43 -15.04 -9.65
N GLY C 107 19.23 -14.96 -10.23
CA GLY C 107 18.14 -15.78 -9.75
C GLY C 107 18.13 -17.18 -10.33
N ASN C 108 18.80 -17.38 -11.46
CA ASN C 108 18.87 -18.72 -12.04
C ASN C 108 19.74 -19.64 -11.20
N THR C 109 20.62 -19.06 -10.40
CA THR C 109 21.53 -19.92 -9.68
C THR C 109 20.80 -20.86 -8.77
N LEU C 110 19.87 -20.38 -7.97
CA LEU C 110 19.16 -21.31 -7.10
C LEU C 110 18.27 -22.29 -7.84
N ALA C 111 17.42 -21.76 -8.71
CA ALA C 111 16.48 -22.60 -9.43
C ALA C 111 17.18 -23.54 -10.36
N VAL C 112 18.15 -23.03 -11.08
CA VAL C 112 18.87 -23.87 -11.99
C VAL C 112 19.70 -24.93 -11.27
N THR C 113 20.36 -24.58 -10.17
CA THR C 113 21.15 -25.62 -9.49
C THR C 113 20.30 -26.70 -8.85
N MET C 114 19.23 -26.30 -8.17
CA MET C 114 18.36 -27.27 -7.53
C MET C 114 17.94 -28.35 -8.52
N ALA C 115 17.47 -27.92 -9.68
CA ALA C 115 17.11 -28.88 -10.72
C ALA C 115 18.29 -29.77 -11.07
N LEU C 116 19.50 -29.23 -11.05
CA LEU C 116 20.67 -30.07 -11.29
C LEU C 116 20.80 -31.13 -10.19
N TYR C 117 20.68 -30.70 -8.94
CA TYR C 117 20.80 -31.62 -7.81
C TYR C 117 19.86 -32.80 -7.96
N GLU C 118 18.60 -32.54 -8.25
CA GLU C 118 17.63 -33.62 -8.24
C GLU C 118 17.67 -34.48 -9.48
N LYS C 119 18.70 -34.38 -10.30
CA LYS C 119 18.83 -35.19 -11.52
C LYS C 119 17.67 -34.96 -12.47
N LYS C 120 17.31 -33.70 -12.67
CA LYS C 120 16.38 -33.28 -13.71
C LYS C 120 17.05 -32.55 -14.85
N VAL C 121 18.18 -31.89 -14.61
CA VAL C 121 19.02 -31.35 -15.66
C VAL C 121 20.32 -32.12 -15.62
N LYS C 122 21.23 -31.82 -16.53
CA LYS C 122 22.50 -32.52 -16.64
C LYS C 122 23.65 -31.56 -16.36
N LEU C 123 24.87 -32.04 -16.57
CA LEU C 123 26.05 -31.25 -16.28
C LEU C 123 26.30 -30.19 -17.35
N LEU C 124 26.43 -30.63 -18.60
CA LEU C 124 26.71 -29.69 -19.68
C LEU C 124 25.55 -28.74 -19.91
N ASP C 125 24.31 -29.21 -19.74
CA ASP C 125 23.17 -28.32 -19.93
C ASP C 125 23.13 -27.25 -18.86
N TYR C 126 23.47 -27.60 -17.61
CA TYR C 126 23.56 -26.61 -16.55
C TYR C 126 24.64 -25.59 -16.83
N LEU C 127 25.83 -26.09 -17.17
CA LEU C 127 26.93 -25.24 -17.63
C LEU C 127 26.44 -24.21 -18.64
N ARG C 128 25.98 -24.69 -19.79
CA ARG C 128 25.72 -23.80 -20.92
C ARG C 128 24.51 -22.91 -20.67
N VAL C 129 23.49 -23.39 -19.96
CA VAL C 129 22.37 -22.52 -19.64
C VAL C 129 22.85 -21.32 -18.86
N MET C 130 23.71 -21.54 -17.85
CA MET C 130 24.05 -20.39 -17.04
C MET C 130 25.14 -19.52 -17.66
N THR C 131 26.00 -20.07 -18.52
CA THR C 131 26.89 -19.16 -19.26
C THR C 131 26.11 -18.31 -20.25
N ILE C 132 25.10 -18.89 -20.90
CA ILE C 132 24.21 -18.09 -21.74
C ILE C 132 23.60 -16.98 -20.93
N SER C 133 23.09 -17.31 -19.73
CA SER C 133 22.43 -16.29 -18.92
C SER C 133 23.38 -15.18 -18.56
N LEU C 134 24.60 -15.53 -18.15
CA LEU C 134 25.63 -14.53 -17.87
C LEU C 134 25.81 -13.60 -19.05
N PHE C 135 26.21 -14.15 -20.19
CA PHE C 135 26.57 -13.31 -21.33
C PHE C 135 25.39 -12.46 -21.78
N GLY C 136 24.18 -13.02 -21.75
CA GLY C 136 23.03 -12.28 -22.22
C GLY C 136 22.68 -11.12 -21.31
N ASN C 137 22.69 -11.36 -20.00
CA ASN C 137 22.39 -10.28 -19.07
C ASN C 137 23.44 -9.18 -19.19
N TYR C 138 24.71 -9.56 -19.38
CA TYR C 138 25.76 -8.56 -19.51
C TYR C 138 25.56 -7.72 -20.77
N VAL C 139 25.27 -8.38 -21.89
CA VAL C 139 25.06 -7.66 -23.14
C VAL C 139 23.92 -6.68 -22.99
N GLY C 140 22.80 -7.12 -22.42
CA GLY C 140 21.67 -6.22 -22.26
C GLY C 140 22.00 -5.04 -21.38
N ALA C 141 22.70 -5.28 -20.26
CA ALA C 141 22.98 -4.19 -19.34
C ALA C 141 23.91 -3.16 -19.95
N VAL C 142 24.95 -3.60 -20.65
CA VAL C 142 25.89 -2.63 -21.21
C VAL C 142 25.27 -1.92 -22.41
N SER C 143 24.42 -2.60 -23.18
CA SER C 143 23.74 -1.92 -24.27
C SER C 143 22.83 -0.82 -23.75
N PHE C 144 22.06 -1.12 -22.70
CA PHE C 144 21.22 -0.08 -22.13
C PHE C 144 22.04 1.03 -21.50
N ALA C 145 23.17 0.68 -20.88
CA ALA C 145 24.01 1.69 -20.27
C ALA C 145 24.64 2.61 -21.30
N PHE C 146 24.76 2.17 -22.54
CA PHE C 146 25.31 3.09 -23.54
C PHE C 146 24.24 3.85 -24.31
N PHE C 147 23.24 3.15 -24.83
CA PHE C 147 22.40 3.76 -25.86
C PHE C 147 21.40 4.76 -25.28
N VAL C 148 20.80 4.45 -24.15
CA VAL C 148 19.73 5.31 -23.65
C VAL C 148 20.22 6.12 -22.46
N SER C 149 21.19 5.59 -21.73
CA SER C 149 21.67 6.27 -20.54
C SER C 149 22.84 7.21 -20.85
N TYR C 150 23.85 6.73 -21.57
CA TYR C 150 25.00 7.58 -21.87
C TYR C 150 24.67 8.63 -22.91
N LEU C 151 23.69 8.37 -23.77
CA LEU C 151 23.39 9.29 -24.86
C LEU C 151 22.42 10.39 -24.46
N SER C 152 21.57 10.16 -23.47
CA SER C 152 20.62 11.18 -23.04
C SER C 152 21.24 12.18 -22.07
N GLY C 153 22.56 12.17 -21.93
CA GLY C 153 23.29 13.19 -21.19
C GLY C 153 22.81 13.47 -19.79
N ALA C 154 22.06 12.54 -19.21
CA ALA C 154 21.51 12.77 -17.88
C ALA C 154 22.54 12.70 -16.77
N PHE C 155 23.68 12.08 -17.04
CA PHE C 155 24.68 11.79 -16.02
C PHE C 155 25.99 12.54 -16.24
N THR C 156 26.04 13.47 -17.18
CA THR C 156 27.29 14.14 -17.45
C THR C 156 27.70 15.01 -16.26
N ASN C 157 28.96 15.45 -16.29
CA ASN C 157 29.53 16.23 -15.20
C ASN C 157 29.27 17.71 -15.47
N VAL C 158 28.03 18.12 -15.24
CA VAL C 158 27.66 19.52 -15.34
C VAL C 158 28.37 20.24 -14.20
N HIS C 159 29.46 20.92 -14.52
CA HIS C 159 30.43 21.31 -13.49
C HIS C 159 29.92 22.35 -12.53
N ALA C 160 28.65 22.73 -12.50
CA ALA C 160 28.14 23.61 -11.46
C ALA C 160 27.57 22.78 -10.33
N VAL C 161 28.05 23.03 -9.11
CA VAL C 161 27.67 22.21 -7.97
C VAL C 161 26.18 22.25 -7.70
N GLU C 162 25.49 23.31 -8.13
CA GLU C 162 24.06 23.43 -7.82
C GLU C 162 23.24 22.41 -8.60
N LYS C 163 23.69 22.00 -9.79
CA LYS C 163 22.95 21.06 -10.61
C LYS C 163 23.64 19.73 -10.81
N ASN C 164 24.87 19.57 -10.33
CA ASN C 164 25.69 18.41 -10.66
C ASN C 164 25.29 17.14 -9.95
N HIS C 165 24.22 17.12 -9.17
CA HIS C 165 24.00 15.99 -8.26
C HIS C 165 23.80 14.69 -9.02
N PHE C 166 23.06 14.73 -10.13
CA PHE C 166 22.84 13.51 -10.89
C PHE C 166 24.15 12.85 -11.31
N PHE C 167 25.23 13.61 -11.39
CA PHE C 167 26.55 13.02 -11.57
C PHE C 167 27.11 12.57 -10.24
N GLN C 168 27.20 13.51 -9.28
CA GLN C 168 27.90 13.24 -8.04
C GLN C 168 27.42 11.96 -7.39
N PHE C 169 26.10 11.84 -7.18
CA PHE C 169 25.52 10.62 -6.64
C PHE C 169 26.12 9.40 -7.31
N LEU C 170 25.92 9.28 -8.62
CA LEU C 170 26.48 8.18 -9.39
C LEU C 170 27.94 8.00 -9.02
N ASN C 171 28.73 9.04 -9.23
CA ASN C 171 30.14 9.01 -8.85
C ASN C 171 30.32 8.45 -7.46
N ASP C 172 29.76 9.14 -6.45
CA ASP C 172 29.96 8.73 -5.07
C ASP C 172 29.58 7.27 -4.88
N ILE C 173 28.46 6.86 -5.46
CA ILE C 173 28.03 5.48 -5.26
C ILE C 173 29.09 4.52 -5.77
N ALA C 174 29.51 4.70 -7.02
CA ALA C 174 30.55 3.84 -7.55
C ALA C 174 31.80 3.91 -6.70
N GLU C 175 32.09 5.08 -6.15
CA GLU C 175 33.31 5.23 -5.37
C GLU C 175 33.32 4.31 -4.17
N LYS C 176 32.15 4.04 -3.58
CA LYS C 176 32.08 3.11 -2.47
C LYS C 176 31.35 1.83 -2.86
N LYS C 177 31.50 1.41 -4.11
CA LYS C 177 31.17 0.05 -4.52
C LYS C 177 32.42 -0.71 -4.90
N VAL C 178 33.59 -0.11 -4.69
CA VAL C 178 34.86 -0.66 -5.14
C VAL C 178 35.81 -0.92 -3.98
N HIS C 179 35.90 0.02 -3.04
CA HIS C 179 37.02 0.03 -2.12
C HIS C 179 36.92 -0.98 -0.99
N HIS C 180 35.90 -1.82 -0.98
CA HIS C 180 35.95 -2.98 -0.10
C HIS C 180 37.19 -3.81 -0.41
N THR C 181 37.59 -4.63 0.55
CA THR C 181 38.60 -5.65 0.27
C THR C 181 37.89 -6.82 -0.41
N PHE C 182 38.57 -7.96 -0.53
CA PHE C 182 37.95 -9.10 -1.20
C PHE C 182 36.76 -9.63 -0.40
N VAL C 183 37.03 -10.09 0.82
CA VAL C 183 36.04 -10.81 1.59
C VAL C 183 34.81 -9.95 1.84
N GLU C 184 34.98 -8.64 1.90
CA GLU C 184 33.85 -7.76 2.17
C GLU C 184 32.87 -7.77 1.00
N CYS C 185 33.38 -7.62 -0.22
CA CYS C 185 32.51 -7.71 -1.38
C CYS C 185 31.86 -9.08 -1.45
N VAL C 186 32.61 -10.12 -1.10
CA VAL C 186 32.03 -11.46 -1.14
C VAL C 186 30.85 -11.58 -0.17
N SER C 187 31.00 -11.02 1.03
CA SER C 187 29.93 -11.15 2.02
C SER C 187 28.69 -10.37 1.61
N LEU C 188 28.88 -9.11 1.18
CA LEU C 188 27.74 -8.34 0.71
C LEU C 188 27.06 -9.01 -0.46
N ALA C 189 27.84 -9.64 -1.34
CA ALA C 189 27.26 -10.37 -2.47
C ALA C 189 26.43 -11.54 -2.01
N VAL C 190 26.93 -12.32 -1.05
CA VAL C 190 26.17 -13.45 -0.54
C VAL C 190 24.83 -12.99 -0.02
N GLY C 191 24.83 -11.92 0.77
CA GLY C 191 23.57 -11.40 1.29
C GLY C 191 22.60 -11.00 0.19
N CYS C 192 23.08 -10.25 -0.80
CA CYS C 192 22.20 -9.80 -1.87
C CYS C 192 21.58 -10.98 -2.60
N ASN C 193 22.37 -11.95 -3.03
CA ASN C 193 21.75 -13.05 -3.77
C ASN C 193 20.77 -13.79 -2.90
N ILE C 194 21.14 -14.08 -1.66
CA ILE C 194 20.16 -14.76 -0.80
C ILE C 194 18.83 -14.02 -0.88
N PHE C 195 18.88 -12.68 -0.79
CA PHE C 195 17.65 -11.89 -0.91
C PHE C 195 16.92 -12.17 -2.21
N VAL C 196 17.62 -12.15 -3.34
CA VAL C 196 16.91 -12.23 -4.62
C VAL C 196 16.36 -13.64 -4.85
N CYS C 197 17.08 -14.68 -4.39
CA CYS C 197 16.53 -16.02 -4.51
C CYS C 197 15.30 -16.19 -3.63
N LEU C 198 15.29 -15.60 -2.43
CA LEU C 198 14.06 -15.68 -1.65
C LEU C 198 12.94 -14.90 -2.30
N ALA C 199 13.25 -13.83 -3.02
CA ALA C 199 12.21 -13.12 -3.75
C ALA C 199 11.62 -13.99 -4.85
N VAL C 200 12.47 -14.76 -5.54
CA VAL C 200 11.99 -15.71 -6.54
C VAL C 200 11.06 -16.73 -5.88
N TYR C 201 11.48 -17.27 -4.74
CA TYR C 201 10.64 -18.20 -3.98
C TYR C 201 9.29 -17.58 -3.66
N PHE C 202 9.30 -16.36 -3.13
CA PHE C 202 8.07 -15.64 -2.82
C PHE C 202 7.14 -15.62 -4.02
N VAL C 203 7.62 -15.01 -5.11
CA VAL C 203 6.80 -14.80 -6.30
C VAL C 203 6.33 -16.11 -6.90
N LEU C 204 7.02 -17.20 -6.62
CA LEU C 204 6.59 -18.49 -7.12
C LEU C 204 5.48 -19.10 -6.27
N THR C 205 5.62 -19.03 -4.95
CA THR C 205 4.74 -19.79 -4.08
C THR C 205 3.52 -19.00 -3.61
N LEU C 206 3.48 -17.70 -3.79
CA LEU C 206 2.31 -16.91 -3.43
C LEU C 206 1.68 -16.46 -4.75
N LYS C 207 0.61 -17.13 -5.14
CA LYS C 207 0.07 -17.06 -6.48
C LYS C 207 -0.88 -15.88 -6.67
N ASP C 208 -0.79 -14.84 -5.85
CA ASP C 208 -1.66 -13.68 -5.95
C ASP C 208 -0.91 -12.49 -6.52
N GLY C 209 -1.58 -11.71 -7.35
CA GLY C 209 -0.96 -10.52 -7.91
C GLY C 209 -0.54 -9.53 -6.85
N ALA C 210 -1.35 -9.40 -5.80
CA ALA C 210 -1.01 -8.50 -4.71
C ALA C 210 0.31 -8.89 -4.07
N GLY C 211 0.43 -10.14 -3.62
CA GLY C 211 1.70 -10.61 -3.12
C GLY C 211 2.77 -10.58 -4.18
N TYR C 212 2.43 -10.97 -5.41
CA TYR C 212 3.34 -10.88 -6.55
C TYR C 212 4.09 -9.56 -6.55
N VAL C 213 3.36 -8.46 -6.41
CA VAL C 213 4.02 -7.15 -6.41
C VAL C 213 4.71 -6.90 -5.09
N PHE C 214 4.04 -7.13 -3.97
CA PHE C 214 4.51 -6.53 -2.72
C PHE C 214 5.60 -7.35 -2.04
N SER C 215 5.52 -8.68 -2.11
CA SER C 215 6.60 -9.49 -1.56
C SER C 215 7.92 -9.15 -2.24
N VAL C 216 7.93 -9.11 -3.57
CA VAL C 216 9.15 -8.79 -4.28
C VAL C 216 9.54 -7.33 -4.06
N PHE C 217 8.56 -6.45 -3.86
CA PHE C 217 8.87 -5.06 -3.51
C PHE C 217 9.70 -5.00 -2.24
N PHE C 218 9.18 -5.57 -1.16
CA PHE C 218 9.89 -5.51 0.12
C PHE C 218 11.22 -6.22 0.04
N ALA C 219 11.28 -7.38 -0.60
CA ALA C 219 12.54 -8.11 -0.70
C ALA C 219 13.61 -7.28 -1.41
N VAL C 220 13.28 -6.75 -2.59
CA VAL C 220 14.32 -6.06 -3.37
C VAL C 220 14.64 -4.70 -2.77
N TYR C 221 13.66 -4.03 -2.16
CA TYR C 221 13.96 -2.77 -1.48
C TYR C 221 14.93 -3.01 -0.34
N ALA C 222 14.65 -4.00 0.51
CA ALA C 222 15.54 -4.28 1.63
C ALA C 222 16.91 -4.72 1.14
N PHE C 223 16.97 -5.39 0.00
CA PHE C 223 18.27 -5.71 -0.59
C PHE C 223 19.00 -4.45 -1.01
N ALA C 224 18.30 -3.49 -1.59
CA ALA C 224 18.95 -2.32 -2.16
C ALA C 224 19.45 -1.38 -1.07
N ILE C 225 18.57 -0.98 -0.14
CA ILE C 225 18.95 -0.04 0.89
C ILE C 225 20.02 -0.58 1.82
N ALA C 226 20.26 -1.90 1.80
CA ALA C 226 21.21 -2.53 2.71
C ALA C 226 22.64 -2.50 2.21
N GLY C 227 22.91 -1.86 1.07
CA GLY C 227 24.26 -1.78 0.59
C GLY C 227 24.84 -3.08 0.08
N TYR C 228 24.00 -4.09 -0.18
CA TYR C 228 24.47 -5.35 -0.72
C TYR C 228 24.85 -5.18 -2.19
N GLU C 229 25.28 -6.26 -2.83
CA GLU C 229 25.89 -6.19 -4.15
C GLU C 229 25.25 -7.21 -5.09
N HIS C 230 24.49 -6.73 -6.06
CA HIS C 230 24.07 -7.53 -7.20
C HIS C 230 25.18 -7.56 -8.24
N ILE C 231 25.07 -8.44 -9.22
CA ILE C 231 26.06 -8.52 -10.28
C ILE C 231 25.55 -7.90 -11.56
N ILE C 232 24.27 -8.06 -11.89
CA ILE C 232 23.73 -7.38 -13.05
C ILE C 232 23.67 -5.87 -12.78
N ALA C 233 23.14 -5.50 -11.62
CA ALA C 233 23.02 -4.09 -11.28
C ALA C 233 24.39 -3.45 -11.12
N ASN C 234 25.35 -4.17 -10.56
CA ASN C 234 26.68 -3.62 -10.46
C ASN C 234 27.34 -3.51 -11.83
N ILE C 235 27.05 -4.45 -12.72
CA ILE C 235 27.56 -4.37 -14.09
C ILE C 235 27.08 -3.08 -14.73
N TYR C 236 25.77 -2.83 -14.66
CA TYR C 236 25.23 -1.60 -15.25
C TYR C 236 25.84 -0.37 -14.59
N THR C 237 25.81 -0.32 -13.26
CA THR C 237 26.28 0.86 -12.54
C THR C 237 27.72 1.19 -12.90
N LEU C 238 28.60 0.19 -12.86
CA LEU C 238 30.01 0.49 -13.06
C LEU C 238 30.35 0.74 -14.52
N ASN C 239 29.68 0.07 -15.45
CA ASN C 239 29.85 0.42 -16.86
C ASN C 239 29.48 1.87 -17.10
N ILE C 240 28.27 2.27 -16.70
CA ILE C 240 27.86 3.64 -16.98
C ILE C 240 28.72 4.64 -16.21
N ALA C 241 29.20 4.27 -15.03
CA ALA C 241 30.08 5.19 -14.32
C ALA C 241 31.40 5.32 -15.06
N LEU C 242 31.80 4.30 -15.81
CA LEU C 242 32.99 4.44 -16.64
C LEU C 242 32.72 5.34 -17.83
N MET C 243 31.56 5.18 -18.47
CA MET C 243 31.27 5.94 -19.69
C MET C 243 31.32 7.43 -19.45
N VAL C 244 30.97 7.88 -18.23
CA VAL C 244 30.91 9.30 -17.91
C VAL C 244 32.24 9.85 -17.44
N ASN C 245 33.24 9.00 -17.25
CA ASN C 245 34.54 9.39 -16.73
C ASN C 245 34.42 9.98 -15.32
N THR C 246 33.92 9.17 -14.42
CA THR C 246 33.97 9.44 -12.99
C THR C 246 35.35 9.07 -12.48
N LYS C 247 35.51 8.98 -11.16
CA LYS C 247 36.80 8.66 -10.57
C LYS C 247 36.84 7.17 -10.21
N ILE C 248 36.84 6.34 -11.24
CA ILE C 248 37.05 4.91 -11.11
C ILE C 248 37.94 4.44 -12.26
N THR C 249 38.18 3.14 -12.31
CA THR C 249 39.06 2.55 -13.31
C THR C 249 38.48 1.23 -13.77
N VAL C 250 38.65 0.91 -15.05
CA VAL C 250 38.13 -0.34 -15.58
C VAL C 250 38.67 -1.53 -14.79
N TYR C 251 39.90 -1.40 -14.28
CA TYR C 251 40.47 -2.45 -13.43
C TYR C 251 39.74 -2.53 -12.11
N GLN C 252 39.52 -1.40 -11.46
CA GLN C 252 38.67 -1.39 -10.27
C GLN C 252 37.26 -1.84 -10.60
N ALA C 253 36.82 -1.60 -11.82
CA ALA C 253 35.46 -1.97 -12.17
C ALA C 253 35.30 -3.47 -12.29
N TYR C 254 36.30 -4.16 -12.83
CA TYR C 254 36.16 -5.57 -13.17
C TYR C 254 36.87 -6.49 -12.19
N ILE C 255 38.12 -6.20 -11.84
CA ILE C 255 38.92 -7.13 -11.05
C ILE C 255 38.82 -6.74 -9.58
N LYS C 256 37.91 -5.82 -9.26
CA LYS C 256 37.70 -5.48 -7.86
C LYS C 256 36.23 -5.52 -7.39
N ASN C 257 35.28 -5.64 -8.32
CA ASN C 257 33.88 -5.77 -7.94
C ASN C 257 33.19 -6.93 -8.60
N LEU C 258 33.26 -6.98 -9.92
CA LEU C 258 32.59 -8.02 -10.69
C LEU C 258 33.13 -9.38 -10.33
N LEU C 259 34.44 -9.48 -10.16
CA LEU C 259 35.01 -10.76 -9.83
C LEU C 259 34.45 -11.21 -8.48
N PRO C 260 34.44 -10.32 -7.49
CA PRO C 260 33.89 -10.59 -6.17
C PRO C 260 32.38 -10.77 -6.14
N THR C 261 31.63 -9.92 -6.84
CA THR C 261 30.17 -10.00 -6.80
C THR C 261 29.58 -11.24 -7.46
N LEU C 262 30.14 -11.68 -8.57
CA LEU C 262 29.60 -12.86 -9.21
C LEU C 262 29.88 -14.10 -8.37
N LEU C 263 31.12 -14.24 -7.89
CA LEU C 263 31.48 -15.38 -7.06
C LEU C 263 30.59 -15.45 -5.82
N GLY C 264 30.43 -14.32 -5.14
CA GLY C 264 29.60 -14.29 -3.94
C GLY C 264 28.15 -14.63 -4.23
N ASN C 265 27.60 -14.09 -5.32
CA ASN C 265 26.22 -14.41 -5.65
C ASN C 265 26.07 -15.90 -5.96
N TYR C 266 27.05 -16.49 -6.64
CA TYR C 266 26.95 -17.91 -6.97
C TYR C 266 27.02 -18.77 -5.72
N ILE C 267 27.91 -18.41 -4.79
CA ILE C 267 27.97 -19.13 -3.52
C ILE C 267 26.67 -18.97 -2.76
N ALA C 268 26.07 -17.79 -2.81
CA ALA C 268 24.80 -17.60 -2.10
C ALA C 268 23.67 -18.36 -2.75
N GLY C 269 23.78 -18.66 -4.03
CA GLY C 269 22.70 -19.36 -4.67
C GLY C 269 22.80 -20.85 -4.53
N ALA C 270 23.94 -21.41 -4.93
CA ALA C 270 24.04 -22.84 -5.12
C ALA C 270 24.58 -23.59 -3.90
N ILE C 271 24.96 -22.90 -2.83
CA ILE C 271 25.55 -23.64 -1.72
C ILE C 271 24.88 -23.29 -0.39
N VAL C 272 24.29 -22.10 -0.29
CA VAL C 272 23.70 -21.68 0.97
C VAL C 272 22.18 -21.66 0.93
N LEU C 273 21.57 -21.64 -0.24
CA LEU C 273 20.14 -21.77 -0.36
C LEU C 273 19.71 -22.95 -1.21
N GLY C 274 20.66 -23.71 -1.76
CA GLY C 274 20.34 -24.83 -2.62
C GLY C 274 20.71 -26.16 -2.00
N LEU C 275 21.75 -26.18 -1.19
CA LEU C 275 22.11 -27.43 -0.53
C LEU C 275 21.25 -27.64 0.72
N PRO C 276 21.02 -26.61 1.53
CA PRO C 276 20.03 -26.78 2.61
C PRO C 276 18.66 -27.18 2.11
N LEU C 277 18.08 -26.41 1.19
CA LEU C 277 16.74 -26.72 0.72
C LEU C 277 16.68 -28.05 -0.03
N TYR C 278 17.81 -28.57 -0.48
CA TYR C 278 17.83 -29.89 -1.08
C TYR C 278 17.91 -30.98 -0.03
N PHE C 279 18.55 -30.69 1.11
CA PHE C 279 18.54 -31.66 2.19
C PHE C 279 17.18 -31.71 2.88
N ILE C 280 16.43 -30.60 2.85
CA ILE C 280 15.13 -30.58 3.51
C ILE C 280 14.14 -31.45 2.75
N TYR C 281 13.86 -31.10 1.49
CA TYR C 281 12.72 -31.66 0.77
C TYR C 281 13.11 -32.78 -0.20
N LYS C 282 14.15 -33.55 0.09
CA LYS C 282 14.57 -34.57 -0.86
C LYS C 282 13.58 -35.71 -0.96
N GLU C 283 12.75 -35.95 0.07
CA GLU C 283 11.82 -37.07 0.09
C GLU C 283 10.39 -36.65 -0.28
N HIS C 284 9.99 -35.44 0.12
CA HIS C 284 8.69 -34.92 -0.26
C HIS C 284 8.55 -34.83 -1.77
N TYR C 285 9.66 -34.68 -2.47
CA TYR C 285 9.61 -34.59 -3.92
C TYR C 285 9.53 -35.97 -4.55
N TYR C 286 10.32 -36.92 -4.04
CA TYR C 286 10.25 -38.27 -4.61
C TYR C 286 8.88 -38.87 -4.41
N ASN C 287 8.38 -38.88 -3.17
CA ASN C 287 7.04 -39.40 -2.92
C ASN C 287 5.98 -38.66 -3.72
N PHE C 288 6.33 -37.56 -4.38
CA PHE C 288 5.43 -36.82 -5.25
C PHE C 288 5.57 -37.22 -6.72
N GLU C 289 6.78 -37.53 -7.17
CA GLU C 289 6.96 -37.88 -8.57
C GLU C 289 6.77 -39.37 -8.85
N ARG C 290 6.26 -40.12 -7.89
CA ARG C 290 5.79 -41.48 -8.17
C ARG C 290 4.52 -41.75 -7.39
N VAL D 9 -24.32 -15.09 -20.59
CA VAL D 9 -24.55 -14.59 -19.24
C VAL D 9 -23.32 -13.82 -18.76
N LEU D 10 -23.48 -13.08 -17.66
CA LEU D 10 -22.42 -12.22 -17.17
C LEU D 10 -22.27 -12.26 -15.65
N ASP D 11 -23.07 -13.04 -14.95
CA ASP D 11 -23.06 -12.99 -13.49
C ASP D 11 -21.87 -13.76 -12.93
N PRO D 12 -21.11 -13.17 -12.01
CA PRO D 12 -20.00 -13.91 -11.41
C PRO D 12 -20.48 -14.82 -10.29
N VAL D 13 -19.54 -15.43 -9.57
CA VAL D 13 -19.85 -16.24 -8.40
C VAL D 13 -19.09 -15.67 -7.22
N SER D 14 -19.74 -15.63 -6.05
CA SER D 14 -19.13 -15.03 -4.87
C SER D 14 -17.93 -15.87 -4.42
N ILE D 15 -17.15 -15.30 -3.51
CA ILE D 15 -15.94 -15.95 -3.04
C ILE D 15 -15.50 -15.26 -1.76
N LYS D 16 -14.78 -15.99 -0.91
CA LYS D 16 -14.32 -15.45 0.36
C LYS D 16 -13.01 -16.13 0.73
N SER D 17 -12.14 -15.38 1.40
CA SER D 17 -10.85 -15.89 1.83
C SER D 17 -10.61 -15.84 3.32
N VAL D 18 -11.34 -15.00 4.04
CA VAL D 18 -11.18 -14.89 5.49
C VAL D 18 -12.14 -15.89 6.11
N CYS D 19 -11.70 -17.14 6.15
CA CYS D 19 -12.46 -18.23 6.76
C CYS D 19 -11.71 -18.55 8.05
N GLY D 20 -12.08 -17.86 9.13
CA GLY D 20 -11.36 -17.97 10.37
C GLY D 20 -12.14 -17.71 11.64
N GLY D 21 -11.43 -17.30 12.69
CA GLY D 21 -11.99 -17.15 14.02
C GLY D 21 -11.98 -18.46 14.79
N GLU D 22 -12.96 -19.31 14.54
CA GLU D 22 -13.05 -20.59 15.21
C GLU D 22 -12.45 -21.73 14.39
N GLU D 23 -12.09 -21.48 13.13
CA GLU D 23 -11.41 -22.48 12.31
C GLU D 23 -9.91 -22.29 12.29
N SER D 24 -9.45 -21.04 12.30
CA SER D 24 -8.03 -20.80 12.46
C SER D 24 -7.50 -21.40 13.75
N TYR D 25 -8.39 -21.64 14.70
CA TYR D 25 -8.01 -22.31 15.92
C TYR D 25 -7.62 -23.76 15.65
N ILE D 26 -8.39 -24.45 14.82
CA ILE D 26 -8.10 -25.83 14.45
C ILE D 26 -6.87 -25.88 13.55
N ARG D 27 -6.73 -24.90 12.66
CA ARG D 27 -5.54 -24.84 11.82
C ARG D 27 -4.28 -24.66 12.66
N CYS D 28 -4.32 -23.77 13.65
CA CYS D 28 -3.20 -23.61 14.56
C CYS D 28 -2.89 -24.90 15.29
N VAL D 29 -3.92 -25.55 15.81
CA VAL D 29 -3.72 -26.76 16.60
C VAL D 29 -3.02 -27.82 15.76
N GLU D 30 -3.51 -28.07 14.55
CA GLU D 30 -2.93 -29.15 13.75
C GLU D 30 -1.54 -28.78 13.25
N TYR D 31 -1.37 -27.53 12.80
CA TYR D 31 -0.06 -27.06 12.36
C TYR D 31 0.98 -27.27 13.45
N GLY D 32 0.66 -26.91 14.68
CA GLY D 32 1.56 -27.21 15.77
C GLY D 32 1.70 -28.69 16.02
N LYS D 33 0.63 -29.46 15.80
CA LYS D 33 0.66 -30.89 16.09
C LYS D 33 1.70 -31.60 15.24
N LYS D 34 1.48 -31.64 13.93
CA LYS D 34 2.36 -32.48 13.12
C LYS D 34 3.70 -31.84 12.84
N LYS D 35 3.97 -30.66 13.39
CA LYS D 35 5.34 -30.17 13.47
C LYS D 35 6.20 -31.10 14.32
N ALA D 36 5.61 -31.87 15.21
CA ALA D 36 6.39 -32.78 16.04
C ALA D 36 6.81 -34.02 15.28
N HIS D 37 6.08 -34.40 14.24
CA HIS D 37 6.36 -35.64 13.52
C HIS D 37 7.34 -35.44 12.36
N TYR D 38 8.45 -34.78 12.65
CA TYR D 38 9.52 -34.60 11.67
C TYR D 38 10.77 -35.29 12.20
N SER D 39 11.84 -35.20 11.43
CA SER D 39 13.11 -35.78 11.86
C SER D 39 13.89 -34.75 12.65
N ASN D 40 14.82 -35.23 13.47
CA ASN D 40 15.62 -34.34 14.29
C ASN D 40 16.47 -33.42 13.43
N LEU D 41 17.09 -33.96 12.39
CA LEU D 41 17.85 -33.13 11.46
C LEU D 41 16.94 -32.20 10.67
N ASN D 42 15.71 -32.61 10.40
CA ASN D 42 14.79 -31.72 9.71
C ASN D 42 14.49 -30.47 10.53
N LEU D 43 14.07 -30.66 11.78
CA LEU D 43 13.87 -29.51 12.66
C LEU D 43 15.15 -28.70 12.79
N LEU D 44 16.28 -29.39 12.92
CA LEU D 44 17.56 -28.71 12.99
C LEU D 44 17.75 -27.76 11.82
N ALA D 45 17.57 -28.28 10.61
CA ALA D 45 17.87 -27.50 9.41
C ALA D 45 16.88 -26.36 9.24
N LYS D 46 15.59 -26.62 9.47
CA LYS D 46 14.62 -25.53 9.40
C LYS D 46 14.97 -24.43 10.38
N ALA D 47 15.39 -24.80 11.59
CA ALA D 47 15.73 -23.80 12.59
C ALA D 47 16.93 -22.97 12.17
N ILE D 48 17.96 -23.62 11.66
CA ILE D 48 19.16 -22.89 11.26
C ILE D 48 18.85 -21.94 10.10
N LEU D 49 18.02 -22.38 9.16
CA LEU D 49 17.63 -21.50 8.07
C LEU D 49 16.87 -20.29 8.58
N ALA D 50 15.94 -20.49 9.52
CA ALA D 50 15.20 -19.35 10.06
C ALA D 50 16.14 -18.38 10.76
N GLY D 51 17.14 -18.91 11.47
CA GLY D 51 18.11 -18.03 12.11
C GLY D 51 18.88 -17.19 11.10
N MET D 52 19.34 -17.83 10.03
CA MET D 52 20.00 -17.09 8.97
C MET D 52 19.10 -15.98 8.42
N PHE D 53 17.81 -16.28 8.26
CA PHE D 53 16.89 -15.28 7.72
C PHE D 53 16.77 -14.09 8.67
N VAL D 54 16.61 -14.36 9.96
CA VAL D 54 16.52 -13.26 10.92
C VAL D 54 17.78 -12.43 10.90
N GLY D 55 18.94 -13.08 10.80
CA GLY D 55 20.18 -12.34 10.70
C GLY D 55 20.22 -11.44 9.48
N LEU D 56 19.77 -11.96 8.34
CA LEU D 56 19.78 -11.17 7.12
C LEU D 56 18.92 -9.92 7.28
N CYS D 57 17.66 -10.10 7.66
CA CYS D 57 16.78 -8.95 7.74
C CYS D 57 17.21 -7.98 8.82
N ALA D 58 17.88 -8.46 9.87
CA ALA D 58 18.34 -7.53 10.90
C ALA D 58 19.55 -6.72 10.44
N HIS D 59 20.47 -7.35 9.68
CA HIS D 59 21.56 -6.58 9.09
C HIS D 59 21.02 -5.52 8.15
N ALA D 60 20.06 -5.90 7.31
CA ALA D 60 19.45 -4.94 6.39
C ALA D 60 18.85 -3.77 7.14
N SER D 61 18.04 -4.07 8.17
CA SER D 61 17.37 -3.01 8.91
C SER D 61 18.37 -2.13 9.65
N GLY D 62 19.46 -2.73 10.15
CA GLY D 62 20.46 -1.93 10.83
C GLY D 62 21.18 -0.98 9.88
N ILE D 63 21.49 -1.45 8.68
CA ILE D 63 22.13 -0.56 7.72
C ILE D 63 21.20 0.59 7.35
N ALA D 64 19.93 0.30 7.14
CA ALA D 64 18.99 1.38 6.82
C ALA D 64 18.87 2.37 7.98
N GLY D 65 18.82 1.87 9.22
CA GLY D 65 18.70 2.76 10.34
C GLY D 65 19.92 3.64 10.52
N GLY D 66 21.11 3.04 10.42
CA GLY D 66 22.32 3.83 10.47
C GLY D 66 22.46 4.79 9.33
N LEU D 67 21.80 4.49 8.20
CA LEU D 67 21.74 5.45 7.11
C LEU D 67 20.94 6.67 7.51
N PHE D 68 19.78 6.45 8.12
CA PHE D 68 18.97 7.57 8.57
C PHE D 68 19.40 8.13 9.91
N TYR D 69 20.51 7.66 10.47
CA TYR D 69 21.01 8.12 11.76
C TYR D 69 22.18 9.07 11.63
N TYR D 70 22.20 9.89 10.58
CA TYR D 70 23.34 10.75 10.28
C TYR D 70 23.64 11.69 11.44
N HIS D 71 24.84 12.27 11.41
CA HIS D 71 25.27 13.14 12.49
C HIS D 71 24.35 14.34 12.64
N LYS D 72 24.09 15.05 11.55
CA LYS D 72 23.26 16.24 11.59
C LYS D 72 21.77 15.93 11.53
N LEU D 73 21.40 14.67 11.31
CA LEU D 73 19.99 14.29 11.38
C LEU D 73 19.55 14.03 12.81
N ARG D 74 20.46 13.60 13.66
CA ARG D 74 20.13 13.41 15.07
C ARG D 74 19.86 14.73 15.76
N GLU D 75 20.64 15.76 15.43
CA GLU D 75 20.53 17.04 16.12
C GLU D 75 19.14 17.65 16.04
N ILE D 76 18.30 17.12 15.18
CA ILE D 76 16.92 17.56 15.08
C ILE D 76 16.00 16.35 15.23
N VAL D 77 16.20 15.35 14.39
CA VAL D 77 15.39 14.15 14.40
C VAL D 77 15.48 13.32 15.68
N GLY D 78 16.68 13.21 16.25
CA GLY D 78 16.84 12.49 17.49
C GLY D 78 16.30 11.08 17.53
N ALA D 79 16.66 10.29 16.52
CA ALA D 79 16.28 8.87 16.38
C ALA D 79 14.84 8.53 16.07
N SER D 80 14.07 9.51 15.59
CA SER D 80 12.70 9.24 15.20
C SER D 80 12.72 8.55 13.85
N MET D 81 13.53 9.08 12.95
CA MET D 81 13.67 8.56 11.59
C MET D 81 14.30 7.17 11.51
N SER D 82 15.33 6.97 12.31
CA SER D 82 16.09 5.72 12.33
C SER D 82 15.21 4.56 12.80
N VAL D 83 14.45 4.78 13.86
CA VAL D 83 13.62 3.70 14.39
C VAL D 83 12.48 3.39 13.43
N PHE D 84 11.88 4.41 12.84
CA PHE D 84 10.83 4.17 11.85
C PHE D 84 11.37 3.37 10.67
N VAL D 85 12.58 3.69 10.22
CA VAL D 85 13.15 2.98 9.08
C VAL D 85 13.44 1.53 9.45
N TYR D 86 13.98 1.29 10.64
CA TYR D 86 14.21 -0.08 11.09
C TYR D 86 12.90 -0.86 11.12
N GLY D 87 11.88 -0.28 11.73
CA GLY D 87 10.57 -0.91 11.80
C GLY D 87 9.87 -1.03 10.47
N PHE D 88 10.34 -0.32 9.45
CA PHE D 88 9.78 -0.46 8.11
C PHE D 88 10.47 -1.56 7.31
N THR D 89 11.79 -1.68 7.43
CA THR D 89 12.52 -2.64 6.62
C THR D 89 12.79 -3.96 7.32
N PHE D 90 12.39 -4.10 8.57
CA PHE D 90 12.50 -5.40 9.23
C PHE D 90 11.37 -6.37 8.89
N PRO D 91 10.10 -5.94 8.87
CA PRO D 91 9.01 -6.93 8.81
C PRO D 91 8.89 -7.69 7.50
N ILE D 92 9.98 -8.31 7.04
CA ILE D 92 9.92 -9.12 5.84
C ILE D 92 10.49 -10.49 6.15
N ALA D 93 11.16 -10.60 7.31
CA ALA D 93 11.72 -11.88 7.72
C ALA D 93 10.64 -12.94 7.82
N PHE D 94 9.44 -12.56 8.28
CA PHE D 94 8.35 -13.51 8.42
C PHE D 94 8.07 -14.21 7.11
N MET D 95 8.09 -13.48 5.99
CA MET D 95 7.76 -14.08 4.70
C MET D 95 8.78 -15.14 4.33
N CYS D 96 10.07 -14.83 4.41
CA CYS D 96 11.08 -15.82 4.09
C CYS D 96 11.05 -16.99 5.05
N ILE D 97 10.71 -16.77 6.31
CA ILE D 97 10.68 -17.89 7.23
C ILE D 97 9.46 -18.78 7.00
N ILE D 98 8.34 -18.23 6.54
CA ILE D 98 7.16 -19.07 6.34
C ILE D 98 7.21 -19.77 4.99
N CYS D 99 7.39 -19.02 3.90
CA CYS D 99 7.26 -19.63 2.58
C CYS D 99 8.35 -20.66 2.29
N THR D 100 9.47 -20.62 3.01
CA THR D 100 10.48 -21.67 2.88
C THR D 100 10.20 -22.83 3.81
N GLY D 101 9.05 -22.85 4.48
CA GLY D 101 8.71 -23.94 5.37
C GLY D 101 9.59 -24.05 6.59
N SER D 102 10.23 -22.97 7.00
CA SER D 102 11.09 -22.97 8.17
C SER D 102 10.23 -22.95 9.44
N ASP D 103 10.90 -22.87 10.59
CA ASP D 103 10.19 -22.75 11.86
C ASP D 103 11.07 -22.03 12.87
N LEU D 104 10.53 -20.95 13.44
CA LEU D 104 11.23 -20.14 14.40
C LEU D 104 10.72 -20.48 15.79
N PHE D 105 11.39 -19.97 16.83
CA PHE D 105 11.06 -20.36 18.19
C PHE D 105 9.83 -19.63 18.69
N THR D 106 9.77 -18.34 18.46
CA THR D 106 8.75 -17.51 19.07
C THR D 106 7.33 -17.89 18.74
N GLY D 107 7.15 -18.57 17.63
CA GLY D 107 5.80 -18.95 17.21
C GLY D 107 5.56 -20.38 17.57
N ASN D 108 6.66 -21.12 17.73
CA ASN D 108 6.57 -22.49 18.20
C ASN D 108 5.91 -22.55 19.56
N THR D 109 6.15 -21.55 20.41
CA THR D 109 5.50 -21.52 21.72
C THR D 109 4.00 -21.63 21.57
N LEU D 110 3.38 -20.66 20.91
CA LEU D 110 1.93 -20.67 20.76
C LEU D 110 1.47 -21.95 20.09
N ALA D 111 2.04 -22.27 18.93
CA ALA D 111 1.52 -23.41 18.16
C ALA D 111 1.64 -24.71 18.94
N VAL D 112 2.84 -25.03 19.42
CA VAL D 112 3.07 -26.33 20.03
C VAL D 112 2.37 -26.46 21.36
N THR D 113 2.26 -25.38 22.15
CA THR D 113 1.46 -25.52 23.36
C THR D 113 0.00 -25.73 23.03
N MET D 114 -0.53 -25.04 22.00
CA MET D 114 -1.89 -25.33 21.59
C MET D 114 -2.04 -26.81 21.29
N ALA D 115 -1.09 -27.37 20.53
CA ALA D 115 -1.15 -28.78 20.17
C ALA D 115 -0.94 -29.70 21.36
N LEU D 116 -0.39 -29.20 22.46
CA LEU D 116 -0.16 -30.03 23.63
C LEU D 116 -1.33 -30.00 24.60
N TYR D 117 -1.96 -28.84 24.79
CA TYR D 117 -3.12 -28.76 25.66
C TYR D 117 -4.22 -29.69 25.16
N GLU D 118 -4.39 -29.78 23.85
CA GLU D 118 -5.35 -30.72 23.28
C GLU D 118 -4.90 -32.16 23.41
N LYS D 119 -3.73 -32.40 24.00
CA LYS D 119 -3.19 -33.74 24.17
C LYS D 119 -3.01 -34.43 22.83
N LYS D 120 -2.42 -33.71 21.88
CA LYS D 120 -2.03 -34.27 20.60
C LYS D 120 -0.55 -34.59 20.51
N VAL D 121 0.28 -33.85 21.25
CA VAL D 121 1.71 -34.10 21.35
C VAL D 121 2.01 -34.60 22.75
N LYS D 122 3.04 -35.42 22.88
CA LYS D 122 3.52 -35.78 24.20
C LYS D 122 4.50 -34.73 24.69
N LEU D 123 4.54 -34.54 26.02
CA LEU D 123 5.31 -33.42 26.56
C LEU D 123 6.81 -33.64 26.41
N LEU D 124 7.26 -34.89 26.33
CA LEU D 124 8.66 -35.13 26.05
C LEU D 124 9.01 -34.70 24.63
N ASP D 125 8.14 -35.01 23.66
CA ASP D 125 8.34 -34.50 22.32
C ASP D 125 8.30 -32.99 22.29
N TYR D 126 7.49 -32.39 23.15
CA TYR D 126 7.48 -30.94 23.28
C TYR D 126 8.84 -30.42 23.70
N LEU D 127 9.43 -31.06 24.72
CA LEU D 127 10.78 -30.70 25.15
C LEU D 127 11.78 -30.82 24.01
N ARG D 128 11.82 -31.98 23.36
CA ARG D 128 12.75 -32.21 22.27
C ARG D 128 12.59 -31.16 21.18
N VAL D 129 11.37 -31.01 20.66
CA VAL D 129 11.13 -30.12 19.54
C VAL D 129 11.56 -28.71 19.88
N MET D 130 11.17 -28.20 21.05
CA MET D 130 11.41 -26.78 21.23
C MET D 130 12.83 -26.49 21.67
N THR D 131 13.50 -27.42 22.37
CA THR D 131 14.93 -27.21 22.60
C THR D 131 15.72 -27.25 21.29
N ILE D 132 15.40 -28.20 20.41
CA ILE D 132 16.06 -28.23 19.12
C ILE D 132 15.84 -26.92 18.37
N SER D 133 14.60 -26.43 18.37
CA SER D 133 14.29 -25.22 17.61
C SER D 133 15.07 -24.03 18.15
N LEU D 134 15.05 -23.83 19.46
CA LEU D 134 15.76 -22.67 20.02
C LEU D 134 17.25 -22.77 19.79
N PHE D 135 17.84 -23.95 20.01
CA PHE D 135 19.27 -24.09 19.79
C PHE D 135 19.63 -23.82 18.34
N GLY D 136 18.86 -24.36 17.41
CA GLY D 136 19.15 -24.13 16.01
C GLY D 136 19.02 -22.67 15.63
N ASN D 137 18.01 -21.99 16.16
CA ASN D 137 17.83 -20.58 15.83
C ASN D 137 19.01 -19.75 16.34
N TYR D 138 19.47 -20.01 17.55
CA TYR D 138 20.68 -19.34 18.03
C TYR D 138 21.85 -19.62 17.10
N VAL D 139 22.02 -20.89 16.72
CA VAL D 139 23.14 -21.29 15.89
C VAL D 139 23.11 -20.52 14.57
N GLY D 140 21.95 -20.50 13.91
CA GLY D 140 21.86 -19.83 12.63
C GLY D 140 22.06 -18.33 12.74
N ALA D 141 21.43 -17.69 13.73
CA ALA D 141 21.56 -16.25 13.87
C ALA D 141 22.99 -15.84 14.10
N VAL D 142 23.73 -16.58 14.94
CA VAL D 142 25.11 -16.18 15.21
C VAL D 142 26.02 -16.52 14.03
N SER D 143 25.75 -17.64 13.35
CA SER D 143 26.51 -17.95 12.15
C SER D 143 26.38 -16.84 11.12
N PHE D 144 25.17 -16.30 10.95
CA PHE D 144 25.01 -15.20 10.01
C PHE D 144 25.64 -13.93 10.54
N ALA D 145 25.49 -13.64 11.84
CA ALA D 145 26.10 -12.46 12.42
C ALA D 145 27.60 -12.44 12.19
N PHE D 146 28.23 -13.60 12.12
CA PHE D 146 29.68 -13.59 11.92
C PHE D 146 30.08 -13.69 10.45
N PHE D 147 29.37 -14.46 9.64
CA PHE D 147 29.84 -14.73 8.29
C PHE D 147 29.52 -13.59 7.34
N VAL D 148 28.32 -13.05 7.40
CA VAL D 148 27.88 -12.04 6.45
C VAL D 148 27.77 -10.65 7.06
N SER D 149 27.77 -10.54 8.39
CA SER D 149 27.64 -9.25 9.05
C SER D 149 28.98 -8.67 9.50
N TYR D 150 29.91 -9.50 9.96
CA TYR D 150 31.14 -9.00 10.55
C TYR D 150 32.30 -8.97 9.58
N LEU D 151 32.47 -10.00 8.76
CA LEU D 151 33.50 -9.90 7.73
C LEU D 151 33.10 -8.95 6.61
N SER D 152 31.90 -8.38 6.67
CA SER D 152 31.45 -7.38 5.71
C SER D 152 31.81 -5.97 6.12
N GLY D 153 32.50 -5.79 7.23
CA GLY D 153 32.98 -4.48 7.67
C GLY D 153 31.92 -3.40 7.73
N ALA D 154 30.65 -3.78 7.71
CA ALA D 154 29.58 -2.79 7.61
C ALA D 154 29.47 -1.96 8.88
N PHE D 155 29.28 -2.61 10.03
CA PHE D 155 29.05 -1.93 11.29
C PHE D 155 30.33 -1.66 12.07
N THR D 156 31.47 -1.59 11.41
CA THR D 156 32.72 -1.39 12.11
C THR D 156 32.75 0.01 12.73
N ASN D 157 33.87 0.34 13.37
CA ASN D 157 34.07 1.64 14.00
C ASN D 157 35.02 2.46 13.12
N VAL D 158 34.50 3.50 12.49
CA VAL D 158 35.30 4.45 11.74
C VAL D 158 35.40 5.70 12.60
N HIS D 159 36.56 5.95 13.19
CA HIS D 159 36.65 6.83 14.34
C HIS D 159 36.28 8.29 14.06
N ALA D 160 35.88 8.61 12.84
CA ALA D 160 35.44 9.96 12.51
C ALA D 160 33.93 10.06 12.67
N VAL D 161 33.47 11.13 13.31
CA VAL D 161 32.05 11.26 13.62
C VAL D 161 31.18 11.43 12.38
N GLU D 162 31.79 11.70 11.23
CA GLU D 162 31.00 11.89 10.01
C GLU D 162 30.50 10.57 9.46
N LYS D 163 31.36 9.55 9.45
CA LYS D 163 31.04 8.25 8.88
C LYS D 163 30.51 7.26 9.90
N ASN D 164 30.65 7.55 11.17
CA ASN D 164 30.27 6.64 12.25
C ASN D 164 28.83 6.52 12.41
N HIS D 165 27.98 7.05 11.53
CA HIS D 165 26.54 6.97 11.74
C HIS D 165 26.04 5.53 11.70
N PHE D 166 26.88 4.56 11.40
CA PHE D 166 26.52 3.15 11.47
C PHE D 166 26.97 2.49 12.75
N PHE D 167 28.12 2.90 13.27
CA PHE D 167 28.61 2.33 14.52
C PHE D 167 27.76 2.81 15.69
N GLN D 168 27.40 4.09 15.70
CA GLN D 168 26.70 4.62 16.85
C GLN D 168 25.28 4.10 16.95
N PHE D 169 24.68 3.68 15.84
CA PHE D 169 23.33 3.12 15.93
C PHE D 169 23.36 1.74 16.56
N LEU D 170 24.21 0.85 16.06
CA LEU D 170 24.36 -0.48 16.65
C LEU D 170 25.01 -0.43 18.01
N ASN D 171 25.60 0.69 18.40
CA ASN D 171 26.09 0.83 19.76
C ASN D 171 24.98 1.28 20.70
N ASP D 172 24.23 2.31 20.29
CA ASP D 172 23.20 2.88 21.14
C ASP D 172 22.04 1.92 21.34
N ILE D 173 21.56 1.28 20.27
CA ILE D 173 20.44 0.36 20.43
C ILE D 173 20.83 -0.81 21.31
N ALA D 174 22.05 -1.32 21.13
CA ALA D 174 22.51 -2.42 21.97
C ALA D 174 22.57 -2.02 23.44
N GLU D 175 23.33 -0.96 23.74
CA GLU D 175 23.46 -0.57 25.14
C GLU D 175 22.17 -0.01 25.72
N LYS D 176 21.16 0.23 24.90
CA LYS D 176 19.83 0.50 25.44
C LYS D 176 19.09 -0.78 25.77
N LYS D 177 19.23 -1.79 24.91
CA LYS D 177 18.63 -3.09 25.20
C LYS D 177 19.21 -3.70 26.47
N VAL D 178 20.47 -3.42 26.76
CA VAL D 178 21.10 -4.05 27.92
C VAL D 178 20.51 -3.52 29.22
N HIS D 179 20.43 -2.20 29.36
CA HIS D 179 20.28 -1.56 30.66
C HIS D 179 18.85 -1.53 31.19
N HIS D 180 17.96 -2.36 30.68
CA HIS D 180 16.68 -2.51 31.36
C HIS D 180 16.90 -3.22 32.69
N THR D 181 15.81 -3.39 33.44
CA THR D 181 15.81 -4.22 34.63
C THR D 181 15.19 -5.56 34.28
N PHE D 182 15.32 -6.53 35.19
CA PHE D 182 14.74 -7.85 34.97
C PHE D 182 13.24 -7.74 34.69
N VAL D 183 12.51 -7.02 35.55
CA VAL D 183 11.07 -6.86 35.38
C VAL D 183 10.77 -6.19 34.04
N GLU D 184 11.51 -5.14 33.71
CA GLU D 184 11.25 -4.40 32.48
C GLU D 184 11.54 -5.27 31.26
N CYS D 185 12.70 -5.91 31.22
CA CYS D 185 13.02 -6.76 30.09
C CYS D 185 11.98 -7.84 29.92
N VAL D 186 11.51 -8.41 31.03
CA VAL D 186 10.51 -9.47 30.95
C VAL D 186 9.20 -8.93 30.36
N SER D 187 8.75 -7.77 30.81
CA SER D 187 7.50 -7.23 30.29
C SER D 187 7.60 -6.89 28.81
N LEU D 188 8.71 -6.27 28.41
CA LEU D 188 8.90 -5.98 26.99
C LEU D 188 8.93 -7.26 26.17
N ALA D 189 9.52 -8.32 26.73
CA ALA D 189 9.56 -9.61 26.04
C ALA D 189 8.16 -10.16 25.84
N VAL D 190 7.32 -10.13 26.89
CA VAL D 190 5.98 -10.68 26.73
C VAL D 190 5.21 -9.87 25.72
N GLY D 191 5.43 -8.56 25.67
CA GLY D 191 4.75 -7.75 24.66
C GLY D 191 5.15 -8.16 23.25
N CYS D 192 6.46 -8.26 23.01
CA CYS D 192 6.95 -8.65 21.69
C CYS D 192 6.36 -9.98 21.27
N ASN D 193 6.39 -10.97 22.16
CA ASN D 193 5.94 -12.29 21.74
C ASN D 193 4.43 -12.35 21.56
N ILE D 194 3.67 -11.53 22.28
CA ILE D 194 2.24 -11.50 21.98
C ILE D 194 2.02 -10.96 20.58
N PHE D 195 2.76 -9.93 20.21
CA PHE D 195 2.61 -9.38 18.86
C PHE D 195 3.00 -10.43 17.83
N VAL D 196 4.07 -11.17 18.10
CA VAL D 196 4.55 -12.21 17.20
C VAL D 196 3.55 -13.35 17.04
N CYS D 197 2.93 -13.76 18.14
CA CYS D 197 1.95 -14.82 18.11
C CYS D 197 0.74 -14.39 17.29
N LEU D 198 0.32 -13.14 17.49
CA LEU D 198 -0.80 -12.60 16.74
C LEU D 198 -0.49 -12.55 15.25
N ALA D 199 0.74 -12.17 14.89
CA ALA D 199 1.13 -12.19 13.48
C ALA D 199 1.11 -13.60 12.92
N VAL D 200 1.49 -14.58 13.73
CA VAL D 200 1.45 -15.98 13.28
C VAL D 200 0.01 -16.42 13.06
N TYR D 201 -0.88 -16.04 13.97
CA TYR D 201 -2.29 -16.38 13.85
C TYR D 201 -2.92 -15.77 12.61
N PHE D 202 -2.47 -14.58 12.23
CA PHE D 202 -2.97 -13.94 11.01
C PHE D 202 -2.95 -14.92 9.84
N VAL D 203 -1.81 -15.56 9.61
CA VAL D 203 -1.57 -16.29 8.37
C VAL D 203 -2.58 -17.42 8.19
N LEU D 204 -2.88 -18.14 9.27
CA LEU D 204 -3.75 -19.29 9.17
C LEU D 204 -5.19 -18.91 8.81
N THR D 205 -5.57 -17.65 8.99
CA THR D 205 -6.95 -17.24 8.72
C THR D 205 -7.10 -16.27 7.55
N LEU D 206 -6.02 -15.67 7.06
CA LEU D 206 -6.17 -14.79 5.90
C LEU D 206 -6.25 -15.58 4.61
N LYS D 207 -5.27 -16.45 4.36
CA LYS D 207 -5.22 -17.26 3.13
C LYS D 207 -5.21 -16.39 1.88
N ASP D 208 -4.68 -15.17 2.00
CA ASP D 208 -4.64 -14.20 0.93
C ASP D 208 -3.23 -13.64 0.86
N GLY D 209 -2.70 -13.50 -0.34
CA GLY D 209 -1.35 -12.98 -0.50
C GLY D 209 -1.16 -11.62 0.14
N ALA D 210 -1.99 -10.66 -0.26
CA ALA D 210 -1.93 -9.34 0.36
C ALA D 210 -2.26 -9.44 1.84
N GLY D 211 -3.23 -10.28 2.19
CA GLY D 211 -3.51 -10.54 3.59
C GLY D 211 -2.24 -10.90 4.33
N TYR D 212 -1.58 -11.97 3.86
CA TYR D 212 -0.32 -12.40 4.44
C TYR D 212 0.62 -11.22 4.63
N VAL D 213 1.02 -10.62 3.51
CA VAL D 213 2.12 -9.66 3.53
C VAL D 213 1.77 -8.48 4.43
N PHE D 214 0.64 -7.84 4.18
CA PHE D 214 0.33 -6.59 4.86
C PHE D 214 -0.01 -6.80 6.32
N SER D 215 -0.74 -7.88 6.65
CA SER D 215 -1.06 -8.13 8.04
C SER D 215 0.20 -8.37 8.86
N VAL D 216 1.07 -9.27 8.39
CA VAL D 216 2.25 -9.52 9.19
C VAL D 216 3.17 -8.31 9.17
N PHE D 217 3.14 -7.51 8.11
CA PHE D 217 3.95 -6.29 8.09
C PHE D 217 3.51 -5.35 9.19
N PHE D 218 2.21 -5.07 9.26
CA PHE D 218 1.71 -4.18 10.30
C PHE D 218 2.08 -4.70 11.68
N ALA D 219 1.89 -6.00 11.92
CA ALA D 219 2.19 -6.54 13.23
C ALA D 219 3.67 -6.39 13.59
N VAL D 220 4.56 -6.83 12.71
CA VAL D 220 5.98 -6.80 13.05
C VAL D 220 6.50 -5.36 13.09
N TYR D 221 5.93 -4.47 12.28
CA TYR D 221 6.34 -3.07 12.36
C TYR D 221 5.95 -2.48 13.71
N ALA D 222 4.75 -2.80 14.19
CA ALA D 222 4.34 -2.35 15.52
C ALA D 222 5.30 -2.86 16.58
N PHE D 223 5.60 -4.16 16.54
CA PHE D 223 6.54 -4.72 17.51
C PHE D 223 7.89 -4.02 17.45
N ALA D 224 8.42 -3.80 16.24
CA ALA D 224 9.76 -3.24 16.11
C ALA D 224 9.81 -1.80 16.60
N ILE D 225 8.92 -0.95 16.11
CA ILE D 225 8.90 0.43 16.57
C ILE D 225 8.48 0.56 18.01
N ALA D 226 7.88 -0.48 18.59
CA ALA D 226 7.35 -0.39 19.94
C ALA D 226 8.42 -0.41 21.02
N GLY D 227 9.60 -0.94 20.72
CA GLY D 227 10.61 -1.08 21.74
C GLY D 227 10.59 -2.42 22.45
N TYR D 228 9.68 -3.32 22.10
CA TYR D 228 9.64 -4.63 22.72
C TYR D 228 10.89 -5.42 22.36
N GLU D 229 11.07 -6.56 23.02
CA GLU D 229 12.30 -7.34 22.91
C GLU D 229 11.99 -8.73 22.38
N HIS D 230 12.63 -9.09 21.27
CA HIS D 230 12.51 -10.38 20.62
C HIS D 230 13.80 -11.17 20.86
N ILE D 231 13.67 -12.44 21.22
CA ILE D 231 14.84 -13.18 21.64
C ILE D 231 15.79 -13.43 20.48
N ILE D 232 15.26 -13.83 19.33
CA ILE D 232 16.14 -14.15 18.20
C ILE D 232 16.81 -12.89 17.67
N ALA D 233 16.03 -11.84 17.48
CA ALA D 233 16.59 -10.56 17.05
C ALA D 233 17.64 -10.08 18.03
N ASN D 234 17.35 -10.20 19.32
CA ASN D 234 18.29 -9.78 20.35
C ASN D 234 19.56 -10.60 20.31
N ILE D 235 19.42 -11.89 20.06
CA ILE D 235 20.56 -12.80 19.91
C ILE D 235 21.48 -12.27 18.82
N TYR D 236 20.92 -12.04 17.64
CA TYR D 236 21.70 -11.53 16.52
C TYR D 236 22.38 -10.21 16.86
N THR D 237 21.58 -9.22 17.27
CA THR D 237 22.11 -7.88 17.41
C THR D 237 23.15 -7.81 18.52
N LEU D 238 22.93 -8.52 19.62
CA LEU D 238 23.89 -8.42 20.72
C LEU D 238 25.16 -9.19 20.40
N ASN D 239 25.04 -10.32 19.69
CA ASN D 239 26.25 -11.01 19.27
C ASN D 239 27.08 -10.15 18.34
N ILE D 240 26.44 -9.48 17.38
CA ILE D 240 27.22 -8.68 16.44
C ILE D 240 27.76 -7.43 17.13
N ALA D 241 26.99 -6.82 18.03
CA ALA D 241 27.50 -5.70 18.80
C ALA D 241 28.74 -6.11 19.57
N LEU D 242 28.76 -7.35 20.05
CA LEU D 242 29.97 -7.84 20.71
C LEU D 242 31.10 -8.02 19.71
N MET D 243 30.78 -8.46 18.50
CA MET D 243 31.83 -8.77 17.52
C MET D 243 32.51 -7.51 17.01
N VAL D 244 31.79 -6.39 16.94
CA VAL D 244 32.33 -5.15 16.40
C VAL D 244 32.83 -4.27 17.53
N ASN D 245 32.88 -4.83 18.74
CA ASN D 245 33.47 -4.19 19.90
C ASN D 245 32.79 -2.85 20.22
N THR D 246 31.52 -2.97 20.61
CA THR D 246 30.80 -1.88 21.25
C THR D 246 31.11 -1.91 22.75
N LYS D 247 30.46 -1.06 23.54
CA LYS D 247 30.74 -1.00 24.97
C LYS D 247 29.68 -1.75 25.78
N ILE D 248 29.60 -3.06 25.53
CA ILE D 248 28.86 -4.00 26.37
C ILE D 248 29.73 -5.24 26.52
N THR D 249 29.31 -6.13 27.41
CA THR D 249 30.11 -7.34 27.63
C THR D 249 29.29 -8.59 27.43
N VAL D 250 29.87 -9.73 27.80
CA VAL D 250 29.15 -11.00 27.67
C VAL D 250 28.08 -11.11 28.74
N TYR D 251 28.38 -10.66 29.96
CA TYR D 251 27.40 -10.71 31.04
C TYR D 251 26.13 -9.98 30.66
N GLN D 252 26.24 -8.72 30.28
CA GLN D 252 25.09 -7.93 29.89
C GLN D 252 24.36 -8.46 28.67
N ALA D 253 24.82 -9.55 28.07
CA ALA D 253 24.21 -10.10 26.87
C ALA D 253 23.35 -11.31 27.15
N TYR D 254 23.93 -12.37 27.72
CA TYR D 254 23.21 -13.61 27.93
C TYR D 254 22.65 -13.73 29.34
N ILE D 255 22.75 -12.68 30.14
CA ILE D 255 22.25 -12.70 31.50
C ILE D 255 21.33 -11.51 31.72
N LYS D 256 21.84 -10.30 31.49
CA LYS D 256 21.09 -9.10 31.79
C LYS D 256 20.02 -8.79 30.76
N ASN D 257 20.11 -9.37 29.57
CA ASN D 257 19.08 -9.12 28.57
C ASN D 257 18.47 -10.38 28.02
N LEU D 258 19.33 -11.30 27.61
CA LEU D 258 18.90 -12.54 27.01
C LEU D 258 18.09 -13.47 27.89
N LEU D 259 18.49 -13.64 29.15
CA LEU D 259 17.75 -14.55 30.01
C LEU D 259 16.33 -14.09 30.18
N PRO D 260 16.15 -12.81 30.45
CA PRO D 260 14.81 -12.26 30.58
C PRO D 260 14.04 -12.34 29.27
N THR D 261 14.71 -12.09 28.16
CA THR D 261 13.98 -12.07 26.89
C THR D 261 13.30 -13.40 26.57
N LEU D 262 13.96 -14.51 26.84
CA LEU D 262 13.37 -15.83 26.60
C LEU D 262 12.29 -16.14 27.62
N LEU D 263 12.50 -15.79 28.88
CA LEU D 263 11.51 -16.08 29.90
C LEU D 263 10.18 -15.40 29.57
N GLY D 264 10.23 -14.09 29.34
CA GLY D 264 9.00 -13.36 29.03
C GLY D 264 8.37 -13.79 27.72
N ASN D 265 9.18 -14.09 26.71
CA ASN D 265 8.63 -14.56 25.44
C ASN D 265 7.85 -15.85 25.63
N TYR D 266 8.43 -16.81 26.34
CA TYR D 266 7.71 -18.07 26.55
C TYR D 266 6.47 -17.86 27.38
N ILE D 267 6.54 -16.99 28.40
CA ILE D 267 5.35 -16.67 29.18
C ILE D 267 4.24 -16.14 28.30
N ALA D 268 4.58 -15.21 27.40
CA ALA D 268 3.58 -14.62 26.52
C ALA D 268 2.97 -15.67 25.60
N GLY D 269 3.80 -16.55 25.04
CA GLY D 269 3.28 -17.53 24.11
C GLY D 269 2.41 -18.57 24.80
N ALA D 270 2.93 -19.21 25.84
CA ALA D 270 2.27 -20.36 26.43
C ALA D 270 1.19 -19.99 27.44
N ILE D 271 1.34 -18.87 28.15
CA ILE D 271 0.46 -18.54 29.25
C ILE D 271 -0.50 -17.41 28.90
N VAL D 272 -0.02 -16.37 28.23
CA VAL D 272 -0.87 -15.20 27.99
C VAL D 272 -1.94 -15.53 26.96
N LEU D 273 -1.55 -16.11 25.84
CA LEU D 273 -2.48 -16.47 24.80
C LEU D 273 -2.91 -17.93 24.87
N GLY D 274 -2.22 -18.75 25.65
CA GLY D 274 -2.51 -20.16 25.71
C GLY D 274 -3.81 -20.48 26.40
N LEU D 275 -3.92 -20.17 27.68
CA LEU D 275 -5.07 -20.63 28.44
C LEU D 275 -6.36 -19.92 28.06
N PRO D 276 -6.35 -18.62 27.71
CA PRO D 276 -7.61 -18.02 27.25
C PRO D 276 -8.15 -18.67 25.99
N LEU D 277 -7.30 -18.83 24.98
CA LEU D 277 -7.72 -19.47 23.74
C LEU D 277 -8.14 -20.91 23.98
N TYR D 278 -7.42 -21.63 24.85
CA TYR D 278 -7.79 -23.00 25.13
C TYR D 278 -9.11 -23.08 25.90
N PHE D 279 -9.45 -22.05 26.66
CA PHE D 279 -10.72 -22.07 27.37
C PHE D 279 -11.88 -21.75 26.44
N ILE D 280 -11.71 -20.72 25.59
CA ILE D 280 -12.74 -20.41 24.60
C ILE D 280 -13.02 -21.63 23.74
N TYR D 281 -11.98 -22.18 23.15
CA TYR D 281 -12.06 -23.36 22.30
C TYR D 281 -11.82 -24.58 23.18
N LYS D 282 -11.50 -25.73 22.58
CA LYS D 282 -11.46 -27.08 23.14
C LYS D 282 -12.84 -27.68 23.26
N GLU D 283 -13.90 -26.90 23.12
CA GLU D 283 -15.25 -27.43 23.01
C GLU D 283 -15.85 -27.15 21.66
N HIS D 284 -15.22 -26.29 20.86
CA HIS D 284 -15.47 -26.26 19.44
C HIS D 284 -14.60 -27.28 18.71
N TYR D 285 -13.41 -27.54 19.24
CA TYR D 285 -12.53 -28.54 18.66
C TYR D 285 -13.07 -29.95 18.82
N TYR D 286 -13.92 -30.18 19.83
CA TYR D 286 -14.44 -31.51 20.08
C TYR D 286 -15.17 -32.07 18.87
N ASN D 287 -16.08 -31.28 18.29
CA ASN D 287 -16.83 -31.75 17.14
C ASN D 287 -15.91 -32.09 15.98
N PHE D 288 -14.89 -31.25 15.73
CA PHE D 288 -13.95 -31.54 14.66
C PHE D 288 -13.19 -32.83 14.94
N GLU D 289 -12.96 -33.14 16.22
CA GLU D 289 -12.39 -34.44 16.53
C GLU D 289 -13.37 -35.56 16.21
N ARG D 290 -14.65 -35.34 16.46
CA ARG D 290 -15.64 -36.39 16.22
C ARG D 290 -15.79 -36.73 14.74
N SER D 291 -15.43 -35.82 13.85
CA SER D 291 -15.59 -36.07 12.43
C SER D 291 -14.71 -37.24 11.98
N LYS D 292 -15.11 -37.86 10.87
CA LYS D 292 -14.40 -39.02 10.34
C LYS D 292 -13.35 -38.59 9.32
N VAL E 9 -16.80 -29.39 7.36
CA VAL E 9 -15.36 -29.53 7.14
C VAL E 9 -14.82 -28.30 6.41
N LEU E 10 -13.51 -28.13 6.45
CA LEU E 10 -12.85 -27.04 5.73
C LEU E 10 -11.88 -27.63 4.72
N ASP E 11 -11.90 -27.09 3.50
CA ASP E 11 -10.94 -27.43 2.47
C ASP E 11 -10.95 -26.34 1.40
N PRO E 12 -10.31 -25.21 1.64
CA PRO E 12 -10.32 -24.13 0.65
C PRO E 12 -9.59 -24.55 -0.61
N VAL E 13 -10.11 -24.10 -1.74
CA VAL E 13 -9.58 -24.48 -3.05
C VAL E 13 -8.49 -23.49 -3.44
N SER E 14 -7.37 -24.01 -3.92
CA SER E 14 -6.27 -23.16 -4.35
C SER E 14 -6.58 -22.53 -5.70
N ILE E 15 -6.21 -21.26 -5.85
CA ILE E 15 -6.43 -20.53 -7.09
C ILE E 15 -5.10 -20.01 -7.61
N LYS E 16 -5.15 -19.25 -8.71
CA LYS E 16 -3.98 -18.61 -9.26
C LYS E 16 -4.40 -17.30 -9.88
N SER E 17 -3.84 -16.19 -9.39
CA SER E 17 -4.28 -14.87 -9.83
C SER E 17 -3.63 -14.41 -11.13
N VAL E 18 -2.65 -15.14 -11.64
CA VAL E 18 -1.90 -14.75 -12.83
C VAL E 18 -1.59 -15.99 -13.65
N CYS E 19 -2.02 -15.99 -14.92
CA CYS E 19 -1.73 -17.07 -15.86
C CYS E 19 -0.55 -16.70 -16.75
N GLY E 20 0.45 -16.02 -16.18
CA GLY E 20 1.49 -15.41 -16.96
C GLY E 20 2.44 -16.40 -17.61
N GLY E 21 3.47 -15.85 -18.23
CA GLY E 21 4.48 -16.63 -18.92
C GLY E 21 4.37 -16.55 -20.42
N GLU E 22 4.09 -17.69 -21.05
CA GLU E 22 3.91 -17.80 -22.49
C GLU E 22 2.50 -17.49 -22.94
N GLU E 23 1.73 -16.73 -22.16
CA GLU E 23 0.32 -16.51 -22.45
C GLU E 23 -0.05 -15.03 -22.58
N SER E 24 0.61 -14.16 -21.82
CA SER E 24 0.34 -12.74 -21.96
C SER E 24 0.61 -12.27 -23.38
N TYR E 25 1.53 -12.93 -24.09
CA TYR E 25 1.76 -12.62 -25.49
C TYR E 25 0.52 -12.92 -26.31
N ILE E 26 -0.09 -14.08 -26.08
CA ILE E 26 -1.31 -14.44 -26.79
C ILE E 26 -2.38 -13.40 -26.53
N ARG E 27 -2.54 -13.00 -25.27
CA ARG E 27 -3.58 -12.04 -24.95
C ARG E 27 -3.29 -10.67 -25.56
N CYS E 28 -2.02 -10.27 -25.61
CA CYS E 28 -1.67 -8.97 -26.17
C CYS E 28 -1.91 -8.94 -27.67
N VAL E 29 -1.50 -9.99 -28.37
CA VAL E 29 -1.73 -10.05 -29.81
C VAL E 29 -3.22 -10.09 -30.11
N GLU E 30 -3.98 -10.83 -29.30
CA GLU E 30 -5.42 -10.87 -29.50
C GLU E 30 -6.06 -9.51 -29.27
N TYR E 31 -5.61 -8.80 -28.25
CA TYR E 31 -6.13 -7.46 -27.95
C TYR E 31 -5.86 -6.51 -29.10
N GLY E 32 -4.60 -6.43 -29.54
CA GLY E 32 -4.27 -5.59 -30.67
C GLY E 32 -5.00 -5.98 -31.94
N LYS E 33 -5.28 -7.27 -32.12
CA LYS E 33 -6.03 -7.70 -33.29
C LYS E 33 -7.46 -7.20 -33.25
N LYS E 34 -8.13 -7.40 -32.11
CA LYS E 34 -9.55 -7.05 -32.04
C LYS E 34 -9.75 -5.55 -32.04
N LYS E 35 -8.76 -4.79 -31.57
CA LYS E 35 -8.94 -3.34 -31.50
C LYS E 35 -9.21 -2.73 -32.87
N ALA E 36 -8.72 -3.34 -33.94
CA ALA E 36 -8.74 -2.73 -35.27
C ALA E 36 -10.00 -3.05 -36.06
N HIS E 37 -11.10 -3.35 -35.38
CA HIS E 37 -12.36 -3.63 -36.04
C HIS E 37 -13.47 -2.66 -35.67
N TYR E 38 -13.25 -1.75 -34.73
CA TYR E 38 -14.35 -1.07 -34.06
C TYR E 38 -15.19 -0.24 -35.01
N SER E 39 -14.65 0.87 -35.49
CA SER E 39 -15.28 1.74 -36.47
C SER E 39 -14.33 2.90 -36.66
N ASN E 40 -14.65 3.76 -37.62
CA ASN E 40 -13.81 4.92 -37.84
C ASN E 40 -14.03 5.98 -36.76
N LEU E 41 -15.29 6.35 -36.53
CA LEU E 41 -15.62 7.40 -35.58
C LEU E 41 -15.87 6.86 -34.18
N ASN E 42 -15.50 5.62 -33.93
CA ASN E 42 -15.57 5.01 -32.61
C ASN E 42 -14.21 5.00 -31.93
N LEU E 43 -13.18 4.54 -32.65
CA LEU E 43 -11.82 4.76 -32.20
C LEU E 43 -11.57 6.22 -31.91
N LEU E 44 -12.21 7.11 -32.68
CA LEU E 44 -12.05 8.54 -32.44
C LEU E 44 -12.54 8.91 -31.05
N ALA E 45 -13.77 8.51 -30.70
CA ALA E 45 -14.31 8.85 -29.39
C ALA E 45 -13.46 8.24 -28.29
N LYS E 46 -13.01 7.00 -28.47
CA LYS E 46 -12.18 6.38 -27.44
C LYS E 46 -10.87 7.14 -27.25
N ALA E 47 -10.25 7.54 -28.35
CA ALA E 47 -8.97 8.24 -28.25
C ALA E 47 -9.16 9.61 -27.61
N ILE E 48 -10.25 10.29 -27.93
CA ILE E 48 -10.50 11.60 -27.34
C ILE E 48 -10.71 11.47 -25.85
N LEU E 49 -11.44 10.44 -25.41
CA LEU E 49 -11.58 10.20 -23.99
C LEU E 49 -10.23 9.94 -23.33
N ALA E 50 -9.39 9.12 -23.95
CA ALA E 50 -8.08 8.83 -23.38
C ALA E 50 -7.25 10.10 -23.24
N GLY E 51 -7.29 10.97 -24.25
CA GLY E 51 -6.58 12.22 -24.14
C GLY E 51 -7.11 13.10 -23.03
N MET E 52 -8.44 13.13 -22.87
CA MET E 52 -9.02 13.91 -21.79
C MET E 52 -8.54 13.40 -20.43
N PHE E 53 -8.45 12.08 -20.28
CA PHE E 53 -7.99 11.53 -19.01
C PHE E 53 -6.52 11.86 -18.76
N VAL E 54 -5.68 11.76 -19.79
CA VAL E 54 -4.28 12.12 -19.62
C VAL E 54 -4.15 13.57 -19.21
N GLY E 55 -4.95 14.45 -19.81
CA GLY E 55 -4.89 15.85 -19.43
C GLY E 55 -5.34 16.10 -18.01
N LEU E 56 -6.43 15.44 -17.60
CA LEU E 56 -6.92 15.59 -16.24
C LEU E 56 -5.87 15.18 -15.22
N CYS E 57 -5.26 14.01 -15.42
CA CYS E 57 -4.30 13.53 -14.45
C CYS E 57 -3.01 14.34 -14.48
N ALA E 58 -2.61 14.84 -15.66
CA ALA E 58 -1.43 15.69 -15.71
C ALA E 58 -1.67 17.04 -15.04
N HIS E 59 -2.89 17.56 -15.15
CA HIS E 59 -3.23 18.81 -14.46
C HIS E 59 -3.18 18.63 -12.95
N ALA E 60 -3.77 17.54 -12.46
CA ALA E 60 -3.72 17.27 -11.03
C ALA E 60 -2.28 17.11 -10.56
N SER E 61 -1.46 16.37 -11.33
CA SER E 61 -0.07 16.19 -10.95
C SER E 61 0.69 17.50 -10.93
N GLY E 62 0.46 18.35 -11.93
CA GLY E 62 1.14 19.63 -11.94
C GLY E 62 0.75 20.50 -10.77
N ILE E 63 -0.53 20.50 -10.41
CA ILE E 63 -0.96 21.29 -9.27
C ILE E 63 -0.29 20.78 -7.99
N ALA E 64 -0.24 19.45 -7.82
CA ALA E 64 0.38 18.90 -6.63
C ALA E 64 1.87 19.25 -6.55
N GLY E 65 2.58 19.07 -7.67
CA GLY E 65 3.99 19.42 -7.68
C GLY E 65 4.23 20.88 -7.39
N GLY E 66 3.51 21.77 -8.08
CA GLY E 66 3.66 23.18 -7.82
C GLY E 66 3.33 23.55 -6.40
N LEU E 67 2.41 22.82 -5.78
CA LEU E 67 2.16 23.01 -4.35
C LEU E 67 3.42 22.70 -3.55
N PHE E 68 4.01 21.54 -3.77
CA PHE E 68 5.22 21.19 -3.04
C PHE E 68 6.45 21.93 -3.56
N TYR E 69 6.28 22.87 -4.48
CA TYR E 69 7.37 23.63 -5.07
C TYR E 69 7.47 25.04 -4.49
N TYR E 70 7.16 25.18 -3.21
CA TYR E 70 7.14 26.48 -2.55
C TYR E 70 8.52 27.15 -2.63
N HIS E 71 8.56 28.43 -2.27
CA HIS E 71 9.77 29.24 -2.33
C HIS E 71 10.86 28.72 -1.40
N LYS E 72 10.62 28.81 -0.09
CA LYS E 72 11.62 28.34 0.87
C LYS E 72 11.81 26.84 0.81
N LEU E 73 10.75 26.10 0.45
CA LEU E 73 10.90 24.68 0.24
C LEU E 73 11.86 24.40 -0.91
N ARG E 74 11.87 25.25 -1.93
CA ARG E 74 12.89 25.17 -2.96
C ARG E 74 14.26 25.43 -2.36
N GLU E 75 14.41 26.55 -1.65
CA GLU E 75 15.74 26.94 -1.17
C GLU E 75 16.36 25.89 -0.26
N ILE E 76 15.54 25.15 0.48
CA ILE E 76 16.08 24.10 1.36
C ILE E 76 16.34 22.83 0.57
N VAL E 77 15.24 22.26 0.08
CA VAL E 77 15.17 21.03 -0.70
C VAL E 77 15.74 20.93 -2.11
N GLY E 78 15.62 21.98 -2.92
CA GLY E 78 16.11 21.90 -4.28
C GLY E 78 15.28 21.25 -5.40
N ALA E 79 13.96 21.40 -5.33
CA ALA E 79 13.00 20.88 -6.32
C ALA E 79 12.97 19.37 -6.54
N SER E 80 13.11 18.67 -5.44
CA SER E 80 13.09 17.21 -5.36
C SER E 80 11.76 16.66 -4.88
N MET E 81 11.06 17.38 -4.00
CA MET E 81 9.80 16.89 -3.48
C MET E 81 8.68 17.03 -4.51
N SER E 82 8.70 18.11 -5.29
CA SER E 82 7.65 18.32 -6.27
C SER E 82 7.67 17.25 -7.35
N VAL E 83 8.85 16.82 -7.77
CA VAL E 83 8.94 15.75 -8.76
C VAL E 83 8.35 14.45 -8.19
N PHE E 84 8.66 14.16 -6.94
CA PHE E 84 8.12 12.96 -6.30
C PHE E 84 6.61 13.02 -6.23
N VAL E 85 6.06 14.17 -5.84
CA VAL E 85 4.61 14.26 -5.72
C VAL E 85 3.95 14.15 -7.09
N TYR E 86 4.53 14.80 -8.11
CA TYR E 86 4.03 14.66 -9.46
C TYR E 86 3.97 13.20 -9.88
N GLY E 87 5.07 12.48 -9.67
CA GLY E 87 5.12 11.08 -10.03
C GLY E 87 4.17 10.22 -9.22
N PHE E 88 3.87 10.63 -8.00
CA PHE E 88 2.95 9.84 -7.19
C PHE E 88 1.51 10.05 -7.63
N THR E 89 1.13 11.28 -7.98
CA THR E 89 -0.27 11.54 -8.31
C THR E 89 -0.56 11.50 -9.80
N PHE E 90 0.41 11.12 -10.62
CA PHE E 90 0.10 10.87 -12.03
C PHE E 90 -0.56 9.53 -12.34
N PRO E 91 -0.11 8.41 -11.75
CA PRO E 91 -0.46 7.08 -12.32
C PRO E 91 -1.94 6.75 -12.47
N ILE E 92 -2.87 7.55 -11.95
CA ILE E 92 -4.28 7.13 -12.03
C ILE E 92 -4.78 7.08 -13.46
N ALA E 93 -4.12 7.79 -14.38
CA ALA E 93 -4.60 7.87 -15.76
C ALA E 93 -4.70 6.51 -16.41
N PHE E 94 -3.79 5.60 -16.07
CA PHE E 94 -3.85 4.26 -16.64
C PHE E 94 -5.14 3.57 -16.26
N MET E 95 -5.52 3.63 -14.99
CA MET E 95 -6.77 3.00 -14.57
C MET E 95 -7.96 3.69 -15.22
N CYS E 96 -7.92 5.02 -15.35
CA CYS E 96 -8.99 5.71 -16.07
C CYS E 96 -9.18 5.11 -17.46
N ILE E 97 -8.11 5.10 -18.24
CA ILE E 97 -8.19 4.66 -19.63
C ILE E 97 -8.58 3.19 -19.71
N ILE E 98 -8.04 2.36 -18.81
CA ILE E 98 -8.29 0.93 -18.87
C ILE E 98 -9.76 0.64 -18.58
N CYS E 99 -10.28 1.18 -17.48
CA CYS E 99 -11.66 0.88 -17.14
C CYS E 99 -12.65 1.50 -18.12
N THR E 100 -12.34 2.65 -18.71
CA THR E 100 -13.31 3.22 -19.64
C THR E 100 -13.20 2.66 -21.05
N GLY E 101 -12.29 1.71 -21.28
CA GLY E 101 -12.17 1.10 -22.59
C GLY E 101 -11.51 1.95 -23.65
N SER E 102 -11.06 3.14 -23.26
CA SER E 102 -10.39 4.06 -24.16
C SER E 102 -8.96 3.63 -24.37
N ASP E 103 -8.36 4.02 -25.49
CA ASP E 103 -6.98 3.66 -25.73
C ASP E 103 -6.08 4.82 -26.15
N LEU E 104 -4.98 4.98 -25.43
CA LEU E 104 -3.96 5.96 -25.74
C LEU E 104 -3.11 5.45 -26.89
N PHE E 105 -2.18 6.28 -27.36
CA PHE E 105 -1.38 5.93 -28.52
C PHE E 105 -0.22 5.01 -28.16
N THR E 106 0.50 5.36 -27.10
CA THR E 106 1.68 4.60 -26.73
C THR E 106 1.37 3.13 -26.47
N GLY E 107 0.19 2.86 -25.93
CA GLY E 107 -0.22 1.50 -25.66
C GLY E 107 -0.35 0.68 -26.93
N ASN E 108 -0.84 1.31 -27.98
CA ASN E 108 -1.06 0.66 -29.27
C ASN E 108 0.18 0.13 -29.95
N THR E 109 1.27 0.86 -29.87
CA THR E 109 2.48 0.47 -30.59
C THR E 109 2.97 -0.88 -30.14
N LEU E 110 2.95 -1.12 -28.83
CA LEU E 110 3.31 -2.42 -28.32
C LEU E 110 2.27 -3.48 -28.64
N ALA E 111 1.02 -3.07 -28.85
CA ALA E 111 -0.04 -4.06 -29.05
C ALA E 111 -0.37 -4.26 -30.52
N VAL E 112 -0.69 -3.18 -31.23
CA VAL E 112 -1.21 -3.33 -32.58
C VAL E 112 -0.10 -3.64 -33.56
N THR E 113 1.13 -3.16 -33.33
CA THR E 113 2.20 -3.60 -34.22
C THR E 113 2.54 -5.06 -33.98
N MET E 114 2.38 -5.54 -32.74
CA MET E 114 2.55 -6.97 -32.51
C MET E 114 1.46 -7.76 -33.22
N ALA E 115 0.24 -7.24 -33.20
CA ALA E 115 -0.86 -7.89 -33.91
C ALA E 115 -0.56 -7.98 -35.39
N LEU E 116 -0.11 -6.87 -35.99
CA LEU E 116 0.22 -6.87 -37.40
C LEU E 116 1.38 -7.81 -37.70
N TYR E 117 2.35 -7.91 -36.79
CA TYR E 117 3.51 -8.78 -36.99
C TYR E 117 3.09 -10.20 -37.36
N GLU E 118 2.08 -10.73 -36.67
CA GLU E 118 1.55 -12.05 -36.93
C GLU E 118 0.66 -12.09 -38.16
N LYS E 119 0.51 -10.97 -38.85
CA LYS E 119 -0.35 -10.85 -40.04
C LYS E 119 -1.80 -11.10 -39.67
N LYS E 120 -2.31 -10.26 -38.77
CA LYS E 120 -3.72 -10.24 -38.37
C LYS E 120 -4.47 -9.06 -38.97
N VAL E 121 -3.94 -7.88 -38.80
CA VAL E 121 -4.50 -6.67 -39.40
C VAL E 121 -3.80 -6.41 -40.72
N LYS E 122 -4.51 -5.82 -41.67
CA LYS E 122 -3.88 -5.47 -42.93
C LYS E 122 -2.86 -4.35 -42.69
N LEU E 123 -2.15 -3.95 -43.73
CA LEU E 123 -1.23 -2.82 -43.58
C LEU E 123 -2.01 -1.51 -43.52
N LEU E 124 -2.84 -1.24 -44.53
CA LEU E 124 -3.60 0.00 -44.56
C LEU E 124 -4.33 0.23 -43.25
N ASP E 125 -5.07 -0.78 -42.80
CA ASP E 125 -5.83 -0.65 -41.56
C ASP E 125 -4.92 -0.33 -40.38
N TYR E 126 -3.70 -0.86 -40.38
CA TYR E 126 -2.77 -0.56 -39.30
C TYR E 126 -2.42 0.91 -39.28
N LEU E 127 -2.03 1.45 -40.44
CA LEU E 127 -1.68 2.86 -40.51
C LEU E 127 -2.85 3.74 -40.12
N ARG E 128 -4.07 3.35 -40.53
CA ARG E 128 -5.21 4.20 -40.25
C ARG E 128 -5.57 4.19 -38.76
N VAL E 129 -5.47 3.03 -38.11
CA VAL E 129 -5.70 2.97 -36.67
C VAL E 129 -4.68 3.83 -35.95
N MET E 130 -3.42 3.75 -36.36
CA MET E 130 -2.40 4.57 -35.73
C MET E 130 -2.73 6.05 -35.84
N THR E 131 -3.02 6.52 -37.06
CA THR E 131 -3.20 7.94 -37.25
C THR E 131 -4.45 8.45 -36.54
N ILE E 132 -5.53 7.66 -36.56
CA ILE E 132 -6.75 8.08 -35.89
C ILE E 132 -6.53 8.16 -34.39
N SER E 133 -5.86 7.17 -33.81
CA SER E 133 -5.58 7.21 -32.37
C SER E 133 -4.77 8.45 -32.01
N LEU E 134 -3.72 8.74 -32.78
CA LEU E 134 -2.87 9.86 -32.42
C LEU E 134 -3.59 11.19 -32.58
N PHE E 135 -4.34 11.36 -33.67
CA PHE E 135 -5.09 12.59 -33.86
C PHE E 135 -6.11 12.80 -32.73
N GLY E 136 -6.83 11.74 -32.38
CA GLY E 136 -7.82 11.87 -31.31
C GLY E 136 -7.18 12.18 -29.97
N ASN E 137 -6.08 11.51 -29.65
CA ASN E 137 -5.40 11.80 -28.41
C ASN E 137 -4.95 13.26 -28.36
N TYR E 138 -4.39 13.76 -29.45
CA TYR E 138 -3.95 15.15 -29.49
C TYR E 138 -5.13 16.10 -29.26
N VAL E 139 -6.22 15.90 -30.00
CA VAL E 139 -7.32 16.85 -29.92
C VAL E 139 -7.93 16.84 -28.54
N GLY E 140 -8.07 15.66 -27.93
CA GLY E 140 -8.62 15.62 -26.58
C GLY E 140 -7.71 16.25 -25.56
N ALA E 141 -6.40 15.97 -25.64
CA ALA E 141 -5.46 16.56 -24.71
C ALA E 141 -5.53 18.08 -24.76
N VAL E 142 -5.42 18.65 -25.96
CA VAL E 142 -5.39 20.11 -26.02
C VAL E 142 -6.76 20.69 -25.70
N SER E 143 -7.83 19.94 -25.94
CA SER E 143 -9.14 20.43 -25.54
C SER E 143 -9.22 20.59 -24.03
N PHE E 144 -8.75 19.58 -23.29
CA PHE E 144 -8.75 19.71 -21.84
C PHE E 144 -7.81 20.80 -21.39
N ALA E 145 -6.63 20.89 -22.00
CA ALA E 145 -5.68 21.92 -21.63
C ALA E 145 -6.20 23.31 -21.88
N PHE E 146 -7.19 23.47 -22.75
CA PHE E 146 -7.76 24.79 -22.95
C PHE E 146 -8.97 25.04 -22.05
N PHE E 147 -9.95 24.13 -22.07
CA PHE E 147 -11.25 24.41 -21.49
C PHE E 147 -11.32 24.20 -19.99
N VAL E 148 -10.42 23.41 -19.41
CA VAL E 148 -10.44 23.17 -17.97
C VAL E 148 -9.18 23.64 -17.27
N SER E 149 -8.05 23.74 -17.96
CA SER E 149 -6.81 24.11 -17.31
C SER E 149 -6.35 25.53 -17.62
N TYR E 150 -6.88 26.17 -18.66
CA TYR E 150 -6.65 27.58 -18.90
C TYR E 150 -7.76 28.44 -18.36
N LEU E 151 -9.01 28.00 -18.50
CA LEU E 151 -10.12 28.74 -17.95
C LEU E 151 -10.20 28.65 -16.43
N SER E 152 -9.38 27.79 -15.83
CA SER E 152 -9.33 27.66 -14.38
C SER E 152 -8.49 28.75 -13.71
N GLY E 153 -7.65 29.44 -14.48
CA GLY E 153 -6.79 30.45 -13.89
C GLY E 153 -5.82 29.91 -12.86
N ALA E 154 -5.46 28.63 -12.96
CA ALA E 154 -4.62 28.01 -11.95
C ALA E 154 -3.16 28.35 -12.16
N PHE E 155 -2.61 28.02 -13.32
CA PHE E 155 -1.21 28.26 -13.61
C PHE E 155 -0.93 29.70 -14.03
N THR E 156 -1.87 30.61 -13.82
CA THR E 156 -1.66 31.99 -14.25
C THR E 156 -0.47 32.61 -13.53
N ASN E 157 0.36 33.33 -14.28
CA ASN E 157 1.46 34.06 -13.68
C ASN E 157 0.93 35.09 -12.70
N VAL E 158 1.65 35.29 -11.61
CA VAL E 158 1.19 36.15 -10.53
C VAL E 158 2.04 37.41 -10.36
N HIS E 159 3.32 37.39 -10.76
CA HIS E 159 4.27 38.48 -10.55
C HIS E 159 4.51 38.70 -9.06
N ALA E 160 4.64 37.61 -8.32
CA ALA E 160 4.91 37.67 -6.89
C ALA E 160 5.70 36.43 -6.49
N VAL E 161 6.58 36.59 -5.52
CA VAL E 161 7.60 35.57 -5.28
C VAL E 161 7.04 34.37 -4.53
N GLU E 162 6.03 34.56 -3.69
CA GLU E 162 5.58 33.49 -2.81
C GLU E 162 4.29 32.83 -3.25
N LYS E 163 3.64 33.33 -4.30
CA LYS E 163 2.46 32.69 -4.85
C LYS E 163 2.70 32.01 -6.19
N ASN E 164 3.86 32.27 -6.82
CA ASN E 164 4.18 31.80 -8.16
C ASN E 164 4.65 30.38 -8.20
N HIS E 165 4.39 29.57 -7.18
CA HIS E 165 4.96 28.23 -7.15
C HIS E 165 4.26 27.26 -8.08
N PHE E 166 3.11 27.61 -8.65
CA PHE E 166 2.54 26.77 -9.70
C PHE E 166 3.10 27.16 -11.06
N PHE E 167 3.06 28.46 -11.36
CA PHE E 167 3.63 28.96 -12.59
C PHE E 167 5.08 28.58 -12.71
N GLN E 168 5.82 28.62 -11.60
CA GLN E 168 7.25 28.32 -11.68
C GLN E 168 7.50 26.85 -11.95
N PHE E 169 6.73 25.96 -11.31
CA PHE E 169 6.89 24.54 -11.63
C PHE E 169 6.64 24.30 -13.11
N LEU E 170 5.53 24.81 -13.62
CA LEU E 170 5.22 24.60 -15.04
C LEU E 170 6.31 25.19 -15.94
N ASN E 171 6.69 26.45 -15.68
CA ASN E 171 7.69 27.13 -16.48
C ASN E 171 9.01 26.38 -16.50
N ASP E 172 9.56 26.08 -15.33
CA ASP E 172 10.88 25.47 -15.30
C ASP E 172 10.86 24.05 -15.85
N ILE E 173 9.79 23.29 -15.62
CA ILE E 173 9.77 21.94 -16.18
C ILE E 173 9.71 21.99 -17.70
N ALA E 174 8.91 22.90 -18.25
CA ALA E 174 8.88 23.02 -19.72
C ALA E 174 10.23 23.48 -20.24
N GLU E 175 10.84 24.45 -19.57
CA GLU E 175 12.10 25.01 -20.06
C GLU E 175 13.24 24.02 -19.93
N LYS E 176 13.12 23.06 -19.02
CA LYS E 176 14.10 21.99 -18.96
C LYS E 176 13.83 20.93 -20.01
N LYS E 177 12.57 20.74 -20.38
CA LYS E 177 12.27 19.86 -21.51
C LYS E 177 12.86 20.40 -22.81
N VAL E 178 12.74 21.71 -23.04
CA VAL E 178 13.04 22.21 -24.39
C VAL E 178 14.52 22.23 -24.69
N HIS E 179 15.39 22.19 -23.69
CA HIS E 179 16.83 22.35 -23.89
C HIS E 179 17.55 21.02 -24.12
N HIS E 180 16.84 20.03 -24.66
CA HIS E 180 17.45 18.76 -24.99
C HIS E 180 18.03 18.82 -26.40
N THR E 181 18.68 17.74 -26.79
CA THR E 181 19.12 17.51 -28.16
C THR E 181 18.23 16.45 -28.79
N PHE E 182 18.40 16.24 -30.09
CA PHE E 182 17.62 15.21 -30.76
C PHE E 182 17.93 13.83 -30.20
N VAL E 183 19.21 13.53 -30.02
CA VAL E 183 19.64 12.23 -29.50
C VAL E 183 19.15 12.04 -28.07
N GLU E 184 19.33 13.07 -27.24
CA GLU E 184 18.87 12.97 -25.86
C GLU E 184 17.36 12.82 -25.78
N CYS E 185 16.64 13.63 -26.55
CA CYS E 185 15.18 13.51 -26.57
C CYS E 185 14.75 12.12 -26.96
N VAL E 186 15.37 11.54 -28.00
CA VAL E 186 14.89 10.24 -28.44
C VAL E 186 15.24 9.16 -27.42
N SER E 187 16.36 9.30 -26.72
CA SER E 187 16.68 8.30 -25.71
C SER E 187 15.70 8.36 -24.54
N LEU E 188 15.40 9.55 -24.06
CA LEU E 188 14.41 9.67 -22.98
C LEU E 188 13.06 9.14 -23.45
N ALA E 189 12.71 9.39 -24.71
CA ALA E 189 11.46 8.90 -25.25
C ALA E 189 11.41 7.37 -25.25
N VAL E 190 12.48 6.74 -25.71
CA VAL E 190 12.45 5.28 -25.79
C VAL E 190 12.35 4.68 -24.40
N GLY E 191 13.04 5.27 -23.42
CA GLY E 191 12.88 4.80 -22.05
C GLY E 191 11.45 4.89 -21.58
N CYS E 192 10.80 6.02 -21.81
CA CYS E 192 9.45 6.13 -21.31
C CYS E 192 8.47 5.12 -21.90
N ASN E 193 8.51 4.93 -23.21
CA ASN E 193 7.60 3.97 -23.81
C ASN E 193 7.88 2.57 -23.32
N ILE E 194 9.16 2.22 -23.19
CA ILE E 194 9.50 0.88 -22.74
C ILE E 194 8.76 0.70 -21.43
N PHE E 195 8.75 1.73 -20.61
CA PHE E 195 8.00 1.69 -19.35
C PHE E 195 6.50 1.52 -19.61
N VAL E 196 5.95 2.32 -20.52
CA VAL E 196 4.51 2.28 -20.75
C VAL E 196 4.09 0.92 -21.31
N CYS E 197 4.87 0.37 -22.22
CA CYS E 197 4.52 -0.90 -22.83
C CYS E 197 4.58 -2.03 -21.81
N LEU E 198 5.60 -2.02 -20.95
CA LEU E 198 5.63 -3.04 -19.91
C LEU E 198 4.48 -2.87 -18.93
N ALA E 199 4.02 -1.65 -18.71
CA ALA E 199 2.83 -1.47 -17.87
C ALA E 199 1.60 -2.08 -18.53
N VAL E 200 1.47 -1.92 -19.85
CA VAL E 200 0.36 -2.53 -20.57
C VAL E 200 0.41 -4.05 -20.43
N TYR E 201 1.60 -4.62 -20.59
CA TYR E 201 1.77 -6.06 -20.40
C TYR E 201 1.33 -6.48 -19.00
N PHE E 202 1.81 -5.77 -17.98
CA PHE E 202 1.35 -5.97 -16.61
C PHE E 202 -0.16 -6.07 -16.55
N VAL E 203 -0.84 -5.06 -17.07
CA VAL E 203 -2.29 -5.02 -16.97
C VAL E 203 -2.91 -6.24 -17.63
N LEU E 204 -2.36 -6.68 -18.75
CA LEU E 204 -2.99 -7.81 -19.43
C LEU E 204 -2.45 -9.16 -18.98
N THR E 205 -1.62 -9.22 -17.94
CA THR E 205 -1.30 -10.51 -17.35
C THR E 205 -1.80 -10.69 -15.93
N LEU E 206 -1.62 -9.70 -15.05
CA LEU E 206 -2.03 -9.82 -13.66
C LEU E 206 -3.43 -9.23 -13.48
N LYS E 207 -4.38 -10.08 -13.10
CA LYS E 207 -5.71 -9.66 -12.67
C LYS E 207 -5.68 -9.29 -11.19
N ASP E 208 -6.84 -9.26 -10.55
CA ASP E 208 -6.95 -9.21 -9.09
C ASP E 208 -6.67 -7.83 -8.54
N GLY E 209 -6.93 -6.79 -9.32
CA GLY E 209 -7.03 -5.46 -8.73
C GLY E 209 -5.72 -4.89 -8.26
N ALA E 210 -5.12 -5.54 -7.26
CA ALA E 210 -3.82 -5.10 -6.78
C ALA E 210 -2.76 -5.17 -7.87
N GLY E 211 -2.81 -6.22 -8.69
CA GLY E 211 -1.99 -6.24 -9.87
C GLY E 211 -2.40 -5.21 -10.89
N TYR E 212 -3.67 -4.79 -10.88
CA TYR E 212 -4.13 -3.77 -11.80
C TYR E 212 -3.74 -2.37 -11.36
N VAL E 213 -3.65 -2.12 -10.07
CA VAL E 213 -3.39 -0.78 -9.55
C VAL E 213 -1.91 -0.60 -9.20
N PHE E 214 -1.36 -1.50 -8.39
CA PHE E 214 -0.04 -1.25 -7.81
C PHE E 214 1.09 -1.42 -8.82
N SER E 215 1.01 -2.46 -9.66
CA SER E 215 2.06 -2.65 -10.66
C SER E 215 2.16 -1.43 -11.57
N VAL E 216 1.02 -0.96 -12.07
CA VAL E 216 1.04 0.17 -12.99
C VAL E 216 1.40 1.45 -12.27
N PHE E 217 0.95 1.60 -11.02
CA PHE E 217 1.36 2.74 -10.22
C PHE E 217 2.87 2.82 -10.15
N PHE E 218 3.51 1.72 -9.77
CA PHE E 218 4.96 1.72 -9.65
C PHE E 218 5.63 2.00 -10.99
N ALA E 219 5.15 1.34 -12.05
CA ALA E 219 5.74 1.53 -13.37
C ALA E 219 5.72 2.99 -13.81
N VAL E 220 4.54 3.59 -13.88
CA VAL E 220 4.50 4.94 -14.43
C VAL E 220 4.92 5.99 -13.40
N TYR E 221 4.95 5.67 -12.10
CA TYR E 221 5.61 6.57 -11.17
C TYR E 221 7.10 6.60 -11.44
N ALA E 222 7.70 5.45 -11.73
CA ALA E 222 9.09 5.45 -12.15
C ALA E 222 9.28 6.25 -13.42
N PHE E 223 8.38 6.07 -14.39
CA PHE E 223 8.43 6.85 -15.62
C PHE E 223 8.37 8.34 -15.34
N ALA E 224 7.59 8.75 -14.34
CA ALA E 224 7.47 10.17 -14.07
C ALA E 224 8.68 10.72 -13.34
N ILE E 225 9.08 10.09 -12.23
CA ILE E 225 10.21 10.60 -11.46
C ILE E 225 11.50 10.50 -12.25
N ALA E 226 11.54 9.65 -13.28
CA ALA E 226 12.80 9.38 -13.97
C ALA E 226 13.15 10.43 -15.01
N GLY E 227 12.21 11.24 -15.44
CA GLY E 227 12.50 12.26 -16.42
C GLY E 227 12.28 11.84 -17.86
N TYR E 228 11.71 10.67 -18.08
CA TYR E 228 11.46 10.18 -19.42
C TYR E 228 10.34 10.99 -20.07
N GLU E 229 10.47 11.19 -21.38
CA GLU E 229 9.56 12.06 -22.13
C GLU E 229 8.42 11.23 -22.70
N HIS E 230 7.18 11.63 -22.38
CA HIS E 230 5.99 10.93 -22.85
C HIS E 230 5.28 11.80 -23.89
N ILE E 231 4.80 11.16 -24.96
CA ILE E 231 4.29 11.92 -26.10
C ILE E 231 3.03 12.68 -25.72
N ILE E 232 2.01 11.97 -25.21
CA ILE E 232 0.75 12.64 -24.90
C ILE E 232 0.91 13.59 -23.73
N ALA E 233 1.65 13.17 -22.71
CA ALA E 233 1.91 14.06 -21.58
C ALA E 233 2.63 15.31 -22.04
N ASN E 234 3.65 15.16 -22.89
CA ASN E 234 4.37 16.33 -23.40
C ASN E 234 3.43 17.22 -24.19
N ILE E 235 2.57 16.62 -25.02
CA ILE E 235 1.57 17.39 -25.75
C ILE E 235 0.84 18.30 -24.78
N TYR E 236 0.25 17.71 -23.74
CA TYR E 236 -0.55 18.48 -22.80
C TYR E 236 0.27 19.58 -22.16
N THR E 237 1.40 19.21 -21.54
CA THR E 237 2.12 20.19 -20.73
C THR E 237 2.66 21.32 -21.58
N LEU E 238 3.20 21.03 -22.75
CA LEU E 238 3.77 22.10 -23.56
C LEU E 238 2.69 22.98 -24.15
N ASN E 239 1.56 22.40 -24.56
CA ASN E 239 0.48 23.24 -25.09
C ASN E 239 -0.06 24.17 -24.02
N ILE E 240 -0.25 23.66 -22.78
CA ILE E 240 -0.78 24.56 -21.76
C ILE E 240 0.27 25.57 -21.31
N ALA E 241 1.54 25.17 -21.27
CA ALA E 241 2.60 26.12 -20.96
C ALA E 241 2.63 27.25 -21.98
N LEU E 242 2.41 26.92 -23.25
CA LEU E 242 2.28 27.96 -24.25
C LEU E 242 1.06 28.84 -23.98
N MET E 243 -0.07 28.23 -23.61
CA MET E 243 -1.27 29.02 -23.33
C MET E 243 -1.05 29.99 -22.19
N VAL E 244 -0.18 29.64 -21.23
CA VAL E 244 0.02 30.45 -20.03
C VAL E 244 1.12 31.50 -20.24
N ASN E 245 1.74 31.52 -21.40
CA ASN E 245 2.79 32.50 -21.75
C ASN E 245 4.00 32.34 -20.83
N THR E 246 4.54 31.13 -20.81
CA THR E 246 5.81 30.88 -20.13
C THR E 246 6.95 31.34 -21.05
N LYS E 247 8.17 30.89 -20.79
CA LYS E 247 9.28 31.21 -21.67
C LYS E 247 9.38 30.30 -22.88
N ILE E 248 8.50 29.33 -23.02
CA ILE E 248 8.54 28.39 -24.13
C ILE E 248 7.91 29.03 -25.36
N THR E 249 8.26 28.50 -26.53
CA THR E 249 7.78 29.00 -27.81
C THR E 249 7.01 27.90 -28.55
N VAL E 250 6.69 28.17 -29.81
CA VAL E 250 5.94 27.20 -30.61
C VAL E 250 6.86 26.20 -31.27
N TYR E 251 8.03 26.63 -31.72
CA TYR E 251 8.95 25.74 -32.43
C TYR E 251 9.83 24.95 -31.47
N GLN E 252 10.05 25.46 -30.26
CA GLN E 252 10.69 24.65 -29.23
C GLN E 252 9.73 23.67 -28.60
N ALA E 253 8.43 23.86 -28.80
CA ALA E 253 7.47 22.92 -28.25
C ALA E 253 7.11 21.85 -29.27
N TYR E 254 6.82 22.25 -30.50
CA TYR E 254 6.35 21.29 -31.49
C TYR E 254 7.48 20.56 -32.18
N ILE E 255 8.44 21.28 -32.75
CA ILE E 255 9.48 20.65 -33.55
C ILE E 255 10.64 20.17 -32.69
N LYS E 256 11.18 21.05 -31.86
CA LYS E 256 12.35 20.68 -31.08
C LYS E 256 12.15 19.56 -30.07
N ASN E 257 11.03 19.53 -29.38
CA ASN E 257 10.82 18.46 -28.41
C ASN E 257 9.76 17.42 -28.75
N LEU E 258 8.62 17.87 -29.27
CA LEU E 258 7.51 16.96 -29.58
C LEU E 258 7.76 15.90 -30.64
N LEU E 259 8.41 16.26 -31.73
CA LEU E 259 8.69 15.30 -32.80
C LEU E 259 9.71 14.25 -32.37
N PRO E 260 10.84 14.60 -31.73
CA PRO E 260 11.75 13.56 -31.25
C PRO E 260 11.13 12.59 -30.26
N THR E 261 10.33 13.07 -29.31
CA THR E 261 9.72 12.14 -28.37
C THR E 261 8.64 11.30 -29.04
N LEU E 262 7.92 11.84 -30.02
CA LEU E 262 6.97 11.03 -30.76
C LEU E 262 7.67 9.89 -31.48
N LEU E 263 8.72 10.20 -32.24
CA LEU E 263 9.41 9.17 -32.99
C LEU E 263 10.08 8.18 -32.05
N GLY E 264 10.61 8.65 -30.92
CA GLY E 264 11.27 7.74 -29.99
C GLY E 264 10.28 6.81 -29.31
N ASN E 265 9.11 7.32 -28.93
CA ASN E 265 8.10 6.47 -28.35
C ASN E 265 7.67 5.40 -29.33
N TYR E 266 7.43 5.78 -30.59
CA TYR E 266 7.08 4.76 -31.58
C TYR E 266 8.19 3.72 -31.73
N ILE E 267 9.45 4.17 -31.73
CA ILE E 267 10.57 3.26 -31.88
C ILE E 267 10.59 2.24 -30.76
N ALA E 268 10.48 2.72 -29.51
CA ALA E 268 10.54 1.81 -28.38
C ALA E 268 9.32 0.90 -28.34
N GLY E 269 8.21 1.33 -28.91
CA GLY E 269 7.04 0.47 -28.94
C GLY E 269 7.11 -0.65 -29.94
N ALA E 270 7.63 -0.38 -31.13
CA ALA E 270 7.52 -1.36 -32.20
C ALA E 270 8.85 -2.02 -32.57
N ILE E 271 9.98 -1.58 -32.04
CA ILE E 271 11.26 -2.14 -32.44
C ILE E 271 12.04 -2.68 -31.26
N VAL E 272 12.26 -1.84 -30.25
CA VAL E 272 13.06 -2.25 -29.10
C VAL E 272 12.45 -3.46 -28.42
N LEU E 273 11.19 -3.35 -28.02
CA LEU E 273 10.43 -4.47 -27.47
C LEU E 273 9.20 -4.66 -28.33
N GLY E 274 8.94 -5.90 -28.71
CA GLY E 274 7.87 -6.17 -29.66
C GLY E 274 8.38 -7.01 -30.81
N LEU E 275 9.61 -6.74 -31.22
CA LEU E 275 10.33 -7.61 -32.14
C LEU E 275 10.94 -8.79 -31.40
N PRO E 276 11.60 -8.60 -30.25
CA PRO E 276 12.10 -9.77 -29.52
C PRO E 276 10.98 -10.64 -28.97
N LEU E 277 9.93 -10.02 -28.42
CA LEU E 277 8.78 -10.79 -27.96
C LEU E 277 8.23 -11.66 -29.09
N TYR E 278 8.08 -11.07 -30.27
CA TYR E 278 7.57 -11.83 -31.41
C TYR E 278 8.51 -12.96 -31.77
N PHE E 279 9.82 -12.69 -31.77
CA PHE E 279 10.79 -13.73 -32.08
C PHE E 279 10.68 -14.89 -31.10
N ILE E 280 10.42 -14.60 -29.84
CA ILE E 280 10.35 -15.64 -28.83
C ILE E 280 9.07 -16.46 -28.99
N TYR E 281 7.94 -15.79 -29.19
CA TYR E 281 6.65 -16.44 -29.06
C TYR E 281 5.96 -16.73 -30.41
N LYS E 282 6.68 -16.61 -31.53
CA LYS E 282 6.20 -17.14 -32.81
C LYS E 282 5.56 -18.51 -32.65
N GLU E 283 6.35 -19.46 -32.16
CA GLU E 283 5.94 -20.85 -32.15
C GLU E 283 4.83 -21.09 -31.15
N HIS E 284 4.86 -20.38 -30.02
CA HIS E 284 3.79 -20.57 -29.05
C HIS E 284 2.47 -20.08 -29.61
N TYR E 285 2.46 -18.93 -30.30
CA TYR E 285 1.20 -18.48 -30.90
C TYR E 285 0.77 -19.39 -32.03
N TYR E 286 1.72 -19.97 -32.77
CA TYR E 286 1.34 -20.94 -33.80
C TYR E 286 0.68 -22.16 -33.17
N ASN E 287 1.32 -22.77 -32.19
CA ASN E 287 0.74 -23.94 -31.55
C ASN E 287 -0.55 -23.63 -30.81
N PHE E 288 -0.73 -22.38 -30.37
CA PHE E 288 -2.02 -21.97 -29.81
C PHE E 288 -3.09 -21.92 -30.88
N GLU E 289 -2.82 -21.24 -31.98
CA GLU E 289 -3.78 -21.19 -33.09
C GLU E 289 -4.05 -22.58 -33.67
N ARG E 290 -3.18 -23.55 -33.39
CA ARG E 290 -3.39 -24.91 -33.87
C ARG E 290 -4.61 -25.59 -33.24
N SER E 291 -5.40 -24.90 -32.42
CA SER E 291 -6.46 -25.55 -31.65
C SER E 291 -7.79 -25.57 -32.40
N LYS E 292 -8.32 -24.39 -32.73
CA LYS E 292 -9.65 -24.29 -33.32
C LYS E 292 -9.74 -24.84 -34.73
N ARG E 293 -8.67 -25.44 -35.28
CA ARG E 293 -8.79 -26.12 -36.57
C ARG E 293 -9.78 -27.28 -36.47
N ASP E 294 -9.60 -28.15 -35.48
CA ASP E 294 -10.49 -29.27 -35.24
C ASP E 294 -11.10 -29.27 -33.85
N ASN E 295 -10.69 -28.35 -32.97
CA ASN E 295 -11.28 -28.31 -31.63
C ASN E 295 -12.77 -27.99 -31.69
N ASN E 296 -13.19 -27.15 -32.63
CA ASN E 296 -14.60 -26.85 -32.80
C ASN E 296 -15.18 -27.60 -34.00
#